data_5ISI
#
_entry.id   5ISI
#
_cell.length_a   74.736
_cell.length_b   98.522
_cell.length_c   207.054
_cell.angle_alpha   90.00
_cell.angle_beta   90.00
_cell.angle_gamma   90.00
#
_symmetry.space_group_name_H-M   'P 21 21 2'
#
loop_
_entity.id
_entity.type
_entity.pdbx_description
1 polymer 'Histone-arginine methyltransferase CARM1'
2 non-polymer "5'-amino-5'-deoxyadenosine"
3 non-polymer 1,2-ETHANEDIOL
4 non-polymer 1,2-DIMETHOXYETHANE
5 water water
#
_entity_poly.entity_id   1
_entity_poly.type   'polypeptide(L)'
_entity_poly.pdbx_seq_one_letter_code
;GHMGHTLERSVFSERTEESSAVQYFQFYGYLSQQQNMMQDYVRTGTYQRAILQNHTDFKDKIVLDVGCGSGILSFFAAQA
GARKIYAVEASTMAQHAEVLVKSNNLTDRIVVIPGKVEEVSLPEQVDIIISEPMGYMLFNERMLESYLHAKKYLKPSGNM
FPTIGDVHLAPFTDEQLYMEQFTKANFWYQPSFHGVDLSALRGAAVDEYFRQPVVDTFDIRILMAKSVKYTVNFLEAKEG
DLHRIEIPFKFHMLHSGLVHGLAFWFDVAFIGSIMTVWLSTAPTEPLTHWYQVRCLFQSPLFAKAGDTLSGTCLLIANKR
QSYDISIVAQVDQTGSKSSNLLDLKNPFFRYTGTTPSPPPG
;
_entity_poly.pdbx_strand_id   A,B,C,D
#
loop_
_chem_comp.id
_chem_comp.type
_chem_comp.name
_chem_comp.formula
5N5 non-polymer 5'-amino-5'-deoxyadenosine 'C10 H14 N6 O3'
DXE non-polymer 1,2-DIMETHOXYETHANE 'C4 H10 O2'
EDO non-polymer 1,2-ETHANEDIOL 'C2 H6 O2'
#
# COMPACT_ATOMS: atom_id res chain seq x y z
N SER A 10 15.34 5.03 -43.72
CA SER A 10 14.02 4.39 -43.68
C SER A 10 12.93 5.40 -43.98
N VAL A 11 11.71 4.91 -44.15
CA VAL A 11 10.59 5.76 -44.53
C VAL A 11 10.23 6.62 -43.31
N PHE A 12 10.52 6.11 -42.12
CA PHE A 12 10.21 6.80 -40.88
C PHE A 12 11.14 7.97 -40.60
N SER A 13 12.43 7.75 -40.80
CA SER A 13 13.43 8.77 -40.48
C SER A 13 13.36 9.96 -41.42
N GLU A 14 12.85 9.76 -42.63
CA GLU A 14 12.73 10.87 -43.57
C GLU A 14 11.56 11.79 -43.23
N ARG A 15 10.60 11.32 -42.45
CA ARG A 15 9.44 12.14 -42.10
C ARG A 15 9.43 12.57 -40.64
N THR A 16 10.54 12.34 -39.95
CA THR A 16 10.64 12.68 -38.55
C THR A 16 12.02 13.21 -38.21
N GLU A 17 12.06 14.33 -37.50
CA GLU A 17 13.30 14.83 -36.94
C GLU A 17 13.69 13.91 -35.78
N GLU A 18 14.96 13.54 -35.70
CA GLU A 18 15.41 12.60 -34.68
C GLU A 18 15.05 13.14 -33.30
N SER A 19 15.19 14.44 -33.13
CA SER A 19 14.90 15.09 -31.86
C SER A 19 13.50 14.74 -31.34
N SER A 20 12.52 14.82 -32.22
CA SER A 20 11.14 14.52 -31.86
C SER A 20 10.95 13.02 -31.62
N ALA A 21 11.58 12.20 -32.46
CA ALA A 21 11.44 10.74 -32.36
C ALA A 21 11.99 10.20 -31.06
N VAL A 22 13.15 10.68 -30.65
CA VAL A 22 13.77 10.25 -29.41
C VAL A 22 12.85 10.53 -28.23
N GLN A 23 12.40 11.78 -28.13
CA GLN A 23 11.51 12.19 -27.06
C GLN A 23 10.20 11.39 -27.10
N TYR A 24 9.73 11.11 -28.32
CA TYR A 24 8.49 10.37 -28.51
C TYR A 24 8.57 8.96 -27.91
N PHE A 25 9.63 8.22 -28.25
CA PHE A 25 9.73 6.83 -27.82
C PHE A 25 10.20 6.69 -26.38
N GLN A 26 10.86 7.72 -25.87
CA GLN A 26 11.21 7.75 -24.46
C GLN A 26 9.94 7.83 -23.62
N PHE A 27 9.01 8.67 -24.07
CA PHE A 27 7.71 8.82 -23.42
C PHE A 27 6.99 7.48 -23.28
N TYR A 28 6.99 6.70 -24.36
CA TYR A 28 6.27 5.44 -24.38
C TYR A 28 7.05 4.28 -23.74
N GLY A 29 8.26 4.57 -23.30
CA GLY A 29 9.07 3.58 -22.61
C GLY A 29 8.71 3.42 -21.14
N TYR A 30 7.85 4.31 -20.65
CA TYR A 30 7.45 4.29 -19.25
C TYR A 30 6.25 3.39 -19.00
N LEU A 31 6.36 2.53 -17.99
CA LEU A 31 5.26 1.65 -17.60
C LEU A 31 4.05 2.44 -17.13
N SER A 32 4.31 3.60 -16.53
CA SER A 32 3.23 4.45 -16.04
C SER A 32 2.34 4.90 -17.18
N GLN A 33 2.94 5.08 -18.36
CA GLN A 33 2.18 5.49 -19.53
C GLN A 33 1.35 4.35 -20.08
N GLN A 34 1.94 3.15 -20.11
CA GLN A 34 1.21 1.95 -20.50
C GLN A 34 0.03 1.75 -19.57
N GLN A 35 0.26 1.98 -18.28
CA GLN A 35 -0.77 1.82 -17.28
C GLN A 35 -1.94 2.77 -17.53
N ASN A 36 -1.64 4.03 -17.86
CA ASN A 36 -2.69 5.01 -18.13
C ASN A 36 -3.58 4.53 -19.28
N MET A 37 -2.96 4.03 -20.34
CA MET A 37 -3.70 3.51 -21.49
C MET A 37 -4.52 2.29 -21.10
N MET A 38 -3.90 1.40 -20.33
CA MET A 38 -4.54 0.13 -19.98
C MET A 38 -5.72 0.32 -19.02
N GLN A 39 -5.66 1.36 -18.20
CA GLN A 39 -6.73 1.62 -17.24
C GLN A 39 -7.89 2.37 -17.87
N ASP A 40 -7.80 2.62 -19.17
CA ASP A 40 -8.93 3.16 -19.91
C ASP A 40 -9.82 1.99 -20.33
N TYR A 41 -10.84 1.72 -19.53
CA TYR A 41 -11.69 0.56 -19.74
C TYR A 41 -12.33 0.58 -21.12
N VAL A 42 -12.72 1.77 -21.58
CA VAL A 42 -13.34 1.92 -22.89
C VAL A 42 -12.39 1.43 -23.98
N ARG A 43 -11.18 1.96 -23.99
CA ARG A 43 -10.19 1.59 -25.00
C ARG A 43 -9.91 0.10 -24.94
N THR A 44 -9.46 -0.35 -23.77
CA THR A 44 -9.02 -1.72 -23.58
C THR A 44 -10.16 -2.72 -23.73
N GLY A 45 -11.30 -2.41 -23.12
CA GLY A 45 -12.46 -3.29 -23.21
C GLY A 45 -12.99 -3.46 -24.62
N THR A 46 -13.05 -2.36 -25.36
CA THR A 46 -13.58 -2.39 -26.73
C THR A 46 -12.66 -3.19 -27.65
N TYR A 47 -11.36 -3.05 -27.49
CA TYR A 47 -10.42 -3.82 -28.29
C TYR A 47 -10.58 -5.31 -28.04
N GLN A 48 -10.74 -5.69 -26.78
CA GLN A 48 -10.91 -7.10 -26.44
C GLN A 48 -12.22 -7.62 -27.05
N ARG A 49 -13.27 -6.83 -26.92
CA ARG A 49 -14.56 -7.18 -27.49
C ARG A 49 -14.45 -7.36 -28.99
N ALA A 50 -13.78 -6.43 -29.67
CA ALA A 50 -13.64 -6.47 -31.11
C ALA A 50 -12.95 -7.75 -31.56
N ILE A 51 -11.88 -8.10 -30.86
CA ILE A 51 -11.08 -9.26 -31.23
C ILE A 51 -11.78 -10.56 -30.87
N LEU A 52 -12.29 -10.65 -29.63
CA LEU A 52 -12.86 -11.89 -29.14
C LEU A 52 -14.20 -12.21 -29.81
N GLN A 53 -15.00 -11.20 -30.08
CA GLN A 53 -16.29 -11.40 -30.73
C GLN A 53 -16.13 -11.70 -32.21
N ASN A 54 -14.93 -11.44 -32.75
CA ASN A 54 -14.59 -11.82 -34.12
C ASN A 54 -13.50 -12.88 -34.16
N HIS A 55 -13.59 -13.88 -33.28
CA HIS A 55 -12.54 -14.89 -33.16
C HIS A 55 -12.28 -15.58 -34.48
N THR A 56 -13.27 -15.62 -35.36
CA THR A 56 -13.14 -16.27 -36.65
C THR A 56 -12.12 -15.55 -37.53
N ASP A 57 -11.93 -14.26 -37.29
CA ASP A 57 -10.94 -13.49 -38.02
C ASP A 57 -9.53 -13.72 -37.49
N PHE A 58 -9.42 -14.45 -36.37
CA PHE A 58 -8.14 -14.63 -35.71
C PHE A 58 -7.72 -16.10 -35.55
N LYS A 59 -8.69 -17.00 -35.41
CA LYS A 59 -8.37 -18.40 -35.14
C LYS A 59 -7.46 -18.98 -36.23
N ASP A 60 -6.27 -19.44 -35.82
CA ASP A 60 -5.33 -20.09 -36.72
C ASP A 60 -4.83 -19.17 -37.83
N LYS A 61 -4.71 -17.87 -37.53
CA LYS A 61 -4.22 -16.90 -38.50
C LYS A 61 -2.89 -16.31 -38.04
N ILE A 62 -2.16 -15.69 -38.96
CA ILE A 62 -0.94 -14.96 -38.63
C ILE A 62 -1.29 -13.50 -38.39
N VAL A 63 -0.82 -12.94 -37.29
CA VAL A 63 -1.18 -11.59 -36.90
C VAL A 63 0.05 -10.70 -36.76
N LEU A 64 -0.10 -9.43 -37.14
CA LEU A 64 0.91 -8.42 -36.89
C LEU A 64 0.33 -7.32 -35.98
N ASP A 65 0.99 -7.11 -34.84
CA ASP A 65 0.57 -6.07 -33.91
C ASP A 65 1.57 -4.89 -33.95
N VAL A 66 1.13 -3.77 -34.50
CA VAL A 66 2.00 -2.62 -34.69
C VAL A 66 1.95 -1.72 -33.46
N GLY A 67 3.10 -1.55 -32.80
CA GLY A 67 3.18 -0.76 -31.59
C GLY A 67 2.44 -1.44 -30.45
N CYS A 68 2.85 -2.67 -30.15
CA CYS A 68 2.17 -3.48 -29.15
C CYS A 68 2.32 -2.90 -27.76
N GLY A 69 3.34 -2.05 -27.57
CA GLY A 69 3.63 -1.51 -26.26
C GLY A 69 3.85 -2.61 -25.25
N SER A 70 2.98 -2.68 -24.25
CA SER A 70 3.05 -3.72 -23.23
C SER A 70 2.75 -5.10 -23.83
N GLY A 71 2.04 -5.13 -24.94
CA GLY A 71 1.72 -6.37 -25.63
C GLY A 71 0.29 -6.81 -25.44
N ILE A 72 -0.51 -5.97 -24.79
CA ILE A 72 -1.87 -6.33 -24.40
C ILE A 72 -2.69 -6.84 -25.60
N LEU A 73 -2.59 -6.16 -26.74
CA LEU A 73 -3.38 -6.55 -27.92
C LEU A 73 -2.95 -7.91 -28.46
N SER A 74 -1.66 -8.21 -28.35
CA SER A 74 -1.14 -9.50 -28.78
C SER A 74 -1.79 -10.62 -28.00
N PHE A 75 -1.92 -10.41 -26.70
CA PHE A 75 -2.50 -11.41 -25.82
C PHE A 75 -3.97 -11.63 -26.15
N PHE A 76 -4.68 -10.56 -26.49
CA PHE A 76 -6.06 -10.68 -26.93
C PHE A 76 -6.15 -11.54 -28.19
N ALA A 77 -5.27 -11.27 -29.15
CA ALA A 77 -5.25 -12.06 -30.39
C ALA A 77 -4.95 -13.51 -30.06
N ALA A 78 -4.10 -13.73 -29.07
CA ALA A 78 -3.76 -15.08 -28.64
C ALA A 78 -4.97 -15.76 -28.01
N GLN A 79 -5.72 -15.00 -27.21
CA GLN A 79 -6.95 -15.51 -26.61
C GLN A 79 -7.97 -15.90 -27.68
N ALA A 80 -7.99 -15.14 -28.76
CA ALA A 80 -8.95 -15.38 -29.85
C ALA A 80 -8.55 -16.59 -30.69
N GLY A 81 -7.33 -17.09 -30.50
CA GLY A 81 -6.91 -18.31 -31.16
C GLY A 81 -5.90 -18.17 -32.28
N ALA A 82 -5.24 -17.02 -32.33
CA ALA A 82 -4.23 -16.77 -33.37
C ALA A 82 -3.11 -17.81 -33.37
N ARG A 83 -2.66 -18.15 -34.56
CA ARG A 83 -1.56 -19.09 -34.75
C ARG A 83 -0.22 -18.47 -34.38
N LYS A 84 -0.03 -17.23 -34.80
CA LYS A 84 1.23 -16.51 -34.59
C LYS A 84 1.01 -15.01 -34.60
N ILE A 85 1.59 -14.32 -33.63
CA ILE A 85 1.51 -12.87 -33.55
C ILE A 85 2.91 -12.30 -33.56
N TYR A 86 3.19 -11.46 -34.54
CA TYR A 86 4.43 -10.69 -34.56
C TYR A 86 4.14 -9.33 -33.95
N ALA A 87 4.73 -9.07 -32.78
CA ALA A 87 4.49 -7.81 -32.08
C ALA A 87 5.70 -6.89 -32.23
N VAL A 88 5.50 -5.77 -32.92
CA VAL A 88 6.58 -4.84 -33.21
C VAL A 88 6.46 -3.63 -32.29
N GLU A 89 7.57 -3.28 -31.64
CA GLU A 89 7.61 -2.17 -30.70
C GLU A 89 8.96 -1.47 -30.75
N ALA A 90 8.95 -0.15 -30.91
CA ALA A 90 10.18 0.61 -31.13
C ALA A 90 10.79 1.14 -29.84
N SER A 91 9.97 1.29 -28.80
CA SER A 91 10.47 1.78 -27.52
C SER A 91 11.07 0.66 -26.69
N THR A 92 11.61 1.06 -25.54
CA THR A 92 12.17 0.12 -24.58
C THR A 92 11.09 -0.67 -23.85
N MET A 93 9.84 -0.41 -24.18
CA MET A 93 8.73 -1.23 -23.69
C MET A 93 8.88 -2.69 -24.22
N ALA A 94 9.53 -2.84 -25.38
CA ALA A 94 9.71 -4.15 -26.00
C ALA A 94 10.38 -5.18 -25.08
N GLN A 95 11.36 -4.72 -24.30
CA GLN A 95 12.12 -5.60 -23.41
C GLN A 95 11.18 -6.09 -22.30
N HIS A 96 10.19 -5.27 -21.97
CA HIS A 96 9.18 -5.65 -20.98
C HIS A 96 8.15 -6.59 -21.57
N ALA A 97 7.80 -6.36 -22.83
CA ALA A 97 6.86 -7.20 -23.55
C ALA A 97 7.36 -8.65 -23.62
N GLU A 98 8.65 -8.84 -23.92
CA GLU A 98 9.21 -10.18 -24.04
C GLU A 98 9.11 -10.89 -22.68
N VAL A 99 9.16 -10.12 -21.60
CA VAL A 99 9.06 -10.68 -20.25
C VAL A 99 7.66 -11.21 -19.98
N LEU A 100 6.64 -10.45 -20.38
CA LEU A 100 5.26 -10.87 -20.14
C LEU A 100 4.92 -12.10 -20.98
N VAL A 101 5.42 -12.13 -22.21
CA VAL A 101 5.15 -13.25 -23.10
C VAL A 101 5.71 -14.53 -22.48
N LYS A 102 6.87 -14.42 -21.85
CA LYS A 102 7.51 -15.58 -21.26
C LYS A 102 6.78 -16.03 -19.98
N SER A 103 6.44 -15.07 -19.13
CA SER A 103 5.76 -15.37 -17.88
C SER A 103 4.31 -15.81 -18.09
N ASN A 104 3.77 -15.56 -19.27
CA ASN A 104 2.42 -16.02 -19.63
C ASN A 104 2.44 -17.27 -20.51
N ASN A 105 3.62 -17.86 -20.69
CA ASN A 105 3.77 -19.09 -21.47
C ASN A 105 3.24 -18.97 -22.89
N LEU A 106 3.65 -17.93 -23.61
CA LEU A 106 3.17 -17.70 -24.98
C LEU A 106 4.29 -17.49 -25.99
N THR A 107 5.51 -17.91 -25.64
CA THR A 107 6.65 -17.69 -26.51
C THR A 107 6.56 -18.44 -27.84
N ASP A 108 5.79 -19.52 -27.87
CA ASP A 108 5.62 -20.29 -29.10
C ASP A 108 4.71 -19.57 -30.10
N ARG A 109 3.95 -18.58 -29.64
CA ARG A 109 2.96 -17.93 -30.50
C ARG A 109 3.19 -16.42 -30.65
N ILE A 110 3.69 -15.77 -29.61
CA ILE A 110 3.96 -14.34 -29.72
C ILE A 110 5.47 -14.14 -29.87
N VAL A 111 5.85 -13.44 -30.92
CA VAL A 111 7.23 -13.10 -31.17
C VAL A 111 7.37 -11.59 -31.11
N VAL A 112 8.13 -11.10 -30.13
CA VAL A 112 8.36 -9.68 -30.01
C VAL A 112 9.52 -9.30 -30.90
N ILE A 113 9.28 -8.29 -31.75
CA ILE A 113 10.30 -7.79 -32.65
C ILE A 113 10.61 -6.34 -32.31
N PRO A 114 11.76 -6.09 -31.67
CA PRO A 114 12.08 -4.70 -31.35
C PRO A 114 12.50 -3.91 -32.57
N GLY A 115 12.02 -2.68 -32.70
CA GLY A 115 12.36 -1.84 -33.82
C GLY A 115 11.16 -1.09 -34.38
N LYS A 116 11.42 -0.21 -35.33
CA LYS A 116 10.36 0.56 -35.98
C LYS A 116 9.79 -0.27 -37.14
N VAL A 117 8.48 -0.23 -37.31
CA VAL A 117 7.79 -1.07 -38.27
C VAL A 117 8.27 -0.80 -39.70
N GLU A 118 8.82 0.39 -39.94
CA GLU A 118 9.33 0.76 -41.25
C GLU A 118 10.72 0.21 -41.50
N GLU A 119 11.33 -0.39 -40.47
CA GLU A 119 12.72 -0.79 -40.55
C GLU A 119 12.94 -2.28 -40.29
N VAL A 120 12.00 -2.90 -39.61
CA VAL A 120 12.16 -4.32 -39.27
C VAL A 120 11.76 -5.18 -40.47
N SER A 121 12.26 -6.42 -40.46
CA SER A 121 11.86 -7.42 -41.44
C SER A 121 11.04 -8.52 -40.76
N LEU A 122 9.91 -8.86 -41.33
CA LEU A 122 9.09 -9.95 -40.81
C LEU A 122 9.33 -11.20 -41.66
N PRO A 123 9.33 -12.38 -41.01
CA PRO A 123 9.63 -13.62 -41.72
C PRO A 123 8.58 -13.97 -42.78
N GLU A 124 7.33 -13.56 -42.57
CA GLU A 124 6.24 -13.96 -43.45
C GLU A 124 5.16 -12.91 -43.54
N GLN A 125 4.30 -13.05 -44.54
CA GLN A 125 3.12 -12.20 -44.68
C GLN A 125 2.10 -12.58 -43.61
N VAL A 126 1.19 -11.67 -43.30
CA VAL A 126 0.23 -11.87 -42.22
C VAL A 126 -1.21 -11.79 -42.72
N ASP A 127 -2.14 -12.35 -41.93
CA ASP A 127 -3.55 -12.37 -42.31
C ASP A 127 -4.27 -11.10 -41.87
N ILE A 128 -3.86 -10.54 -40.72
CA ILE A 128 -4.52 -9.34 -40.20
C ILE A 128 -3.52 -8.49 -39.41
N ILE A 129 -3.70 -7.17 -39.50
CA ILE A 129 -2.89 -6.23 -38.73
C ILE A 129 -3.78 -5.59 -37.67
N ILE A 130 -3.26 -5.53 -36.44
CA ILE A 130 -3.96 -4.86 -35.35
C ILE A 130 -3.08 -3.75 -34.78
N SER A 131 -3.71 -2.72 -34.21
CA SER A 131 -2.95 -1.59 -33.67
C SER A 131 -3.86 -0.57 -33.00
N GLU A 132 -3.27 0.30 -32.19
CA GLU A 132 -3.97 1.45 -31.62
C GLU A 132 -3.20 2.73 -32.00
N PRO A 133 -3.36 3.18 -33.25
CA PRO A 133 -2.58 4.30 -33.80
C PRO A 133 -3.19 5.68 -33.61
N MET A 134 -4.33 5.78 -32.93
CA MET A 134 -5.02 7.05 -32.83
C MET A 134 -4.41 7.96 -31.77
N GLY A 135 -4.22 9.22 -32.14
CA GLY A 135 -3.81 10.25 -31.21
C GLY A 135 -4.93 11.25 -31.05
N TYR A 136 -4.66 12.38 -30.40
CA TYR A 136 -5.64 13.46 -30.34
C TYR A 136 -6.08 13.80 -31.75
N MET A 137 -7.38 14.03 -31.94
CA MET A 137 -7.92 14.34 -33.26
C MET A 137 -7.67 13.20 -34.24
N LEU A 138 -7.39 12.01 -33.73
CA LEU A 138 -7.10 10.83 -34.55
C LEU A 138 -5.68 10.86 -35.12
N PHE A 139 -5.31 11.98 -35.71
CA PHE A 139 -4.11 12.05 -36.55
C PHE A 139 -2.83 12.40 -35.78
N ASN A 140 -2.97 12.97 -34.59
CA ASN A 140 -1.81 13.35 -33.82
C ASN A 140 -0.85 12.17 -33.66
N GLU A 141 0.44 12.47 -33.61
CA GLU A 141 1.53 11.48 -33.48
C GLU A 141 1.87 10.81 -34.81
N ARG A 142 1.01 10.96 -35.81
CA ARG A 142 1.31 10.47 -37.14
C ARG A 142 1.65 8.99 -37.15
N MET A 143 1.10 8.24 -36.20
CA MET A 143 1.37 6.81 -36.13
C MET A 143 0.53 6.08 -37.16
N LEU A 144 -0.51 6.76 -37.65
CA LEU A 144 -1.39 6.18 -38.65
C LEU A 144 -0.62 5.84 -39.93
N GLU A 145 0.49 6.56 -40.16
CA GLU A 145 1.30 6.32 -41.35
C GLU A 145 2.14 5.07 -41.19
N SER A 146 2.48 4.73 -39.95
CA SER A 146 3.20 3.50 -39.66
C SER A 146 2.26 2.31 -39.81
N TYR A 147 1.02 2.52 -39.37
CA TYR A 147 -0.03 1.53 -39.48
C TYR A 147 -0.29 1.16 -40.94
N LEU A 148 -0.37 2.18 -41.80
CA LEU A 148 -0.61 1.97 -43.22
C LEU A 148 0.65 1.42 -43.91
N HIS A 149 1.82 1.83 -43.43
CA HIS A 149 3.07 1.30 -43.97
C HIS A 149 3.13 -0.21 -43.79
N ALA A 150 2.69 -0.68 -42.64
CA ALA A 150 2.74 -2.10 -42.30
C ALA A 150 1.95 -2.97 -43.30
N LYS A 151 1.13 -2.33 -44.12
CA LYS A 151 0.33 -3.02 -45.11
C LYS A 151 1.19 -3.72 -46.16
N LYS A 152 2.48 -3.39 -46.20
CA LYS A 152 3.40 -4.08 -47.10
C LYS A 152 3.51 -5.55 -46.70
N TYR A 153 3.25 -5.84 -45.44
CA TYR A 153 3.28 -7.22 -44.95
C TYR A 153 1.91 -7.88 -44.95
N LEU A 154 0.89 -7.18 -45.41
CA LEU A 154 -0.47 -7.74 -45.34
C LEU A 154 -0.78 -8.48 -46.64
N LYS A 155 -1.32 -9.69 -46.50
CA LYS A 155 -1.73 -10.45 -47.67
C LYS A 155 -2.88 -9.73 -48.34
N PRO A 156 -3.04 -9.93 -49.66
CA PRO A 156 -4.27 -9.40 -50.23
C PRO A 156 -5.44 -10.05 -49.52
N SER A 157 -6.57 -9.37 -49.39
CA SER A 157 -7.70 -9.90 -48.64
C SER A 157 -7.43 -9.96 -47.15
N GLY A 158 -6.37 -9.28 -46.70
CA GLY A 158 -6.06 -9.23 -45.29
C GLY A 158 -7.01 -8.25 -44.66
N ASN A 159 -7.03 -8.17 -43.34
CA ASN A 159 -7.92 -7.25 -42.66
C ASN A 159 -7.12 -6.34 -41.75
N MET A 160 -7.75 -5.27 -41.32
CA MET A 160 -7.11 -4.32 -40.42
C MET A 160 -8.04 -3.95 -39.29
N PHE A 161 -7.50 -4.01 -38.08
CA PHE A 161 -8.23 -3.67 -36.86
C PHE A 161 -7.47 -2.55 -36.14
N PRO A 162 -8.00 -1.32 -36.18
CA PRO A 162 -9.27 -0.84 -36.73
C PRO A 162 -9.30 -0.81 -38.26
N THR A 163 -10.52 -0.84 -38.82
CA THR A 163 -10.71 -0.89 -40.26
C THR A 163 -10.94 0.49 -40.88
N ILE A 164 -11.72 1.33 -40.19
CA ILE A 164 -12.00 2.67 -40.70
C ILE A 164 -11.90 3.67 -39.56
N GLY A 165 -11.71 4.94 -39.92
CA GLY A 165 -11.66 6.02 -38.95
C GLY A 165 -12.55 7.17 -39.37
N ASP A 166 -13.26 7.73 -38.39
CA ASP A 166 -14.13 8.87 -38.63
C ASP A 166 -13.66 10.06 -37.81
N VAL A 167 -13.31 11.15 -38.48
CA VAL A 167 -13.08 12.41 -37.79
C VAL A 167 -14.39 13.19 -37.86
N HIS A 168 -14.78 13.80 -36.74
CA HIS A 168 -16.01 14.58 -36.71
C HIS A 168 -15.72 16.04 -36.36
N LEU A 169 -16.35 16.94 -37.10
CA LEU A 169 -16.21 18.38 -36.88
C LEU A 169 -17.56 18.97 -36.56
N ALA A 170 -17.60 19.90 -35.62
CA ALA A 170 -18.84 20.61 -35.32
C ALA A 170 -18.53 21.99 -34.77
N PRO A 171 -19.33 23.00 -35.16
CA PRO A 171 -19.14 24.31 -34.57
C PRO A 171 -19.71 24.37 -33.17
N PHE A 172 -19.09 25.15 -32.30
CA PHE A 172 -19.52 25.25 -30.92
C PHE A 172 -19.52 26.70 -30.45
N THR A 173 -20.19 26.95 -29.33
CA THR A 173 -20.16 28.25 -28.71
C THR A 173 -19.74 28.08 -27.25
N ASP A 174 -18.69 28.79 -26.86
CA ASP A 174 -18.21 28.76 -25.48
C ASP A 174 -17.52 30.08 -25.15
N GLU A 175 -18.33 31.05 -24.74
CA GLU A 175 -17.85 32.40 -24.47
C GLU A 175 -16.74 32.43 -23.43
N GLN A 176 -16.86 31.60 -22.39
CA GLN A 176 -15.89 31.61 -21.31
C GLN A 176 -14.53 31.04 -21.75
N LEU A 177 -14.54 30.04 -22.62
CA LEU A 177 -13.29 29.51 -23.14
C LEU A 177 -12.58 30.56 -23.98
N TYR A 178 -13.34 31.23 -24.82
CA TYR A 178 -12.80 32.26 -25.69
C TYR A 178 -12.22 33.43 -24.88
N MET A 179 -12.97 33.88 -23.87
CA MET A 179 -12.56 35.01 -23.06
C MET A 179 -11.37 34.67 -22.17
N GLU A 180 -11.25 33.40 -21.80
CA GLU A 180 -10.15 32.93 -20.98
C GLU A 180 -8.81 33.26 -21.64
N GLN A 181 -8.76 33.13 -22.95
CA GLN A 181 -7.52 33.31 -23.68
C GLN A 181 -7.03 34.75 -23.60
N PHE A 182 -7.96 35.71 -23.57
CA PHE A 182 -7.57 37.11 -23.48
C PHE A 182 -7.23 37.51 -22.05
N THR A 183 -7.89 36.89 -21.08
CA THR A 183 -7.56 37.14 -19.68
C THR A 183 -6.11 36.76 -19.43
N LYS A 184 -5.67 35.66 -20.05
CA LYS A 184 -4.31 35.17 -19.87
C LYS A 184 -3.29 36.08 -20.54
N ALA A 185 -3.57 36.46 -21.78
CA ALA A 185 -2.66 37.27 -22.58
C ALA A 185 -2.57 38.71 -22.06
N ASN A 186 -3.64 39.16 -21.41
CA ASN A 186 -3.69 40.54 -20.93
C ASN A 186 -2.69 40.77 -19.81
N PHE A 187 -2.10 39.69 -19.30
CA PHE A 187 -0.98 39.82 -18.39
C PHE A 187 0.05 40.76 -18.98
N TRP A 188 0.24 40.67 -20.29
CA TRP A 188 1.28 41.41 -20.97
C TRP A 188 0.88 42.84 -21.28
N TYR A 189 -0.38 43.19 -21.02
CA TYR A 189 -0.87 44.54 -21.27
C TYR A 189 -0.85 45.40 -20.03
N GLN A 190 0.35 45.71 -19.54
CA GLN A 190 0.51 46.56 -18.38
C GLN A 190 1.78 47.38 -18.56
N PRO A 191 1.70 48.70 -18.30
CA PRO A 191 2.78 49.64 -18.61
C PRO A 191 3.94 49.63 -17.62
N SER A 192 3.79 48.97 -16.48
CA SER A 192 4.87 48.93 -15.50
C SER A 192 4.83 47.68 -14.63
N PHE A 193 5.26 46.57 -15.21
CA PHE A 193 5.46 45.35 -14.44
C PHE A 193 6.86 45.43 -13.85
N HIS A 194 6.93 45.72 -12.55
CA HIS A 194 8.21 45.96 -11.89
C HIS A 194 9.01 47.03 -12.63
N GLY A 195 8.32 48.02 -13.18
CA GLY A 195 8.96 49.14 -13.87
C GLY A 195 9.20 48.91 -15.35
N VAL A 196 8.61 47.85 -15.90
CA VAL A 196 8.81 47.48 -17.30
C VAL A 196 7.49 47.48 -18.05
N ASP A 197 7.49 48.06 -19.26
CA ASP A 197 6.29 48.09 -20.09
C ASP A 197 6.25 46.86 -20.98
N LEU A 198 5.34 45.95 -20.69
CA LEU A 198 5.24 44.68 -21.40
C LEU A 198 4.26 44.69 -22.58
N SER A 199 3.49 45.76 -22.69
CA SER A 199 2.34 45.80 -23.61
C SER A 199 2.70 45.45 -25.05
N ALA A 200 3.95 45.66 -25.42
CA ALA A 200 4.38 45.40 -26.79
C ALA A 200 4.25 43.93 -27.19
N LEU A 201 4.14 43.03 -26.21
CA LEU A 201 4.09 41.60 -26.50
C LEU A 201 2.67 41.02 -26.37
N ARG A 202 1.70 41.87 -26.07
CA ARG A 202 0.33 41.42 -25.89
C ARG A 202 -0.18 40.69 -27.14
N GLY A 203 0.12 41.25 -28.30
CA GLY A 203 -0.29 40.63 -29.56
C GLY A 203 0.28 39.24 -29.76
N ALA A 204 1.57 39.08 -29.49
CA ALA A 204 2.22 37.79 -29.65
C ALA A 204 1.64 36.77 -28.67
N ALA A 205 1.34 37.23 -27.46
CA ALA A 205 0.80 36.35 -26.44
C ALA A 205 -0.54 35.79 -26.92
N VAL A 206 -1.40 36.67 -27.42
CA VAL A 206 -2.69 36.27 -27.93
C VAL A 206 -2.50 35.21 -29.01
N ASP A 207 -1.61 35.49 -29.96
CA ASP A 207 -1.37 34.58 -31.06
C ASP A 207 -0.96 33.21 -30.52
N GLU A 208 -0.04 33.20 -29.56
CA GLU A 208 0.45 31.96 -29.00
C GLU A 208 -0.68 31.12 -28.42
N TYR A 209 -1.56 31.75 -27.67
CA TYR A 209 -2.64 31.04 -27.00
C TYR A 209 -3.67 30.48 -27.98
N PHE A 210 -3.91 31.18 -29.08
CA PHE A 210 -4.91 30.73 -30.06
C PHE A 210 -4.39 29.65 -31.00
N ARG A 211 -3.08 29.45 -31.03
CA ARG A 211 -2.50 28.38 -31.83
C ARG A 211 -2.58 27.03 -31.11
N GLN A 212 -3.01 27.06 -29.85
CA GLN A 212 -3.11 25.82 -29.06
C GLN A 212 -4.48 25.18 -29.13
N PRO A 213 -4.56 23.93 -29.64
CA PRO A 213 -5.84 23.26 -29.50
C PRO A 213 -6.14 22.92 -28.04
N VAL A 214 -7.39 23.09 -27.64
CA VAL A 214 -7.79 22.86 -26.26
C VAL A 214 -8.28 21.44 -26.07
N VAL A 215 -7.61 20.71 -25.18
CA VAL A 215 -8.01 19.35 -24.87
C VAL A 215 -8.77 19.30 -23.56
N ASP A 216 -10.01 18.85 -23.64
CA ASP A 216 -10.86 18.63 -22.48
C ASP A 216 -12.18 18.10 -23.00
N THR A 217 -13.18 18.01 -22.15
CA THR A 217 -14.49 17.56 -22.58
C THR A 217 -15.47 18.71 -22.40
N PHE A 218 -16.70 18.53 -22.87
CA PHE A 218 -17.68 19.59 -22.83
C PHE A 218 -19.10 19.06 -22.96
N ASP A 219 -20.05 19.91 -22.59
CA ASP A 219 -21.46 19.58 -22.68
C ASP A 219 -21.90 19.68 -24.14
N ILE A 220 -22.66 18.70 -24.61
CA ILE A 220 -23.03 18.66 -26.02
C ILE A 220 -23.97 19.80 -26.40
N ARG A 221 -24.50 20.51 -25.41
CA ARG A 221 -25.39 21.63 -25.71
C ARG A 221 -24.64 22.86 -26.25
N ILE A 222 -23.31 22.85 -26.22
CA ILE A 222 -22.56 23.98 -26.77
C ILE A 222 -22.44 23.84 -28.29
N LEU A 223 -22.83 22.68 -28.81
CA LEU A 223 -22.75 22.43 -30.24
C LEU A 223 -23.88 23.12 -31.00
N MET A 224 -23.52 23.75 -32.11
CA MET A 224 -24.42 24.62 -32.85
C MET A 224 -24.98 23.94 -34.11
N ALA A 225 -24.53 22.73 -34.39
CA ALA A 225 -24.97 22.03 -35.59
C ALA A 225 -24.55 20.56 -35.59
N LYS A 226 -25.25 19.76 -36.39
CA LYS A 226 -24.89 18.36 -36.59
C LYS A 226 -23.48 18.29 -37.17
N SER A 227 -22.70 17.31 -36.73
CA SER A 227 -21.30 17.25 -37.11
C SER A 227 -21.11 16.79 -38.55
N VAL A 228 -19.95 17.13 -39.09
CA VAL A 228 -19.53 16.66 -40.41
C VAL A 228 -18.43 15.64 -40.19
N LYS A 229 -18.41 14.57 -40.97
CA LYS A 229 -17.43 13.53 -40.74
C LYS A 229 -16.56 13.31 -41.98
N TYR A 230 -15.28 13.04 -41.73
CA TYR A 230 -14.33 12.70 -42.78
C TYR A 230 -13.78 11.32 -42.47
N THR A 231 -13.93 10.41 -43.42
CA THR A 231 -13.59 9.01 -43.20
C THR A 231 -12.28 8.59 -43.86
N VAL A 232 -11.48 7.85 -43.11
CA VAL A 232 -10.28 7.23 -43.64
C VAL A 232 -10.50 5.72 -43.65
N ASN A 233 -10.49 5.11 -44.83
CA ASN A 233 -10.57 3.66 -44.93
C ASN A 233 -9.16 3.11 -45.04
N PHE A 234 -8.69 2.49 -43.96
CA PHE A 234 -7.30 2.05 -43.86
C PHE A 234 -6.98 0.91 -44.81
N LEU A 235 -8.00 0.26 -45.33
CA LEU A 235 -7.80 -0.87 -46.24
C LEU A 235 -7.40 -0.39 -47.63
N GLU A 236 -7.87 0.79 -48.04
CA GLU A 236 -7.52 1.35 -49.35
C GLU A 236 -6.56 2.53 -49.23
N ALA A 237 -6.47 3.13 -48.05
CA ALA A 237 -5.66 4.33 -47.89
C ALA A 237 -4.16 4.07 -48.04
N LYS A 238 -3.44 5.09 -48.47
CA LYS A 238 -1.99 5.03 -48.59
C LYS A 238 -1.35 6.06 -47.65
N GLU A 239 -0.07 5.88 -47.36
CA GLU A 239 0.65 6.78 -46.48
C GLU A 239 0.54 8.22 -47.00
N GLY A 240 0.65 8.38 -48.31
CA GLY A 240 0.64 9.69 -48.93
C GLY A 240 -0.65 10.47 -48.72
N ASP A 241 -1.72 9.75 -48.43
CA ASP A 241 -3.04 10.36 -48.26
C ASP A 241 -3.12 11.17 -46.96
N LEU A 242 -2.18 10.92 -46.04
CA LEU A 242 -2.24 11.52 -44.72
C LEU A 242 -1.32 12.73 -44.53
N HIS A 243 -0.57 13.09 -45.55
CA HIS A 243 0.34 14.24 -45.47
C HIS A 243 -0.42 15.56 -45.61
N ARG A 244 -1.51 15.51 -46.37
CA ARG A 244 -2.37 16.66 -46.59
C ARG A 244 -3.82 16.21 -46.51
N ILE A 245 -4.52 16.64 -45.47
CA ILE A 245 -5.91 16.25 -45.27
C ILE A 245 -6.79 17.49 -45.39
N GLU A 246 -7.65 17.50 -46.40
CA GLU A 246 -8.54 18.62 -46.63
C GLU A 246 -9.97 18.23 -46.31
N ILE A 247 -10.52 18.80 -45.25
CA ILE A 247 -11.88 18.49 -44.82
C ILE A 247 -12.76 19.69 -45.10
N PRO A 248 -13.43 19.70 -46.25
CA PRO A 248 -14.37 20.80 -46.45
C PRO A 248 -15.62 20.57 -45.61
N PHE A 249 -16.27 21.64 -45.16
CA PHE A 249 -17.46 21.47 -44.36
C PHE A 249 -18.49 22.52 -44.69
N LYS A 250 -19.76 22.15 -44.49
CA LYS A 250 -20.85 23.09 -44.60
C LYS A 250 -21.84 22.75 -43.50
N PHE A 251 -21.91 23.60 -42.48
CA PHE A 251 -22.81 23.35 -41.36
C PHE A 251 -24.11 24.09 -41.54
N HIS A 252 -25.20 23.43 -41.20
CA HIS A 252 -26.51 24.05 -41.18
C HIS A 252 -26.89 24.29 -39.73
N MET A 253 -26.89 25.55 -39.33
CA MET A 253 -26.98 25.94 -37.93
C MET A 253 -28.34 25.60 -37.32
N LEU A 254 -28.30 24.92 -36.18
CA LEU A 254 -29.51 24.54 -35.45
C LEU A 254 -29.91 25.60 -34.43
N HIS A 255 -28.93 26.35 -33.95
CA HIS A 255 -29.18 27.39 -32.97
C HIS A 255 -28.55 28.69 -33.42
N SER A 256 -29.17 29.80 -33.01
CA SER A 256 -28.62 31.12 -33.27
C SER A 256 -27.59 31.44 -32.19
N GLY A 257 -26.48 32.07 -32.58
CA GLY A 257 -25.47 32.46 -31.62
C GLY A 257 -24.10 32.70 -32.22
N LEU A 258 -23.14 32.97 -31.34
CA LEU A 258 -21.76 33.18 -31.76
C LEU A 258 -21.02 31.85 -31.79
N VAL A 259 -20.38 31.56 -32.92
CA VAL A 259 -19.55 30.37 -33.07
C VAL A 259 -18.11 30.75 -32.77
N HIS A 260 -17.53 30.14 -31.74
CA HIS A 260 -16.19 30.49 -31.30
C HIS A 260 -15.12 29.56 -31.86
N GLY A 261 -15.52 28.44 -32.45
CA GLY A 261 -14.57 27.52 -33.04
C GLY A 261 -15.15 26.20 -33.49
N LEU A 262 -14.28 25.23 -33.73
CA LEU A 262 -14.69 23.88 -34.13
C LEU A 262 -14.26 22.85 -33.10
N ALA A 263 -15.15 21.90 -32.83
CA ALA A 263 -14.85 20.80 -31.93
C ALA A 263 -14.57 19.54 -32.75
N PHE A 264 -13.58 18.77 -32.33
CA PHE A 264 -13.20 17.55 -33.03
C PHE A 264 -13.29 16.34 -32.11
N TRP A 265 -13.78 15.24 -32.66
CA TRP A 265 -13.66 13.94 -32.02
C TRP A 265 -13.63 12.90 -33.12
N PHE A 266 -13.44 11.63 -32.76
CA PHE A 266 -13.35 10.59 -33.77
C PHE A 266 -13.94 9.26 -33.35
N ASP A 267 -14.36 8.49 -34.34
CA ASP A 267 -14.80 7.11 -34.16
C ASP A 267 -13.91 6.19 -34.96
N VAL A 268 -13.64 4.99 -34.46
CA VAL A 268 -13.03 3.95 -35.25
C VAL A 268 -13.91 2.71 -35.19
N ALA A 269 -13.93 1.94 -36.26
CA ALA A 269 -14.75 0.74 -36.32
C ALA A 269 -13.89 -0.48 -36.63
N PHE A 270 -14.13 -1.55 -35.90
CA PHE A 270 -13.50 -2.84 -36.18
C PHE A 270 -14.51 -3.72 -36.92
N ILE A 271 -14.28 -3.90 -38.22
CA ILE A 271 -15.22 -4.62 -39.07
C ILE A 271 -14.75 -6.06 -39.29
N GLY A 272 -15.28 -6.97 -38.48
CA GLY A 272 -14.95 -8.37 -38.58
C GLY A 272 -16.03 -9.18 -39.27
N SER A 273 -15.79 -10.47 -39.41
CA SER A 273 -16.72 -11.37 -40.09
C SER A 273 -18.02 -11.53 -39.32
N ILE A 274 -17.91 -11.60 -37.99
CA ILE A 274 -19.07 -11.86 -37.14
C ILE A 274 -19.84 -10.58 -36.87
N MET A 275 -19.13 -9.49 -36.59
CA MET A 275 -19.79 -8.23 -36.29
C MET A 275 -18.85 -7.03 -36.33
N THR A 276 -19.45 -5.86 -36.29
CA THR A 276 -18.70 -4.60 -36.27
C THR A 276 -18.76 -3.99 -34.88
N VAL A 277 -17.61 -3.58 -34.37
CA VAL A 277 -17.52 -2.97 -33.05
C VAL A 277 -17.02 -1.55 -33.19
N TRP A 278 -17.69 -0.61 -32.52
CA TRP A 278 -17.32 0.79 -32.59
C TRP A 278 -16.62 1.28 -31.33
N LEU A 279 -15.63 2.12 -31.54
CA LEU A 279 -14.97 2.84 -30.46
C LEU A 279 -15.12 4.32 -30.75
N SER A 280 -15.83 5.03 -29.89
CA SER A 280 -16.15 6.43 -30.13
C SER A 280 -15.62 7.33 -29.03
N THR A 281 -15.13 8.49 -29.41
CA THR A 281 -14.68 9.49 -28.44
C THR A 281 -15.59 10.71 -28.48
N ALA A 282 -16.81 10.51 -29.00
CA ALA A 282 -17.80 11.58 -29.06
C ALA A 282 -18.21 12.01 -27.66
N PRO A 283 -18.61 13.29 -27.52
CA PRO A 283 -18.99 13.81 -26.20
C PRO A 283 -20.28 13.20 -25.64
N THR A 284 -21.02 12.47 -26.47
CA THR A 284 -22.18 11.74 -26.02
C THR A 284 -21.81 10.40 -25.38
N GLU A 285 -20.57 9.98 -25.57
CA GLU A 285 -20.13 8.67 -25.09
C GLU A 285 -19.26 8.82 -23.85
N PRO A 286 -19.06 7.72 -23.11
CA PRO A 286 -18.17 7.78 -21.94
C PRO A 286 -16.79 8.30 -22.28
N LEU A 287 -16.20 9.02 -21.33
CA LEU A 287 -14.94 9.71 -21.57
C LEU A 287 -13.78 8.73 -21.73
N THR A 288 -12.81 9.14 -22.54
CA THR A 288 -11.60 8.35 -22.77
C THR A 288 -10.40 9.26 -22.55
N HIS A 289 -9.20 8.68 -22.59
CA HIS A 289 -7.99 9.47 -22.38
C HIS A 289 -7.70 10.34 -23.61
N TRP A 290 -8.53 10.22 -24.64
CA TRP A 290 -8.43 11.10 -25.80
C TRP A 290 -9.25 12.38 -25.62
N TYR A 291 -10.30 12.31 -24.80
CA TYR A 291 -11.18 13.45 -24.57
C TYR A 291 -11.71 13.96 -25.91
N GLN A 292 -11.94 15.27 -25.98
CA GLN A 292 -12.26 15.92 -27.25
C GLN A 292 -11.30 17.08 -27.46
N VAL A 293 -11.28 17.64 -28.67
CA VAL A 293 -10.39 18.75 -28.99
C VAL A 293 -11.20 19.89 -29.58
N ARG A 294 -10.88 21.11 -29.17
CA ARG A 294 -11.54 22.30 -29.70
C ARG A 294 -10.53 23.31 -30.22
N CYS A 295 -10.84 23.86 -31.40
CA CYS A 295 -10.01 24.89 -32.02
C CYS A 295 -10.80 26.18 -32.12
N LEU A 296 -10.32 27.23 -31.47
CA LEU A 296 -11.00 28.52 -31.47
C LEU A 296 -10.73 29.28 -32.77
N PHE A 297 -11.72 30.04 -33.23
CA PHE A 297 -11.50 31.06 -34.24
C PHE A 297 -10.90 32.29 -33.58
N GLN A 298 -10.15 33.07 -34.34
CA GLN A 298 -9.58 34.31 -33.81
C GLN A 298 -10.70 35.31 -33.53
N SER A 299 -11.74 35.26 -34.36
CA SER A 299 -12.91 36.11 -34.17
C SER A 299 -14.17 35.28 -34.31
N PRO A 300 -15.07 35.35 -33.31
CA PRO A 300 -16.29 34.57 -33.46
C PRO A 300 -17.12 35.05 -34.63
N LEU A 301 -17.98 34.17 -35.12
CA LEU A 301 -18.87 34.48 -36.21
C LEU A 301 -20.31 34.37 -35.74
N PHE A 302 -21.12 35.35 -36.09
CA PHE A 302 -22.53 35.29 -35.77
C PHE A 302 -23.27 34.52 -36.85
N ALA A 303 -24.11 33.58 -36.42
CA ALA A 303 -24.89 32.77 -37.34
C ALA A 303 -26.32 32.61 -36.86
N LYS A 304 -27.25 32.83 -37.78
CA LYS A 304 -28.67 32.61 -37.51
C LYS A 304 -28.98 31.13 -37.55
N ALA A 305 -30.06 30.72 -36.90
CA ALA A 305 -30.52 29.36 -37.03
C ALA A 305 -31.04 29.28 -38.46
N GLY A 306 -30.54 28.30 -39.21
CA GLY A 306 -30.87 28.18 -40.62
C GLY A 306 -29.77 28.69 -41.55
N ASP A 307 -28.96 29.63 -41.08
CA ASP A 307 -27.82 30.10 -41.86
C ASP A 307 -26.84 28.96 -42.10
N THR A 308 -25.95 29.15 -43.06
CA THR A 308 -24.97 28.14 -43.41
C THR A 308 -23.55 28.61 -43.12
N LEU A 309 -22.79 27.76 -42.41
CA LEU A 309 -21.39 28.02 -42.13
C LEU A 309 -20.52 27.10 -42.98
N SER A 310 -19.86 27.67 -43.98
CA SER A 310 -19.07 26.89 -44.91
C SER A 310 -17.59 27.22 -44.78
N GLY A 311 -16.74 26.26 -45.12
CA GLY A 311 -15.31 26.48 -45.07
C GLY A 311 -14.51 25.20 -45.18
N THR A 312 -13.24 25.29 -44.79
CA THR A 312 -12.32 24.17 -44.95
C THR A 312 -11.44 24.01 -43.72
N CYS A 313 -11.19 22.76 -43.36
CA CYS A 313 -10.19 22.42 -42.36
C CYS A 313 -9.06 21.70 -43.07
N LEU A 314 -7.86 22.28 -43.05
CA LEU A 314 -6.72 21.72 -43.75
C LEU A 314 -5.64 21.29 -42.77
N LEU A 315 -5.26 20.02 -42.83
CA LEU A 315 -4.21 19.49 -41.97
C LEU A 315 -2.97 19.17 -42.79
N ILE A 316 -1.86 19.76 -42.42
CA ILE A 316 -0.60 19.54 -43.12
C ILE A 316 0.39 18.93 -42.14
N ALA A 317 0.85 17.73 -42.44
CA ALA A 317 1.77 17.01 -41.57
C ALA A 317 3.12 17.73 -41.48
N ASN A 318 3.70 17.75 -40.28
CA ASN A 318 5.02 18.33 -40.09
C ASN A 318 5.98 17.24 -39.62
N LYS A 319 7.27 17.56 -39.54
CA LYS A 319 8.25 16.54 -39.19
C LYS A 319 8.41 16.38 -37.68
N ARG A 320 7.60 17.11 -36.92
CA ARG A 320 7.59 16.97 -35.47
C ARG A 320 6.49 15.97 -35.07
N GLN A 321 6.19 15.06 -35.99
CA GLN A 321 5.22 13.99 -35.77
C GLN A 321 3.82 14.52 -35.47
N SER A 322 3.47 15.67 -36.03
CA SER A 322 2.14 16.21 -35.82
C SER A 322 1.63 16.97 -37.04
N TYR A 323 0.63 17.81 -36.81
CA TYR A 323 0.00 18.56 -37.89
C TYR A 323 -0.12 20.06 -37.59
N ASP A 324 -0.09 20.84 -38.67
CA ASP A 324 -0.46 22.24 -38.62
C ASP A 324 -1.88 22.34 -39.16
N ILE A 325 -2.77 22.96 -38.41
CA ILE A 325 -4.17 23.02 -38.78
C ILE A 325 -4.55 24.41 -39.26
N SER A 326 -5.13 24.48 -40.45
CA SER A 326 -5.65 25.74 -40.96
C SER A 326 -7.16 25.66 -41.12
N ILE A 327 -7.88 26.48 -40.37
CA ILE A 327 -9.34 26.50 -40.44
C ILE A 327 -9.80 27.87 -40.93
N VAL A 328 -10.60 27.88 -41.99
CA VAL A 328 -11.24 29.10 -42.45
C VAL A 328 -12.73 28.84 -42.61
N ALA A 329 -13.55 29.74 -42.05
CA ALA A 329 -15.00 29.59 -42.12
C ALA A 329 -15.67 30.92 -42.40
N GLN A 330 -16.80 30.87 -43.08
CA GLN A 330 -17.55 32.09 -43.39
C GLN A 330 -19.04 31.81 -43.36
N VAL A 331 -19.81 32.75 -42.82
CA VAL A 331 -21.26 32.69 -42.86
C VAL A 331 -21.71 33.17 -44.24
N ASP A 332 -22.33 32.26 -44.99
CA ASP A 332 -22.66 32.49 -46.38
C ASP A 332 -23.65 33.63 -46.57
N GLN A 333 -24.55 33.80 -45.61
CA GLN A 333 -25.60 34.80 -45.71
C GLN A 333 -25.10 36.22 -45.42
N THR A 334 -24.05 36.33 -44.61
CA THR A 334 -23.57 37.64 -44.19
C THR A 334 -22.20 37.96 -44.79
N GLY A 335 -21.45 36.92 -45.13
CA GLY A 335 -20.10 37.09 -45.64
C GLY A 335 -19.06 37.28 -44.56
N SER A 336 -19.49 37.18 -43.30
CA SER A 336 -18.56 37.27 -42.17
C SER A 336 -17.59 36.10 -42.20
N LYS A 337 -16.30 36.41 -42.18
CA LYS A 337 -15.27 35.41 -42.40
C LYS A 337 -14.32 35.34 -41.19
N SER A 338 -13.88 34.13 -40.86
CA SER A 338 -12.88 33.94 -39.81
C SER A 338 -11.95 32.77 -40.10
N SER A 339 -10.72 32.88 -39.62
CA SER A 339 -9.71 31.86 -39.82
C SER A 339 -8.95 31.57 -38.52
N ASN A 340 -8.09 30.55 -38.56
CA ASN A 340 -7.13 30.32 -37.49
C ASN A 340 -6.10 29.28 -37.90
N LEU A 341 -4.91 29.41 -37.33
CA LEU A 341 -3.82 28.46 -37.55
C LEU A 341 -3.38 27.84 -36.23
N LEU A 342 -3.35 26.52 -36.18
CA LEU A 342 -3.07 25.84 -34.93
C LEU A 342 -1.93 24.84 -35.07
N ASP A 343 -1.21 24.64 -33.97
CA ASP A 343 -0.14 23.65 -33.92
C ASP A 343 -0.57 22.51 -32.99
N LEU A 344 -1.00 21.41 -33.57
CA LEU A 344 -1.56 20.30 -32.81
C LEU A 344 -0.54 19.64 -31.87
N LYS A 345 0.75 19.82 -32.14
CA LYS A 345 1.79 19.16 -31.37
C LYS A 345 1.80 19.57 -29.91
N ASN A 346 1.41 20.80 -29.63
CA ASN A 346 1.47 21.33 -28.27
C ASN A 346 0.12 21.89 -27.84
N PRO A 347 -0.81 21.00 -27.47
CA PRO A 347 -2.16 21.42 -27.09
C PRO A 347 -2.21 21.97 -25.68
N PHE A 348 -3.36 22.52 -25.32
CA PHE A 348 -3.57 23.02 -23.98
C PHE A 348 -4.51 22.06 -23.26
N PHE A 349 -3.98 21.32 -22.30
CA PHE A 349 -4.79 20.37 -21.55
C PHE A 349 -5.52 21.14 -20.47
N ARG A 350 -6.82 21.28 -20.66
CA ARG A 350 -7.64 22.13 -19.81
C ARG A 350 -8.47 21.35 -18.80
N TYR A 351 -8.66 20.06 -19.06
CA TYR A 351 -9.55 19.22 -18.25
C TYR A 351 -9.27 19.33 -16.75
N THR A 352 -10.33 19.26 -15.95
CA THR A 352 -10.24 19.36 -14.49
C THR A 352 -11.47 18.72 -13.86
N SER B 10 31.22 23.32 -29.48
CA SER B 10 31.19 24.05 -28.21
C SER B 10 31.07 23.10 -27.04
N VAL B 11 31.27 23.60 -25.83
CA VAL B 11 31.25 22.76 -24.65
C VAL B 11 29.82 22.29 -24.37
N PHE B 12 28.84 23.03 -24.89
CA PHE B 12 27.43 22.71 -24.66
C PHE B 12 27.02 21.45 -25.42
N SER B 13 27.43 21.35 -26.68
CA SER B 13 27.09 20.21 -27.50
C SER B 13 27.83 18.97 -27.02
N GLU B 14 28.95 19.20 -26.34
CA GLU B 14 29.79 18.11 -25.83
C GLU B 14 29.14 17.43 -24.64
N ARG B 15 28.27 18.16 -23.95
CA ARG B 15 27.62 17.65 -22.75
C ARG B 15 26.11 17.46 -22.90
N THR B 16 25.59 17.58 -24.11
CA THR B 16 24.14 17.52 -24.30
C THR B 16 23.71 16.78 -25.58
N GLU B 17 22.72 15.92 -25.43
CA GLU B 17 22.04 15.30 -26.55
C GLU B 17 21.22 16.32 -27.33
N GLU B 18 21.30 16.29 -28.66
CA GLU B 18 20.59 17.27 -29.48
C GLU B 18 19.10 17.20 -29.16
N SER B 19 18.59 15.98 -29.00
CA SER B 19 17.18 15.75 -28.68
C SER B 19 16.71 16.56 -27.48
N SER B 20 17.52 16.54 -26.42
CA SER B 20 17.17 17.25 -25.19
C SER B 20 17.25 18.78 -25.34
N ALA B 21 18.29 19.25 -26.02
CA ALA B 21 18.50 20.69 -26.17
C ALA B 21 17.38 21.35 -26.97
N VAL B 22 16.98 20.70 -28.07
CA VAL B 22 15.90 21.19 -28.91
C VAL B 22 14.65 21.32 -28.07
N GLN B 23 14.34 20.25 -27.34
CA GLN B 23 13.18 20.20 -26.45
C GLN B 23 13.25 21.30 -25.39
N TYR B 24 14.44 21.49 -24.85
CA TYR B 24 14.68 22.44 -23.79
C TYR B 24 14.38 23.88 -24.22
N PHE B 25 14.93 24.27 -25.36
CA PHE B 25 14.82 25.64 -25.81
C PHE B 25 13.49 25.95 -26.50
N GLN B 26 12.82 24.91 -27.01
CA GLN B 26 11.45 25.08 -27.49
C GLN B 26 10.53 25.39 -26.32
N PHE B 27 10.73 24.67 -25.22
CA PHE B 27 9.95 24.88 -24.00
C PHE B 27 10.02 26.35 -23.56
N TYR B 28 11.23 26.90 -23.56
CA TYR B 28 11.44 28.26 -23.08
C TYR B 28 11.12 29.30 -24.14
N GLY B 29 10.74 28.85 -25.34
CA GLY B 29 10.35 29.76 -26.39
C GLY B 29 8.92 30.25 -26.28
N TYR B 30 8.17 29.69 -25.34
CA TYR B 30 6.76 30.06 -25.13
C TYR B 30 6.61 31.21 -24.15
N LEU B 31 5.84 32.22 -24.55
CA LEU B 31 5.54 33.36 -23.69
C LEU B 31 4.75 32.95 -22.45
N SER B 32 3.94 31.90 -22.57
CA SER B 32 3.13 31.42 -21.44
C SER B 32 4.02 30.96 -20.29
N GLN B 33 5.18 30.42 -20.63
CA GLN B 33 6.15 29.98 -19.63
C GLN B 33 6.87 31.17 -19.02
N GLN B 34 7.19 32.16 -19.85
CA GLN B 34 7.78 33.41 -19.35
C GLN B 34 6.83 34.05 -18.34
N GLN B 35 5.54 34.03 -18.68
CA GLN B 35 4.50 34.59 -17.81
C GLN B 35 4.46 33.86 -16.48
N ASN B 36 4.50 32.54 -16.52
CA ASN B 36 4.45 31.72 -15.32
C ASN B 36 5.61 32.07 -14.39
N MET B 37 6.80 32.20 -14.97
CA MET B 37 7.99 32.54 -14.22
C MET B 37 7.87 33.92 -13.58
N MET B 38 7.36 34.87 -14.36
CA MET B 38 7.29 36.27 -13.94
C MET B 38 6.23 36.52 -12.86
N GLN B 39 5.17 35.71 -12.85
CA GLN B 39 4.09 35.91 -11.89
C GLN B 39 4.44 35.31 -10.54
N ASP B 40 5.66 34.81 -10.41
CA ASP B 40 6.19 34.41 -9.11
C ASP B 40 6.78 35.64 -8.41
N TYR B 41 5.96 36.29 -7.58
CA TYR B 41 6.38 37.54 -6.93
C TYR B 41 7.62 37.37 -6.09
N VAL B 42 7.74 36.24 -5.39
CA VAL B 42 8.91 36.00 -4.55
C VAL B 42 10.16 36.06 -5.42
N ARG B 43 10.15 35.26 -6.49
CA ARG B 43 11.30 35.19 -7.39
C ARG B 43 11.60 36.56 -7.99
N THR B 44 10.62 37.14 -8.68
CA THR B 44 10.84 38.37 -9.42
C THR B 44 11.14 39.54 -8.49
N GLY B 45 10.37 39.66 -7.41
CA GLY B 45 10.57 40.71 -6.44
C GLY B 45 11.92 40.62 -5.74
N THR B 46 12.32 39.40 -5.40
CA THR B 46 13.58 39.19 -4.70
C THR B 46 14.77 39.55 -5.60
N TYR B 47 14.67 39.18 -6.88
CA TYR B 47 15.71 39.55 -7.83
C TYR B 47 15.84 41.06 -7.97
N GLN B 48 14.70 41.74 -8.04
CA GLN B 48 14.71 43.19 -8.15
C GLN B 48 15.26 43.85 -6.90
N ARG B 49 14.88 43.36 -5.73
CA ARG B 49 15.38 43.88 -4.47
C ARG B 49 16.91 43.74 -4.43
N ALA B 50 17.41 42.57 -4.83
CA ALA B 50 18.84 42.28 -4.80
C ALA B 50 19.62 43.25 -5.69
N ILE B 51 19.09 43.50 -6.89
CA ILE B 51 19.77 44.34 -7.87
C ILE B 51 19.69 45.82 -7.48
N LEU B 52 18.50 46.28 -7.13
CA LEU B 52 18.29 47.70 -6.88
C LEU B 52 18.93 48.17 -5.57
N GLN B 53 18.88 47.34 -4.53
CA GLN B 53 19.49 47.73 -3.27
C GLN B 53 21.00 47.57 -3.31
N ASN B 54 21.51 46.88 -4.32
CA ASN B 54 22.95 46.83 -4.58
C ASN B 54 23.25 47.55 -5.89
N HIS B 55 22.54 48.65 -6.12
CA HIS B 55 22.62 49.37 -7.39
C HIS B 55 24.02 49.88 -7.70
N THR B 56 24.81 50.13 -6.66
CA THR B 56 26.16 50.66 -6.85
C THR B 56 27.04 49.62 -7.54
N ASP B 57 26.67 48.34 -7.43
CA ASP B 57 27.39 47.27 -8.10
C ASP B 57 27.06 47.23 -9.59
N PHE B 58 26.13 48.06 -10.02
CA PHE B 58 25.66 48.06 -11.39
C PHE B 58 25.87 49.42 -12.05
N LYS B 59 25.88 50.47 -11.24
CA LYS B 59 25.91 51.84 -11.77
C LYS B 59 27.11 52.03 -12.70
N ASP B 60 26.82 52.34 -13.96
CA ASP B 60 27.85 52.64 -14.96
C ASP B 60 28.79 51.46 -15.19
N LYS B 61 28.25 50.25 -15.12
CA LYS B 61 29.03 49.04 -15.34
C LYS B 61 28.57 48.26 -16.57
N ILE B 62 29.42 47.34 -17.02
CA ILE B 62 29.07 46.42 -18.09
C ILE B 62 28.52 45.14 -17.45
N VAL B 63 27.36 44.70 -17.93
CA VAL B 63 26.68 43.55 -17.35
C VAL B 63 26.44 42.47 -18.40
N LEU B 64 26.54 41.22 -17.97
CA LEU B 64 26.15 40.09 -18.80
C LEU B 64 25.00 39.33 -18.15
N ASP B 65 23.89 39.22 -18.88
CA ASP B 65 22.72 38.49 -18.40
C ASP B 65 22.55 37.16 -19.14
N VAL B 66 22.78 36.05 -18.44
CA VAL B 66 22.75 34.74 -19.05
C VAL B 66 21.34 34.13 -18.96
N GLY B 67 20.75 33.85 -20.11
CA GLY B 67 19.42 33.31 -20.18
C GLY B 67 18.40 34.33 -19.73
N CYS B 68 18.42 35.48 -20.41
CA CYS B 68 17.58 36.62 -20.06
C CYS B 68 16.10 36.34 -20.29
N GLY B 69 15.80 35.36 -21.16
CA GLY B 69 14.43 35.06 -21.49
C GLY B 69 13.70 36.28 -22.02
N SER B 70 12.68 36.71 -21.28
CA SER B 70 11.93 37.90 -21.62
C SER B 70 12.79 39.16 -21.48
N GLY B 71 13.83 39.08 -20.66
CA GLY B 71 14.75 40.19 -20.48
C GLY B 71 14.57 40.93 -19.18
N ILE B 72 13.70 40.42 -18.31
CA ILE B 72 13.34 41.12 -17.09
C ILE B 72 14.56 41.52 -16.27
N LEU B 73 15.53 40.61 -16.12
CA LEU B 73 16.72 40.89 -15.33
C LEU B 73 17.56 41.99 -15.95
N SER B 74 17.58 42.05 -17.27
CA SER B 74 18.31 43.11 -17.97
C SER B 74 17.71 44.46 -17.60
N PHE B 75 16.38 44.50 -17.56
CA PHE B 75 15.67 45.74 -17.25
C PHE B 75 15.96 46.18 -15.82
N PHE B 76 16.04 45.24 -14.89
CA PHE B 76 16.40 45.56 -13.52
C PHE B 76 17.79 46.20 -13.50
N ALA B 77 18.72 45.59 -14.21
CA ALA B 77 20.08 46.12 -14.30
C ALA B 77 20.10 47.51 -14.93
N ALA B 78 19.23 47.73 -15.92
CA ALA B 78 19.15 49.03 -16.58
C ALA B 78 18.60 50.07 -15.61
N GLN B 79 17.61 49.67 -14.81
CA GLN B 79 17.05 50.53 -13.79
C GLN B 79 18.11 50.90 -12.76
N ALA B 80 19.01 49.97 -12.48
CA ALA B 80 20.06 50.18 -11.50
C ALA B 80 21.17 51.10 -12.01
N GLY B 81 21.17 51.37 -13.31
CA GLY B 81 22.08 52.35 -13.88
C GLY B 81 23.24 51.79 -14.67
N ALA B 82 23.14 50.52 -15.06
CA ALA B 82 24.21 49.87 -15.81
C ALA B 82 24.52 50.62 -17.09
N ARG B 83 25.80 50.64 -17.47
CA ARG B 83 26.22 51.31 -18.69
C ARG B 83 25.75 50.52 -19.90
N LYS B 84 25.90 49.20 -19.84
CA LYS B 84 25.49 48.35 -20.94
C LYS B 84 25.27 46.91 -20.47
N ILE B 85 24.19 46.32 -20.96
CA ILE B 85 23.87 44.95 -20.61
C ILE B 85 23.85 44.09 -21.86
N TYR B 86 24.68 43.06 -21.86
CA TYR B 86 24.64 42.06 -22.92
C TYR B 86 23.74 40.94 -22.45
N ALA B 87 22.61 40.78 -23.13
CA ALA B 87 21.63 39.78 -22.75
C ALA B 87 21.68 38.62 -23.73
N VAL B 88 22.10 37.47 -23.24
CA VAL B 88 22.27 36.30 -24.08
C VAL B 88 21.11 35.33 -23.88
N GLU B 89 20.49 34.91 -24.99
CA GLU B 89 19.35 34.00 -24.95
C GLU B 89 19.34 33.09 -26.18
N ALA B 90 19.20 31.79 -25.94
CA ALA B 90 19.31 30.78 -27.00
C ALA B 90 17.97 30.42 -27.65
N SER B 91 16.87 30.67 -26.95
CA SER B 91 15.55 30.36 -27.49
C SER B 91 15.07 31.47 -28.42
N THR B 92 13.91 31.28 -29.03
CA THR B 92 13.34 32.29 -29.91
C THR B 92 12.79 33.47 -29.10
N MET B 93 12.80 33.33 -27.78
CA MET B 93 12.43 34.42 -26.89
C MET B 93 13.32 35.65 -27.11
N ALA B 94 14.52 35.42 -27.64
CA ALA B 94 15.45 36.50 -27.89
C ALA B 94 14.81 37.59 -28.76
N GLN B 95 14.01 37.17 -29.74
CA GLN B 95 13.33 38.10 -30.63
C GLN B 95 12.23 38.91 -29.92
N HIS B 96 11.60 38.31 -28.91
CA HIS B 96 10.59 39.03 -28.13
C HIS B 96 11.27 40.01 -27.18
N ALA B 97 12.42 39.63 -26.65
CA ALA B 97 13.17 40.49 -25.75
C ALA B 97 13.54 41.82 -26.41
N GLU B 98 14.04 41.78 -27.63
CA GLU B 98 14.46 43.00 -28.30
C GLU B 98 13.24 43.89 -28.58
N VAL B 99 12.08 43.28 -28.72
CA VAL B 99 10.86 44.05 -28.95
C VAL B 99 10.58 44.88 -27.70
N LEU B 100 10.75 44.28 -26.53
CA LEU B 100 10.53 45.00 -25.28
C LEU B 100 11.59 46.08 -25.09
N VAL B 101 12.83 45.77 -25.46
CA VAL B 101 13.93 46.71 -25.31
C VAL B 101 13.66 47.96 -26.15
N LYS B 102 13.08 47.78 -27.33
CA LYS B 102 12.81 48.90 -28.22
C LYS B 102 11.62 49.72 -27.71
N SER B 103 10.55 49.03 -27.31
CA SER B 103 9.35 49.69 -26.82
C SER B 103 9.55 50.35 -25.47
N ASN B 104 10.62 49.98 -24.77
CA ASN B 104 10.99 50.61 -23.51
C ASN B 104 12.12 51.63 -23.68
N ASN B 105 12.48 51.91 -24.93
CA ASN B 105 13.52 52.90 -25.25
C ASN B 105 14.85 52.64 -24.54
N LEU B 106 15.36 51.43 -24.65
CA LEU B 106 16.60 51.07 -23.95
C LEU B 106 17.63 50.46 -24.90
N THR B 107 17.49 50.74 -26.19
CA THR B 107 18.38 50.17 -27.21
C THR B 107 19.83 50.64 -27.06
N ASP B 108 20.01 51.80 -26.43
CA ASP B 108 21.34 52.34 -26.18
C ASP B 108 22.05 51.61 -25.03
N ARG B 109 21.30 50.83 -24.26
CA ARG B 109 21.84 50.25 -23.03
C ARG B 109 21.75 48.72 -22.98
N ILE B 110 20.67 48.16 -23.52
CA ILE B 110 20.51 46.70 -23.54
C ILE B 110 20.75 46.19 -24.95
N VAL B 111 21.68 45.25 -25.09
CA VAL B 111 21.96 44.63 -26.37
C VAL B 111 21.68 43.13 -26.28
N VAL B 112 20.68 42.69 -27.05
CA VAL B 112 20.33 41.28 -27.07
C VAL B 112 21.23 40.55 -28.06
N ILE B 113 21.85 39.47 -27.59
CA ILE B 113 22.73 38.65 -28.40
C ILE B 113 22.12 37.25 -28.47
N PRO B 114 21.51 36.88 -29.60
CA PRO B 114 20.94 35.54 -29.68
C PRO B 114 22.00 34.45 -29.77
N GLY B 115 21.81 33.37 -29.03
CA GLY B 115 22.74 32.26 -29.04
C GLY B 115 23.06 31.74 -27.67
N LYS B 116 23.82 30.66 -27.63
CA LYS B 116 24.24 30.06 -26.37
C LYS B 116 25.51 30.73 -25.88
N VAL B 117 25.60 30.97 -24.58
CA VAL B 117 26.72 31.70 -24.01
C VAL B 117 28.03 30.95 -24.30
N GLU B 118 27.92 29.64 -24.54
CA GLU B 118 29.09 28.84 -24.86
C GLU B 118 29.50 29.00 -26.32
N GLU B 119 28.69 29.70 -27.10
CA GLU B 119 28.89 29.79 -28.54
C GLU B 119 29.02 31.23 -29.04
N VAL B 120 28.50 32.19 -28.27
CA VAL B 120 28.52 33.58 -28.72
C VAL B 120 29.87 34.22 -28.47
N SER B 121 30.13 35.31 -29.19
CA SER B 121 31.29 36.15 -28.95
C SER B 121 30.81 37.48 -28.36
N LEU B 122 31.38 37.89 -27.24
CA LEU B 122 31.03 39.16 -26.63
C LEU B 122 32.07 40.21 -26.93
N PRO B 123 31.65 41.49 -27.07
CA PRO B 123 32.61 42.53 -27.45
C PRO B 123 33.67 42.77 -26.38
N GLU B 124 33.31 42.57 -25.12
CA GLU B 124 34.19 42.92 -24.02
C GLU B 124 33.94 42.06 -22.78
N GLN B 125 34.89 42.10 -21.83
CA GLN B 125 34.71 41.48 -20.53
C GLN B 125 33.72 42.30 -19.72
N VAL B 126 33.11 41.68 -18.70
CA VAL B 126 32.07 42.36 -17.94
C VAL B 126 32.42 42.45 -16.45
N ASP B 127 31.72 43.37 -15.78
CA ASP B 127 31.95 43.64 -14.37
C ASP B 127 31.14 42.67 -13.51
N ILE B 128 29.96 42.31 -13.99
CA ILE B 128 29.08 41.43 -13.23
C ILE B 128 28.23 40.57 -14.15
N ILE B 129 27.99 39.33 -13.73
CA ILE B 129 27.09 38.42 -14.44
C ILE B 129 25.85 38.21 -13.59
N ILE B 130 24.68 38.30 -14.22
CA ILE B 130 23.43 38.00 -13.55
C ILE B 130 22.73 36.88 -14.30
N SER B 131 21.91 36.12 -13.60
CA SER B 131 21.21 34.99 -14.20
C SER B 131 20.26 34.34 -13.21
N GLU B 132 19.36 33.52 -13.74
CA GLU B 132 18.50 32.68 -12.91
C GLU B 132 18.68 31.22 -13.34
N PRO B 133 19.80 30.60 -12.92
CA PRO B 133 20.17 29.25 -13.38
C PRO B 133 19.60 28.10 -12.55
N MET B 134 18.79 28.41 -11.55
CA MET B 134 18.31 27.37 -10.64
C MET B 134 17.11 26.63 -11.22
N GLY B 135 17.18 25.30 -11.14
CA GLY B 135 16.04 24.45 -11.48
C GLY B 135 15.57 23.73 -10.24
N TYR B 136 14.70 22.75 -10.41
CA TYR B 136 14.29 21.91 -9.30
C TYR B 136 15.54 21.36 -8.63
N MET B 137 15.56 21.38 -7.30
CA MET B 137 16.71 20.89 -6.54
C MET B 137 17.96 21.70 -6.89
N LEU B 138 17.77 22.88 -7.47
CA LEU B 138 18.86 23.79 -7.87
C LEU B 138 19.57 23.33 -9.14
N PHE B 139 19.95 22.05 -9.20
CA PHE B 139 20.89 21.59 -10.23
C PHE B 139 20.21 21.15 -11.52
N ASN B 140 18.91 20.89 -11.47
CA ASN B 140 18.17 20.46 -12.67
C ASN B 140 18.37 21.44 -13.82
N GLU B 141 18.34 20.91 -15.04
CA GLU B 141 18.52 21.67 -16.29
C GLU B 141 19.99 21.98 -16.57
N ARG B 142 20.85 21.77 -15.58
CA ARG B 142 22.29 21.94 -15.78
C ARG B 142 22.65 23.33 -16.31
N MET B 143 21.86 24.33 -15.96
CA MET B 143 22.15 25.68 -16.44
C MET B 143 23.27 26.30 -15.61
N LEU B 144 23.53 25.73 -14.44
CA LEU B 144 24.59 26.24 -13.58
C LEU B 144 25.95 26.18 -14.26
N GLU B 145 26.11 25.23 -15.19
CA GLU B 145 27.38 25.09 -15.89
C GLU B 145 27.55 26.14 -16.98
N SER B 146 26.44 26.63 -17.52
CA SER B 146 26.51 27.70 -18.49
C SER B 146 26.84 28.99 -17.77
N TYR B 147 26.27 29.12 -16.56
CA TYR B 147 26.53 30.26 -15.69
C TYR B 147 28.01 30.36 -15.36
N LEU B 148 28.62 29.23 -15.00
CA LEU B 148 30.04 29.20 -14.67
C LEU B 148 30.91 29.32 -15.92
N HIS B 149 30.43 28.81 -17.04
CA HIS B 149 31.13 28.98 -18.31
C HIS B 149 31.29 30.46 -18.65
N ALA B 150 30.23 31.22 -18.42
CA ALA B 150 30.19 32.65 -18.74
C ALA B 150 31.25 33.45 -17.98
N LYS B 151 31.85 32.83 -16.98
CA LYS B 151 32.87 33.48 -16.16
C LYS B 151 34.13 33.82 -16.97
N LYS B 152 34.23 33.27 -18.17
CA LYS B 152 35.33 33.58 -19.08
C LYS B 152 35.26 35.05 -19.52
N TYR B 153 34.08 35.64 -19.48
CA TYR B 153 33.91 37.04 -19.85
C TYR B 153 33.96 37.96 -18.63
N LEU B 154 34.21 37.39 -17.46
CA LEU B 154 34.19 38.16 -16.22
C LEU B 154 35.57 38.71 -15.86
N LYS B 155 35.62 39.98 -15.47
CA LYS B 155 36.87 40.59 -15.01
C LYS B 155 37.33 39.92 -13.73
N PRO B 156 38.64 39.99 -13.44
CA PRO B 156 39.18 39.41 -12.20
C PRO B 156 38.46 39.95 -10.96
N SER B 157 38.10 41.22 -11.00
CA SER B 157 37.47 41.89 -9.87
C SER B 157 35.95 41.87 -9.97
N GLY B 158 35.41 41.01 -10.83
CA GLY B 158 33.97 40.94 -11.04
C GLY B 158 33.17 40.18 -10.00
N ASN B 159 31.86 40.31 -10.08
CA ASN B 159 30.93 39.67 -9.15
C ASN B 159 29.88 38.85 -9.90
N MET B 160 29.16 38.00 -9.17
CA MET B 160 28.11 37.17 -9.76
C MET B 160 26.83 37.18 -8.93
N PHE B 161 25.71 37.37 -9.62
CA PHE B 161 24.39 37.40 -9.01
C PHE B 161 23.50 36.32 -9.62
N PRO B 162 23.20 35.25 -8.88
CA PRO B 162 23.51 34.96 -7.48
C PRO B 162 24.97 34.62 -7.26
N THR B 163 25.44 34.78 -6.02
CA THR B 163 26.84 34.56 -5.70
C THR B 163 27.10 33.15 -5.18
N ILE B 164 26.19 32.65 -4.34
CA ILE B 164 26.33 31.32 -3.76
C ILE B 164 25.01 30.58 -3.74
N GLY B 165 25.08 29.25 -3.65
CA GLY B 165 23.90 28.41 -3.54
C GLY B 165 23.99 27.41 -2.40
N ASP B 166 22.88 27.24 -1.70
CA ASP B 166 22.79 26.28 -0.59
C ASP B 166 21.74 25.23 -0.88
N VAL B 167 22.15 23.97 -0.89
CA VAL B 167 21.18 22.87 -0.93
C VAL B 167 20.90 22.45 0.50
N HIS B 168 19.63 22.21 0.82
CA HIS B 168 19.25 21.76 2.15
C HIS B 168 18.59 20.39 2.08
N LEU B 169 19.03 19.49 2.95
CA LEU B 169 18.49 18.13 3.04
C LEU B 169 17.93 17.86 4.41
N ALA B 170 16.79 17.17 4.47
CA ALA B 170 16.23 16.75 5.74
C ALA B 170 15.39 15.48 5.55
N PRO B 171 15.44 14.57 6.54
CA PRO B 171 14.59 13.37 6.48
C PRO B 171 13.15 13.70 6.82
N PHE B 172 12.20 12.98 6.23
CA PHE B 172 10.79 13.25 6.48
C PHE B 172 10.00 11.97 6.67
N THR B 173 8.79 12.11 7.20
CA THR B 173 7.86 10.99 7.31
C THR B 173 6.52 11.40 6.69
N ASP B 174 6.07 10.62 5.72
CA ASP B 174 4.78 10.88 5.07
C ASP B 174 4.17 9.58 4.55
N GLU B 175 3.45 8.91 5.44
CA GLU B 175 2.84 7.61 5.13
C GLU B 175 1.90 7.72 3.92
N GLN B 176 1.22 8.86 3.81
CA GLN B 176 0.23 9.08 2.77
C GLN B 176 0.87 9.14 1.38
N LEU B 177 2.03 9.79 1.28
CA LEU B 177 2.76 9.88 0.03
C LEU B 177 3.30 8.52 -0.42
N TYR B 178 3.86 7.78 0.54
CA TYR B 178 4.44 6.46 0.26
C TYR B 178 3.37 5.49 -0.24
N MET B 179 2.21 5.49 0.42
CA MET B 179 1.13 4.60 0.06
C MET B 179 0.54 4.98 -1.29
N GLU B 180 0.59 6.27 -1.61
CA GLU B 180 0.07 6.75 -2.89
C GLU B 180 0.83 6.10 -4.05
N GLN B 181 2.16 6.09 -3.94
CA GLN B 181 3.00 5.52 -4.99
C GLN B 181 2.90 4.01 -5.05
N PHE B 182 2.67 3.38 -3.91
CA PHE B 182 2.57 1.92 -3.87
C PHE B 182 1.20 1.47 -4.38
N THR B 183 0.18 2.30 -4.16
CA THR B 183 -1.15 2.03 -4.68
C THR B 183 -1.09 1.98 -6.21
N LYS B 184 -0.28 2.86 -6.80
CA LYS B 184 -0.13 2.93 -8.25
C LYS B 184 0.64 1.73 -8.81
N ALA B 185 1.72 1.34 -8.13
CA ALA B 185 2.55 0.22 -8.58
C ALA B 185 1.83 -1.12 -8.45
N ASN B 186 0.84 -1.19 -7.55
CA ASN B 186 0.15 -2.44 -7.29
C ASN B 186 -0.68 -2.91 -8.50
N PHE B 187 -0.89 -2.00 -9.45
CA PHE B 187 -1.53 -2.37 -10.71
C PHE B 187 -0.79 -3.52 -11.39
N TRP B 188 0.53 -3.51 -11.32
CA TRP B 188 1.37 -4.47 -12.01
C TRP B 188 1.55 -5.78 -11.25
N TYR B 189 0.87 -5.92 -10.11
CA TYR B 189 0.92 -7.16 -9.34
C TYR B 189 -0.24 -8.08 -9.76
N GLN B 190 -1.06 -7.60 -10.69
CA GLN B 190 -2.25 -8.36 -11.12
C GLN B 190 -1.96 -9.69 -11.81
N PRO B 191 -2.60 -10.77 -11.34
CA PRO B 191 -2.35 -12.08 -11.96
C PRO B 191 -3.20 -12.32 -13.20
N SER B 192 -4.25 -11.53 -13.39
CA SER B 192 -5.13 -11.69 -14.52
C SER B 192 -5.85 -10.39 -14.89
N PHE B 193 -5.13 -9.49 -15.54
CA PHE B 193 -5.72 -8.28 -16.09
C PHE B 193 -6.24 -8.58 -17.49
N HIS B 194 -7.57 -8.68 -17.62
CA HIS B 194 -8.19 -9.11 -18.87
C HIS B 194 -7.58 -10.43 -19.32
N GLY B 195 -7.22 -11.28 -18.37
CA GLY B 195 -6.69 -12.60 -18.67
C GLY B 195 -5.18 -12.63 -18.86
N VAL B 196 -4.50 -11.55 -18.50
CA VAL B 196 -3.06 -11.44 -18.69
C VAL B 196 -2.37 -11.27 -17.35
N ASP B 197 -1.27 -12.01 -17.17
CA ASP B 197 -0.50 -11.94 -15.93
C ASP B 197 0.61 -10.88 -16.04
N LEU B 198 0.44 -9.79 -15.30
CA LEU B 198 1.37 -8.67 -15.36
C LEU B 198 2.46 -8.78 -14.30
N SER B 199 2.28 -9.73 -13.38
CA SER B 199 3.09 -9.80 -12.17
C SER B 199 4.60 -9.87 -12.41
N ALA B 200 5.03 -10.36 -13.56
CA ALA B 200 6.45 -10.47 -13.82
C ALA B 200 7.11 -9.08 -13.82
N LEU B 201 6.29 -8.04 -13.98
CA LEU B 201 6.79 -6.68 -14.09
C LEU B 201 6.62 -5.82 -12.82
N ARG B 202 6.08 -6.38 -11.74
CA ARG B 202 5.91 -5.60 -10.51
C ARG B 202 7.23 -4.99 -10.05
N GLY B 203 8.31 -5.77 -10.13
CA GLY B 203 9.60 -5.28 -9.74
C GLY B 203 10.00 -4.07 -10.55
N ALA B 204 9.80 -4.14 -11.86
CA ALA B 204 10.14 -3.03 -12.75
C ALA B 204 9.27 -1.81 -12.47
N ALA B 205 7.98 -2.05 -12.20
CA ALA B 205 7.05 -0.96 -11.96
C ALA B 205 7.37 -0.18 -10.70
N VAL B 206 7.60 -0.89 -9.60
CA VAL B 206 7.90 -0.25 -8.32
C VAL B 206 9.12 0.66 -8.49
N ASP B 207 10.17 0.12 -9.09
CA ASP B 207 11.39 0.87 -9.30
C ASP B 207 11.13 2.17 -10.06
N GLU B 208 10.38 2.08 -11.14
CA GLU B 208 10.09 3.24 -11.98
C GLU B 208 9.35 4.35 -11.22
N TYR B 209 8.32 3.97 -10.46
CA TYR B 209 7.52 4.97 -9.74
C TYR B 209 8.30 5.64 -8.62
N PHE B 210 9.18 4.88 -7.97
CA PHE B 210 9.98 5.40 -6.88
C PHE B 210 11.21 6.15 -7.42
N ARG B 211 11.41 6.04 -8.73
CA ARG B 211 12.48 6.74 -9.43
C ARG B 211 12.08 8.20 -9.67
N GLN B 212 10.83 8.54 -9.34
CA GLN B 212 10.30 9.88 -9.56
C GLN B 212 10.48 10.79 -8.35
N PRO B 213 11.22 11.90 -8.52
CA PRO B 213 11.21 12.86 -7.41
C PRO B 213 9.84 13.51 -7.30
N VAL B 214 9.35 13.71 -6.09
CA VAL B 214 8.02 14.29 -5.91
C VAL B 214 8.16 15.79 -5.70
N VAL B 215 7.56 16.56 -6.60
CA VAL B 215 7.59 18.02 -6.49
C VAL B 215 6.25 18.49 -5.94
N ASP B 216 6.31 19.17 -4.80
CA ASP B 216 5.14 19.76 -4.16
C ASP B 216 5.62 20.47 -2.92
N THR B 217 4.68 20.90 -2.08
CA THR B 217 5.02 21.51 -0.80
C THR B 217 4.51 20.63 0.32
N PHE B 218 4.88 20.95 1.55
CA PHE B 218 4.49 20.13 2.68
C PHE B 218 4.62 20.87 4.00
N ASP B 219 3.96 20.36 5.02
CA ASP B 219 4.04 20.92 6.36
C ASP B 219 5.36 20.51 6.99
N ILE B 220 6.05 21.46 7.63
CA ILE B 220 7.39 21.21 8.15
C ILE B 220 7.41 20.23 9.33
N ARG B 221 6.25 19.93 9.90
CA ARG B 221 6.22 19.03 11.05
C ARG B 221 6.54 17.58 10.64
N ILE B 222 6.62 17.32 9.34
CA ILE B 222 6.97 15.98 8.88
C ILE B 222 8.48 15.80 8.92
N LEU B 223 9.21 16.88 9.12
CA LEU B 223 10.67 16.81 9.17
C LEU B 223 11.12 16.27 10.52
N MET B 224 12.05 15.32 10.47
CA MET B 224 12.43 14.56 11.65
C MET B 224 13.78 14.97 12.23
N ALA B 225 14.44 15.95 11.63
CA ALA B 225 15.75 16.38 12.09
C ALA B 225 16.19 17.70 11.48
N LYS B 226 17.15 18.37 12.13
CA LYS B 226 17.72 19.60 11.60
C LYS B 226 18.35 19.31 10.23
N SER B 227 18.19 20.23 9.29
CA SER B 227 18.63 19.98 7.92
C SER B 227 20.14 20.05 7.78
N VAL B 228 20.65 19.44 6.72
CA VAL B 228 22.07 19.48 6.38
C VAL B 228 22.24 20.37 5.16
N LYS B 229 23.35 21.10 5.13
CA LYS B 229 23.58 22.09 4.08
C LYS B 229 24.80 21.76 3.23
N TYR B 230 24.65 21.94 1.93
CA TYR B 230 25.76 21.84 0.98
C TYR B 230 25.83 23.13 0.20
N THR B 231 26.96 23.82 0.28
CA THR B 231 27.08 25.15 -0.30
C THR B 231 27.94 25.15 -1.56
N VAL B 232 27.46 25.83 -2.59
CA VAL B 232 28.23 26.05 -3.81
C VAL B 232 28.54 27.53 -3.98
N ASN B 233 29.81 27.89 -4.02
CA ASN B 233 30.21 29.27 -4.29
C ASN B 233 30.51 29.43 -5.77
N PHE B 234 29.61 30.12 -6.47
CA PHE B 234 29.68 30.23 -7.92
C PHE B 234 30.86 31.08 -8.41
N LEU B 235 31.45 31.86 -7.52
CA LEU B 235 32.55 32.73 -7.90
C LEU B 235 33.88 31.99 -8.07
N GLU B 236 34.07 30.93 -7.28
CA GLU B 236 35.33 30.18 -7.35
C GLU B 236 35.17 28.80 -8.01
N ALA B 237 33.94 28.30 -8.10
CA ALA B 237 33.69 26.98 -8.67
C ALA B 237 33.95 26.94 -10.19
N LYS B 238 34.28 25.76 -10.69
CA LYS B 238 34.51 25.55 -12.12
C LYS B 238 33.47 24.60 -12.74
N GLU B 239 33.37 24.63 -14.07
CA GLU B 239 32.40 23.80 -14.78
C GLU B 239 32.52 22.32 -14.42
N GLY B 240 33.74 21.83 -14.35
CA GLY B 240 34.00 20.42 -14.08
C GLY B 240 33.50 19.95 -12.73
N ASP B 241 33.31 20.90 -11.82
CA ASP B 241 32.92 20.58 -10.45
C ASP B 241 31.48 20.07 -10.35
N LEU B 242 30.69 20.34 -11.39
CA LEU B 242 29.26 20.04 -11.36
C LEU B 242 28.89 18.75 -12.09
N HIS B 243 29.89 18.05 -12.62
CA HIS B 243 29.62 16.80 -13.31
C HIS B 243 29.31 15.71 -12.29
N ARG B 244 29.94 15.81 -11.13
CA ARG B 244 29.69 14.86 -10.05
C ARG B 244 29.64 15.60 -8.72
N ILE B 245 28.46 15.65 -8.12
CA ILE B 245 28.26 16.34 -6.86
C ILE B 245 27.94 15.31 -5.78
N GLU B 246 28.82 15.22 -4.79
CA GLU B 246 28.66 14.27 -3.70
C GLU B 246 28.32 15.00 -2.40
N ILE B 247 27.10 14.80 -1.92
CA ILE B 247 26.62 15.46 -0.71
C ILE B 247 26.50 14.45 0.43
N PRO B 248 27.53 14.33 1.27
CA PRO B 248 27.41 13.47 2.45
C PRO B 248 26.59 14.12 3.55
N PHE B 249 25.89 13.31 4.34
CA PHE B 249 25.07 13.85 5.42
C PHE B 249 25.05 12.98 6.68
N LYS B 250 24.85 13.62 7.82
CA LYS B 250 24.66 12.95 9.10
C LYS B 250 23.58 13.67 9.89
N PHE B 251 22.41 13.05 10.01
CA PHE B 251 21.30 13.64 10.74
C PHE B 251 21.21 13.10 12.17
N HIS B 252 20.90 13.98 13.11
CA HIS B 252 20.60 13.56 14.48
C HIS B 252 19.10 13.64 14.70
N MET B 253 18.45 12.48 14.80
CA MET B 253 17.00 12.38 14.78
C MET B 253 16.37 13.00 16.03
N LEU B 254 15.38 13.85 15.80
CA LEU B 254 14.67 14.51 16.89
C LEU B 254 13.42 13.72 17.30
N HIS B 255 12.86 12.96 16.36
CA HIS B 255 11.67 12.17 16.64
C HIS B 255 11.85 10.72 16.21
N SER B 256 11.20 9.82 16.93
CA SER B 256 11.18 8.41 16.55
C SER B 256 10.07 8.18 15.53
N GLY B 257 10.33 7.33 14.54
CA GLY B 257 9.34 7.00 13.54
C GLY B 257 9.97 6.47 12.27
N LEU B 258 9.15 6.27 11.25
CA LEU B 258 9.63 5.81 9.97
C LEU B 258 10.08 6.98 9.10
N VAL B 259 11.29 6.85 8.55
CA VAL B 259 11.80 7.82 7.60
C VAL B 259 11.45 7.31 6.21
N HIS B 260 10.63 8.07 5.49
CA HIS B 260 10.15 7.65 4.18
C HIS B 260 10.99 8.23 3.05
N GLY B 261 11.84 9.20 3.36
CA GLY B 261 12.71 9.78 2.35
C GLY B 261 13.46 11.01 2.79
N LEU B 262 14.00 11.74 1.82
CA LEU B 262 14.71 12.98 2.06
C LEU B 262 13.99 14.13 1.37
N ALA B 263 13.94 15.28 2.05
CA ALA B 263 13.38 16.48 1.47
C ALA B 263 14.49 17.42 1.04
N PHE B 264 14.31 18.05 -0.11
CA PHE B 264 15.30 18.98 -0.65
C PHE B 264 14.69 20.35 -0.88
N TRP B 265 15.45 21.38 -0.55
CA TRP B 265 15.14 22.75 -0.98
C TRP B 265 16.45 23.50 -1.09
N PHE B 266 16.41 24.74 -1.56
CA PHE B 266 17.66 25.49 -1.72
C PHE B 266 17.53 26.98 -1.45
N ASP B 267 18.65 27.57 -1.05
CA ASP B 267 18.78 29.01 -0.88
C ASP B 267 19.86 29.51 -1.84
N VAL B 268 19.65 30.70 -2.39
CA VAL B 268 20.72 31.38 -3.11
C VAL B 268 20.89 32.76 -2.50
N ALA B 269 22.11 33.27 -2.50
CA ALA B 269 22.38 34.57 -1.94
C ALA B 269 23.02 35.49 -2.97
N PHE B 270 22.52 36.71 -3.04
CA PHE B 270 23.11 37.75 -3.84
C PHE B 270 23.94 38.61 -2.91
N ILE B 271 25.25 38.47 -2.98
CA ILE B 271 26.13 39.16 -2.06
C ILE B 271 26.68 40.39 -2.75
N GLY B 272 26.03 41.52 -2.53
CA GLY B 272 26.46 42.77 -3.13
C GLY B 272 27.23 43.64 -2.16
N SER B 273 27.68 44.78 -2.65
CA SER B 273 28.49 45.71 -1.86
C SER B 273 27.69 46.35 -0.73
N ILE B 274 26.44 46.70 -1.00
CA ILE B 274 25.62 47.40 -0.03
C ILE B 274 24.99 46.41 0.94
N MET B 275 24.49 45.28 0.41
CA MET B 275 23.91 44.26 1.29
C MET B 275 23.71 42.91 0.62
N THR B 276 23.38 41.93 1.45
CA THR B 276 23.13 40.57 0.99
C THR B 276 21.65 40.26 1.01
N VAL B 277 21.15 39.74 -0.10
CA VAL B 277 19.75 39.38 -0.24
C VAL B 277 19.63 37.88 -0.49
N TRP B 278 18.75 37.24 0.26
CA TRP B 278 18.54 35.79 0.14
C TRP B 278 17.25 35.47 -0.59
N LEU B 279 17.30 34.42 -1.40
CA LEU B 279 16.13 33.85 -2.05
C LEU B 279 15.99 32.40 -1.61
N SER B 280 14.90 32.09 -0.91
CA SER B 280 14.74 30.78 -0.32
C SER B 280 13.48 30.05 -0.81
N THR B 281 13.61 28.74 -1.02
CA THR B 281 12.48 27.90 -1.37
C THR B 281 12.20 26.93 -0.22
N ALA B 282 12.64 27.29 0.97
CA ALA B 282 12.41 26.48 2.17
C ALA B 282 10.93 26.41 2.50
N PRO B 283 10.50 25.29 3.11
CA PRO B 283 9.08 25.10 3.44
C PRO B 283 8.62 26.03 4.57
N THR B 284 9.58 26.66 5.24
CA THR B 284 9.27 27.68 6.24
C THR B 284 9.01 29.02 5.56
N GLU B 285 9.34 29.11 4.28
CA GLU B 285 9.23 30.36 3.53
C GLU B 285 8.03 30.35 2.58
N PRO B 286 7.65 31.54 2.08
CA PRO B 286 6.58 31.63 1.08
C PRO B 286 6.87 30.78 -0.15
N LEU B 287 5.82 30.22 -0.74
CA LEU B 287 5.98 29.26 -1.83
C LEU B 287 6.49 29.92 -3.10
N THR B 288 7.25 29.17 -3.88
CA THR B 288 7.78 29.65 -5.16
C THR B 288 7.43 28.63 -6.24
N HIS B 289 7.72 28.96 -7.49
CA HIS B 289 7.42 28.03 -8.58
C HIS B 289 8.39 26.85 -8.56
N TRP B 290 9.36 26.88 -7.63
CA TRP B 290 10.26 25.76 -7.42
C TRP B 290 9.71 24.76 -6.42
N TYR B 291 8.85 25.22 -5.52
CA TYR B 291 8.28 24.35 -4.49
C TYR B 291 9.41 23.68 -3.71
N GLN B 292 9.17 22.47 -3.23
CA GLN B 292 10.22 21.64 -2.64
C GLN B 292 10.24 20.29 -3.35
N VAL B 293 11.29 19.51 -3.10
CA VAL B 293 11.46 18.21 -3.74
C VAL B 293 11.67 17.12 -2.70
N ARG B 294 11.00 15.99 -2.89
CA ARG B 294 11.14 14.85 -1.98
C ARG B 294 11.49 13.56 -2.71
N CYS B 295 12.43 12.81 -2.15
CA CYS B 295 12.82 11.53 -2.72
C CYS B 295 12.46 10.42 -1.73
N LEU B 296 11.57 9.53 -2.17
CA LEU B 296 11.12 8.43 -1.32
C LEU B 296 12.14 7.30 -1.33
N PHE B 297 12.28 6.64 -0.19
CA PHE B 297 12.98 5.37 -0.17
C PHE B 297 12.03 4.27 -0.62
N GLN B 298 12.59 3.22 -1.22
CA GLN B 298 11.78 2.09 -1.65
C GLN B 298 11.25 1.38 -0.41
N SER B 299 12.05 1.41 0.65
CA SER B 299 11.65 0.84 1.93
C SER B 299 11.97 1.84 3.04
N PRO B 300 10.97 2.18 3.88
CA PRO B 300 11.26 3.14 4.95
C PRO B 300 12.28 2.61 5.96
N LEU B 301 12.91 3.52 6.69
CA LEU B 301 13.86 3.16 7.73
C LEU B 301 13.30 3.59 9.06
N PHE B 302 13.32 2.71 10.04
CA PHE B 302 12.89 3.10 11.38
C PHE B 302 14.08 3.63 12.16
N ALA B 303 13.89 4.76 12.80
CA ALA B 303 14.93 5.35 13.64
C ALA B 303 14.35 5.94 14.91
N LYS B 304 14.97 5.66 16.04
CA LYS B 304 14.59 6.26 17.31
C LYS B 304 15.11 7.69 17.39
N ALA B 305 14.51 8.48 18.27
CA ALA B 305 15.03 9.81 18.54
C ALA B 305 16.39 9.66 19.23
N GLY B 306 17.40 10.36 18.71
CA GLY B 306 18.75 10.22 19.22
C GLY B 306 19.65 9.40 18.31
N ASP B 307 19.06 8.50 17.55
CA ASP B 307 19.80 7.73 16.56
C ASP B 307 20.38 8.66 15.51
N THR B 308 21.35 8.18 14.74
CA THR B 308 21.96 8.96 13.67
C THR B 308 21.69 8.32 12.32
N LEU B 309 21.23 9.14 11.37
CA LEU B 309 21.01 8.70 10.01
C LEU B 309 22.10 9.27 9.11
N SER B 310 23.01 8.41 8.67
CA SER B 310 24.16 8.86 7.88
C SER B 310 24.09 8.27 6.48
N GLY B 311 24.72 8.94 5.53
CA GLY B 311 24.76 8.46 4.16
C GLY B 311 25.23 9.49 3.15
N THR B 312 24.92 9.23 1.89
CA THR B 312 25.38 10.07 0.79
C THR B 312 24.31 10.31 -0.25
N CYS B 313 24.25 11.54 -0.74
CA CYS B 313 23.45 11.86 -1.91
C CYS B 313 24.41 12.23 -3.05
N LEU B 314 24.40 11.43 -4.11
CA LEU B 314 25.34 11.63 -5.21
C LEU B 314 24.63 12.01 -6.50
N LEU B 315 25.03 13.14 -7.09
CA LEU B 315 24.44 13.59 -8.35
C LEU B 315 25.46 13.48 -9.47
N ILE B 316 25.11 12.71 -10.50
CA ILE B 316 25.99 12.52 -11.64
C ILE B 316 25.29 13.01 -12.90
N ALA B 317 25.90 13.99 -13.56
CA ALA B 317 25.32 14.61 -14.75
C ALA B 317 25.23 13.63 -15.92
N ASN B 318 24.12 13.72 -16.65
CA ASN B 318 23.91 12.93 -17.86
C ASN B 318 23.75 13.84 -19.07
N LYS B 319 23.62 13.24 -20.25
CA LYS B 319 23.59 14.00 -21.50
C LYS B 319 22.20 14.58 -21.82
N ARG B 320 21.23 14.32 -20.95
CA ARG B 320 19.89 14.87 -21.09
C ARG B 320 19.68 16.14 -20.24
N GLN B 321 20.76 16.86 -19.99
CA GLN B 321 20.69 18.13 -19.25
C GLN B 321 20.16 17.98 -17.83
N SER B 322 20.43 16.85 -17.20
CA SER B 322 20.00 16.66 -15.82
C SER B 322 20.98 15.79 -15.04
N TYR B 323 20.52 15.27 -13.91
CA TYR B 323 21.36 14.47 -13.04
C TYR B 323 20.69 13.14 -12.69
N ASP B 324 21.51 12.13 -12.46
CA ASP B 324 21.04 10.89 -11.86
C ASP B 324 21.37 10.92 -10.38
N ILE B 325 20.36 10.74 -9.54
CA ILE B 325 20.54 10.86 -8.10
C ILE B 325 20.54 9.49 -7.46
N SER B 326 21.60 9.18 -6.73
CA SER B 326 21.67 7.95 -5.96
C SER B 326 21.77 8.33 -4.50
N ILE B 327 20.80 7.90 -3.71
CA ILE B 327 20.77 8.20 -2.29
C ILE B 327 20.95 6.90 -1.53
N VAL B 328 21.91 6.91 -0.62
CA VAL B 328 22.12 5.78 0.28
C VAL B 328 22.03 6.34 1.69
N ALA B 329 21.25 5.68 2.53
CA ALA B 329 21.05 6.14 3.89
C ALA B 329 21.13 4.95 4.83
N GLN B 330 21.62 5.21 6.04
CA GLN B 330 21.82 4.16 7.01
C GLN B 330 21.58 4.63 8.44
N VAL B 331 20.88 3.81 9.23
CA VAL B 331 20.81 4.04 10.66
C VAL B 331 22.06 3.41 11.25
N ASP B 332 22.92 4.25 11.81
CA ASP B 332 24.24 3.81 12.24
C ASP B 332 24.18 2.78 13.37
N GLN B 333 23.17 2.87 14.22
CA GLN B 333 23.07 1.98 15.38
C GLN B 333 22.56 0.58 15.00
N THR B 334 21.76 0.49 13.95
CA THR B 334 21.13 -0.78 13.57
C THR B 334 21.69 -1.37 12.28
N GLY B 335 22.26 -0.52 11.44
CA GLY B 335 22.77 -0.98 10.15
C GLY B 335 21.68 -1.07 9.10
N SER B 336 20.47 -0.64 9.45
CA SER B 336 19.37 -0.63 8.49
C SER B 336 19.70 0.35 7.38
N LYS B 337 19.76 -0.14 6.14
CA LYS B 337 20.22 0.67 5.03
C LYS B 337 19.17 0.72 3.95
N SER B 338 19.11 1.85 3.25
CA SER B 338 18.20 2.01 2.12
C SER B 338 18.87 2.75 0.99
N SER B 339 18.44 2.45 -0.21
CA SER B 339 18.99 3.05 -1.41
C SER B 339 17.86 3.55 -2.27
N ASN B 340 18.21 4.32 -3.29
CA ASN B 340 17.26 4.66 -4.33
C ASN B 340 18.02 5.36 -5.44
N LEU B 341 17.55 5.18 -6.67
CA LEU B 341 18.16 5.84 -7.80
C LEU B 341 17.05 6.67 -8.42
N LEU B 342 17.32 7.95 -8.65
CA LEU B 342 16.28 8.86 -9.15
C LEU B 342 16.64 9.57 -10.43
N ASP B 343 15.61 9.87 -11.20
CA ASP B 343 15.75 10.57 -12.47
C ASP B 343 15.18 11.97 -12.29
N LEU B 344 16.06 12.94 -12.05
CA LEU B 344 15.64 14.29 -11.73
C LEU B 344 14.93 14.96 -12.90
N LYS B 345 15.20 14.47 -14.11
CA LYS B 345 14.66 15.08 -15.32
C LYS B 345 13.14 14.95 -15.40
N ASN B 346 12.59 13.89 -14.81
CA ASN B 346 11.16 13.60 -14.93
C ASN B 346 10.46 13.49 -13.59
N PRO B 347 10.14 14.64 -12.96
CA PRO B 347 9.51 14.62 -11.64
C PRO B 347 8.02 14.32 -11.66
N PHE B 348 7.47 14.09 -10.47
CA PHE B 348 6.03 13.91 -10.29
C PHE B 348 5.46 15.12 -9.56
N PHE B 349 4.70 15.94 -10.30
CA PHE B 349 4.08 17.14 -9.76
C PHE B 349 2.78 16.78 -9.06
N ARG B 350 2.77 16.92 -7.75
CA ARG B 350 1.66 16.45 -6.93
C ARG B 350 0.71 17.58 -6.54
N TYR B 351 1.21 18.81 -6.62
CA TYR B 351 0.44 19.99 -6.20
C TYR B 351 -0.96 20.00 -6.81
N SER C 10 12.11 -38.29 24.25
CA SER C 10 13.08 -37.22 24.43
C SER C 10 12.83 -36.46 25.74
N VAL C 11 13.76 -35.59 26.11
CA VAL C 11 13.67 -34.87 27.37
C VAL C 11 12.53 -33.85 27.31
N PHE C 12 12.23 -33.39 26.10
CA PHE C 12 11.18 -32.41 25.90
C PHE C 12 9.79 -33.04 26.00
N SER C 13 9.62 -34.21 25.38
CA SER C 13 8.33 -34.88 25.34
C SER C 13 7.91 -35.45 26.69
N GLU C 14 8.88 -35.75 27.55
CA GLU C 14 8.59 -36.29 28.87
C GLU C 14 8.02 -35.23 29.80
N ARG C 15 8.27 -33.95 29.48
CA ARG C 15 7.80 -32.86 30.32
C ARG C 15 6.71 -32.01 29.66
N THR C 16 6.17 -32.49 28.54
CA THR C 16 5.15 -31.72 27.83
C THR C 16 4.09 -32.64 27.24
N GLU C 17 2.82 -32.28 27.46
CA GLU C 17 1.71 -32.98 26.83
C GLU C 17 1.69 -32.56 25.36
N GLU C 18 1.48 -33.52 24.47
CA GLU C 18 1.55 -33.27 23.04
C GLU C 18 0.60 -32.16 22.59
N SER C 19 -0.59 -32.13 23.17
CA SER C 19 -1.59 -31.13 22.82
C SER C 19 -1.06 -29.71 22.88
N SER C 20 -0.35 -29.38 23.97
CA SER C 20 0.19 -28.04 24.16
C SER C 20 1.33 -27.79 23.18
N ALA C 21 2.17 -28.80 22.97
CA ALA C 21 3.33 -28.68 22.09
C ALA C 21 2.92 -28.40 20.65
N VAL C 22 1.89 -29.09 20.18
CA VAL C 22 1.38 -28.88 18.82
C VAL C 22 0.96 -27.43 18.64
N GLN C 23 0.12 -26.95 19.57
CA GLN C 23 -0.38 -25.58 19.52
C GLN C 23 0.76 -24.57 19.62
N TYR C 24 1.72 -24.87 20.47
CA TYR C 24 2.86 -23.98 20.71
C TYR C 24 3.66 -23.71 19.45
N PHE C 25 4.03 -24.76 18.73
CA PHE C 25 4.89 -24.62 17.56
C PHE C 25 4.11 -24.17 16.33
N GLN C 26 2.80 -24.39 16.33
CA GLN C 26 1.95 -23.84 15.27
C GLN C 26 1.97 -22.32 15.35
N PHE C 27 1.87 -21.82 16.57
CA PHE C 27 1.89 -20.38 16.85
C PHE C 27 3.13 -19.68 16.29
N TYR C 28 4.30 -20.27 16.52
CA TYR C 28 5.55 -19.64 16.10
C TYR C 28 5.87 -19.90 14.62
N GLY C 29 5.00 -20.66 13.96
CA GLY C 29 5.16 -20.94 12.55
C GLY C 29 4.64 -19.82 11.66
N TYR C 30 3.99 -18.83 12.27
CA TYR C 30 3.44 -17.71 11.52
C TYR C 30 4.45 -16.57 11.37
N LEU C 31 4.62 -16.10 10.14
CA LEU C 31 5.49 -14.96 9.88
C LEU C 31 4.97 -13.71 10.59
N SER C 32 3.66 -13.64 10.76
CA SER C 32 3.04 -12.48 11.40
C SER C 32 3.54 -12.29 12.84
N GLN C 33 3.79 -13.38 13.55
CA GLN C 33 4.30 -13.28 14.92
C GLN C 33 5.80 -12.98 14.94
N GLN C 34 6.55 -13.57 14.01
CA GLN C 34 7.96 -13.25 13.86
C GLN C 34 8.09 -11.75 13.64
N GLN C 35 7.21 -11.22 12.80
CA GLN C 35 7.19 -9.80 12.51
C GLN C 35 6.90 -9.03 13.79
N ASN C 36 5.93 -9.52 14.56
CA ASN C 36 5.55 -8.87 15.80
C ASN C 36 6.75 -8.75 16.75
N MET C 37 7.49 -9.84 16.90
CA MET C 37 8.69 -9.83 17.73
C MET C 37 9.78 -8.92 17.16
N MET C 38 9.97 -8.97 15.84
CA MET C 38 11.03 -8.22 15.19
C MET C 38 10.79 -6.71 15.21
N GLN C 39 9.52 -6.30 15.26
CA GLN C 39 9.18 -4.88 15.28
C GLN C 39 9.28 -4.28 16.67
N ASP C 40 9.72 -5.08 17.65
CA ASP C 40 10.04 -4.59 18.98
C ASP C 40 11.47 -4.06 18.97
N TYR C 41 11.63 -2.76 18.79
CA TYR C 41 12.95 -2.15 18.64
C TYR C 41 13.82 -2.45 19.86
N VAL C 42 13.21 -2.43 21.04
CA VAL C 42 13.93 -2.67 22.29
C VAL C 42 14.61 -4.03 22.25
N ARG C 43 13.81 -5.06 21.99
CA ARG C 43 14.31 -6.43 21.95
C ARG C 43 15.41 -6.61 20.91
N THR C 44 15.06 -6.33 19.66
CA THR C 44 15.97 -6.59 18.55
C THR C 44 17.21 -5.69 18.60
N GLY C 45 17.00 -4.42 18.91
CA GLY C 45 18.09 -3.47 19.02
C GLY C 45 19.07 -3.83 20.12
N THR C 46 18.54 -4.26 21.26
CA THR C 46 19.38 -4.60 22.40
C THR C 46 20.22 -5.85 22.11
N TYR C 47 19.61 -6.84 21.46
CA TYR C 47 20.32 -8.06 21.09
C TYR C 47 21.48 -7.77 20.13
N GLN C 48 21.23 -6.90 19.15
CA GLN C 48 22.27 -6.54 18.19
C GLN C 48 23.42 -5.81 18.88
N ARG C 49 23.06 -4.90 19.77
CA ARG C 49 24.04 -4.15 20.55
C ARG C 49 24.92 -5.08 21.37
N ALA C 50 24.29 -6.02 22.05
CA ALA C 50 24.99 -6.98 22.89
C ALA C 50 25.98 -7.82 22.09
N ILE C 51 25.54 -8.27 20.92
CA ILE C 51 26.34 -9.16 20.09
C ILE C 51 27.48 -8.40 19.40
N LEU C 52 27.16 -7.27 18.77
CA LEU C 52 28.15 -6.53 18.00
C LEU C 52 29.17 -5.80 18.87
N GLN C 53 28.75 -5.25 20.00
CA GLN C 53 29.68 -4.56 20.90
C GLN C 53 30.55 -5.54 21.68
N ASN C 54 30.19 -6.82 21.65
CA ASN C 54 31.05 -7.88 22.18
C ASN C 54 31.55 -8.77 21.04
N HIS C 55 31.93 -8.14 19.94
CA HIS C 55 32.31 -8.86 18.72
C HIS C 55 33.47 -9.83 18.95
N THR C 56 34.31 -9.52 19.94
CA THR C 56 35.46 -10.36 20.24
C THR C 56 35.00 -11.71 20.78
N ASP C 57 33.79 -11.74 21.33
CA ASP C 57 33.21 -12.98 21.84
C ASP C 57 32.68 -13.85 20.70
N PHE C 58 32.67 -13.31 19.48
CA PHE C 58 32.07 -14.03 18.36
C PHE C 58 33.00 -14.26 17.17
N LYS C 59 33.97 -13.38 16.94
CA LYS C 59 34.79 -13.48 15.73
C LYS C 59 35.50 -14.84 15.64
N ASP C 60 35.20 -15.56 14.57
CA ASP C 60 35.82 -16.84 14.25
C ASP C 60 35.59 -17.92 15.31
N LYS C 61 34.42 -17.89 15.94
CA LYS C 61 34.04 -18.91 16.92
C LYS C 61 32.80 -19.66 16.44
N ILE C 62 32.52 -20.80 17.07
CA ILE C 62 31.34 -21.59 16.75
C ILE C 62 30.20 -21.15 17.67
N VAL C 63 29.04 -20.89 17.07
CA VAL C 63 27.89 -20.37 17.80
C VAL C 63 26.72 -21.33 17.67
N LEU C 64 25.95 -21.46 18.75
CA LEU C 64 24.69 -22.19 18.71
C LEU C 64 23.53 -21.25 19.03
N ASP C 65 22.58 -21.15 18.10
CA ASP C 65 21.40 -20.32 18.28
C ASP C 65 20.17 -21.18 18.54
N VAL C 66 19.65 -21.11 19.77
CA VAL C 66 18.53 -21.95 20.19
C VAL C 66 17.21 -21.24 19.92
N GLY C 67 16.38 -21.83 19.07
CA GLY C 67 15.11 -21.23 18.71
C GLY C 67 15.32 -19.95 17.92
N CYS C 68 16.03 -20.08 16.82
CA CYS C 68 16.41 -18.93 16.00
C CYS C 68 15.22 -18.26 15.35
N GLY C 69 14.11 -18.98 15.24
CA GLY C 69 12.93 -18.49 14.54
C GLY C 69 13.26 -18.12 13.11
N SER C 70 13.12 -16.83 12.79
CA SER C 70 13.44 -16.33 11.46
C SER C 70 14.94 -16.41 11.18
N GLY C 71 15.74 -16.44 12.24
CA GLY C 71 17.18 -16.55 12.12
C GLY C 71 17.90 -15.24 12.40
N ILE C 72 17.14 -14.25 12.85
CA ILE C 72 17.66 -12.90 13.03
C ILE C 72 18.91 -12.86 13.90
N LEU C 73 18.91 -13.61 14.99
CA LEU C 73 20.04 -13.64 15.91
C LEU C 73 21.28 -14.25 15.27
N SER C 74 21.08 -15.24 14.42
CA SER C 74 22.17 -15.87 13.69
C SER C 74 22.86 -14.87 12.78
N PHE C 75 22.08 -14.03 12.12
CA PHE C 75 22.62 -13.04 11.21
C PHE C 75 23.48 -12.03 11.99
N PHE C 76 23.03 -11.66 13.18
CA PHE C 76 23.81 -10.79 14.06
C PHE C 76 25.15 -11.44 14.41
N ALA C 77 25.10 -12.72 14.78
CA ALA C 77 26.33 -13.45 15.12
C ALA C 77 27.26 -13.48 13.92
N ALA C 78 26.67 -13.60 12.72
CA ALA C 78 27.46 -13.60 11.49
C ALA C 78 28.09 -12.24 11.25
N GLN C 79 27.34 -11.18 11.54
CA GLN C 79 27.86 -9.82 11.41
C GLN C 79 29.04 -9.60 12.36
N ALA C 80 28.97 -10.21 13.54
CA ALA C 80 30.02 -10.05 14.55
C ALA C 80 31.28 -10.85 14.19
N GLY C 81 31.16 -11.74 13.20
CA GLY C 81 32.31 -12.45 12.69
C GLY C 81 32.39 -13.92 13.04
N ALA C 82 31.28 -14.51 13.46
CA ALA C 82 31.26 -15.93 13.81
C ALA C 82 31.72 -16.77 12.61
N ARG C 83 32.48 -17.82 12.89
CA ARG C 83 32.96 -18.70 11.83
C ARG C 83 31.84 -19.61 11.32
N LYS C 84 31.04 -20.13 12.25
CA LYS C 84 29.95 -21.01 11.89
C LYS C 84 28.85 -20.95 12.96
N ILE C 85 27.60 -20.88 12.51
CA ILE C 85 26.46 -20.83 13.41
C ILE C 85 25.52 -21.99 13.16
N TYR C 86 25.26 -22.78 14.20
CA TYR C 86 24.25 -23.81 14.12
C TYR C 86 22.94 -23.22 14.64
N ALA C 87 21.97 -23.08 13.75
CA ALA C 87 20.68 -22.47 14.10
C ALA C 87 19.60 -23.53 14.19
N VAL C 88 19.07 -23.73 15.40
CA VAL C 88 18.08 -24.77 15.65
C VAL C 88 16.68 -24.19 15.77
N GLU C 89 15.73 -24.78 15.04
CA GLU C 89 14.35 -24.31 15.08
C GLU C 89 13.36 -25.48 14.91
N ALA C 90 12.40 -25.58 15.82
CA ALA C 90 11.48 -26.71 15.88
C ALA C 90 10.18 -26.46 15.11
N SER C 91 9.84 -25.19 14.90
CA SER C 91 8.63 -24.85 14.16
C SER C 91 8.91 -24.88 12.66
N THR C 92 7.87 -24.63 11.87
CA THR C 92 8.00 -24.58 10.43
C THR C 92 8.71 -23.31 9.96
N MET C 93 8.99 -22.41 10.90
CA MET C 93 9.78 -21.22 10.59
C MET C 93 11.15 -21.60 10.04
N ALA C 94 11.63 -22.79 10.39
CA ALA C 94 12.94 -23.24 9.93
C ALA C 94 13.07 -23.23 8.41
N GLN C 95 12.01 -23.58 7.69
CA GLN C 95 12.08 -23.55 6.23
C GLN C 95 12.23 -22.13 5.69
N HIS C 96 11.67 -21.17 6.41
CA HIS C 96 11.81 -19.78 6.01
C HIS C 96 13.20 -19.29 6.36
N ALA C 97 13.74 -19.76 7.48
CA ALA C 97 15.09 -19.39 7.89
C ALA C 97 16.13 -19.78 6.84
N GLU C 98 16.04 -21.00 6.32
CA GLU C 98 17.00 -21.47 5.31
C GLU C 98 16.90 -20.64 4.03
N VAL C 99 15.71 -20.13 3.73
CA VAL C 99 15.52 -19.31 2.55
C VAL C 99 16.27 -17.99 2.72
N LEU C 100 16.21 -17.41 3.90
CA LEU C 100 16.89 -16.16 4.17
C LEU C 100 18.41 -16.35 4.16
N VAL C 101 18.86 -17.49 4.67
CA VAL C 101 20.28 -17.79 4.72
C VAL C 101 20.87 -17.81 3.31
N LYS C 102 20.11 -18.36 2.36
CA LYS C 102 20.60 -18.46 0.99
C LYS C 102 20.58 -17.10 0.30
N SER C 103 19.50 -16.37 0.47
CA SER C 103 19.36 -15.06 -0.17
C SER C 103 20.26 -14.00 0.45
N ASN C 104 20.78 -14.27 1.64
CA ASN C 104 21.75 -13.36 2.25
C ASN C 104 23.17 -13.91 2.07
N ASN C 105 23.28 -14.99 1.28
CA ASN C 105 24.57 -15.58 0.94
C ASN C 105 25.43 -15.93 2.16
N LEU C 106 24.85 -16.66 3.10
CA LEU C 106 25.54 -17.01 4.33
C LEU C 106 25.52 -18.52 4.55
N THR C 107 25.31 -19.28 3.48
CA THR C 107 25.22 -20.73 3.57
C THR C 107 26.55 -21.35 4.00
N ASP C 108 27.66 -20.64 3.80
CA ASP C 108 28.96 -21.13 4.22
C ASP C 108 29.17 -21.04 5.73
N ARG C 109 28.33 -20.27 6.43
CA ARG C 109 28.54 -20.02 7.85
C ARG C 109 27.34 -20.42 8.72
N ILE C 110 26.13 -20.25 8.20
CA ILE C 110 24.93 -20.59 8.97
C ILE C 110 24.35 -21.90 8.47
N VAL C 111 24.15 -22.83 9.40
CA VAL C 111 23.50 -24.10 9.10
C VAL C 111 22.22 -24.19 9.91
N VAL C 112 21.09 -24.23 9.21
CA VAL C 112 19.78 -24.33 9.86
C VAL C 112 19.50 -25.81 10.14
N ILE C 113 19.15 -26.10 11.39
CA ILE C 113 18.85 -27.46 11.81
C ILE C 113 17.41 -27.55 12.29
N PRO C 114 16.52 -28.15 11.47
CA PRO C 114 15.14 -28.26 11.93
C PRO C 114 15.00 -29.33 13.03
N GLY C 115 14.23 -29.03 14.07
CA GLY C 115 14.02 -29.96 15.16
C GLY C 115 14.14 -29.31 16.53
N LYS C 116 13.83 -30.08 17.57
CA LYS C 116 13.94 -29.59 18.94
C LYS C 116 15.37 -29.78 19.43
N VAL C 117 15.89 -28.81 20.16
CA VAL C 117 17.28 -28.85 20.59
C VAL C 117 17.56 -30.08 21.46
N GLU C 118 16.53 -30.61 22.09
CA GLU C 118 16.66 -31.82 22.91
C GLU C 118 16.67 -33.09 22.07
N GLU C 119 16.41 -32.97 20.77
CA GLU C 119 16.22 -34.14 19.92
C GLU C 119 17.19 -34.20 18.73
N VAL C 120 17.71 -33.04 18.34
CA VAL C 120 18.59 -32.97 17.16
C VAL C 120 20.00 -33.41 17.49
N SER C 121 20.75 -33.68 16.43
CA SER C 121 22.17 -34.02 16.54
C SER C 121 23.05 -32.86 16.08
N LEU C 122 23.94 -32.40 16.96
CA LEU C 122 24.91 -31.39 16.57
C LEU C 122 26.30 -32.03 16.48
N PRO C 123 27.09 -31.65 15.46
CA PRO C 123 28.40 -32.28 15.26
C PRO C 123 29.46 -31.95 16.30
N GLU C 124 29.41 -30.76 16.90
CA GLU C 124 30.53 -30.32 17.73
C GLU C 124 30.15 -29.43 18.91
N GLN C 125 31.11 -29.27 19.81
CA GLN C 125 30.97 -28.36 20.94
C GLN C 125 31.02 -26.93 20.40
N VAL C 126 30.41 -26.00 21.12
CA VAL C 126 30.35 -24.62 20.65
C VAL C 126 30.96 -23.67 21.68
N ASP C 127 31.34 -22.47 21.23
CA ASP C 127 31.98 -21.49 22.08
C ASP C 127 30.95 -20.66 22.84
N ILE C 128 29.82 -20.39 22.21
CA ILE C 128 28.80 -19.55 22.80
C ILE C 128 27.40 -19.94 22.32
N ILE C 129 26.44 -19.86 23.22
CA ILE C 129 25.04 -20.09 22.90
C ILE C 129 24.27 -18.78 22.99
N ILE C 130 23.45 -18.50 21.97
CA ILE C 130 22.59 -17.32 21.98
C ILE C 130 21.13 -17.76 21.83
N SER C 131 20.21 -16.97 22.37
CA SER C 131 18.79 -17.27 22.28
C SER C 131 17.94 -16.18 22.93
N GLU C 132 16.65 -16.15 22.63
CA GLU C 132 15.71 -15.31 23.38
C GLU C 132 14.57 -16.20 23.93
N PRO C 133 14.84 -16.91 25.03
CA PRO C 133 13.95 -17.91 25.63
C PRO C 133 12.95 -17.38 26.65
N MET C 134 12.90 -16.06 26.84
CA MET C 134 12.07 -15.47 27.88
C MET C 134 10.60 -15.34 27.45
N GLY C 135 9.69 -15.73 28.34
CA GLY C 135 8.27 -15.49 28.13
C GLY C 135 7.72 -14.50 29.13
N TYR C 136 6.40 -14.37 29.18
CA TYR C 136 5.77 -13.54 30.20
C TYR C 136 6.29 -14.00 31.56
N MET C 137 6.62 -13.04 32.44
CA MET C 137 7.15 -13.39 33.76
C MET C 137 8.47 -14.16 33.63
N LEU C 138 9.10 -14.07 32.46
CA LEU C 138 10.38 -14.72 32.18
C LEU C 138 10.25 -16.23 31.91
N PHE C 139 9.55 -16.93 32.79
CA PHE C 139 9.60 -18.39 32.83
C PHE C 139 8.54 -19.03 31.93
N ASN C 140 7.52 -18.26 31.57
CA ASN C 140 6.45 -18.78 30.73
C ASN C 140 7.02 -19.39 29.45
N GLU C 141 6.33 -20.41 28.94
CA GLU C 141 6.73 -21.18 27.76
C GLU C 141 7.79 -22.22 28.12
N ARG C 142 8.40 -22.07 29.30
CA ARG C 142 9.33 -23.07 29.79
C ARG C 142 10.47 -23.33 28.80
N MET C 143 10.81 -22.34 28.00
CA MET C 143 11.91 -22.49 27.05
C MET C 143 13.27 -22.32 27.71
N LEU C 144 13.30 -21.69 28.88
CA LEU C 144 14.57 -21.49 29.57
C LEU C 144 15.23 -22.83 29.88
N GLU C 145 14.42 -23.87 29.97
CA GLU C 145 14.92 -25.20 30.26
C GLU C 145 15.57 -25.81 29.01
N SER C 146 15.11 -25.38 27.85
CA SER C 146 15.70 -25.82 26.58
C SER C 146 17.03 -25.10 26.39
N TYR C 147 17.05 -23.83 26.79
CA TYR C 147 18.25 -23.00 26.73
C TYR C 147 19.37 -23.62 27.57
N LEU C 148 19.03 -24.07 28.78
CA LEU C 148 19.99 -24.69 29.67
C LEU C 148 20.36 -26.10 29.23
N HIS C 149 19.42 -26.80 28.60
CA HIS C 149 19.69 -28.11 28.04
C HIS C 149 20.82 -28.03 27.02
N ALA C 150 20.79 -26.98 26.21
CA ALA C 150 21.77 -26.79 25.14
C ALA C 150 23.21 -26.72 25.65
N LYS C 151 23.40 -26.54 26.95
CA LYS C 151 24.76 -26.45 27.48
C LYS C 151 25.52 -27.76 27.36
N LYS C 152 24.82 -28.85 27.03
CA LYS C 152 25.51 -30.11 26.80
C LYS C 152 26.42 -29.97 25.57
N TYR C 153 26.09 -29.01 24.69
CA TYR C 153 26.92 -28.73 23.52
C TYR C 153 27.90 -27.59 23.79
N LEU C 154 27.89 -27.05 24.99
CA LEU C 154 28.74 -25.92 25.32
C LEU C 154 30.07 -26.38 25.91
N LYS C 155 31.18 -25.86 25.40
CA LYS C 155 32.47 -26.16 26.00
C LYS C 155 32.57 -25.50 27.36
N PRO C 156 33.38 -26.07 28.25
CA PRO C 156 33.62 -25.37 29.50
C PRO C 156 34.24 -24.02 29.17
N SER C 157 34.02 -23.00 30.00
CA SER C 157 34.52 -21.66 29.73
C SER C 157 33.81 -21.01 28.54
N GLY C 158 32.67 -21.59 28.14
CA GLY C 158 31.86 -21.04 27.09
C GLY C 158 31.01 -19.92 27.68
N ASN C 159 30.29 -19.19 26.85
CA ASN C 159 29.47 -18.09 27.35
C ASN C 159 28.01 -18.30 26.95
N MET C 160 27.12 -17.55 27.58
CA MET C 160 25.70 -17.65 27.30
C MET C 160 25.13 -16.24 27.12
N PHE C 161 24.39 -16.05 26.03
CA PHE C 161 23.77 -14.76 25.73
C PHE C 161 22.25 -14.94 25.58
N PRO C 162 21.46 -14.52 26.58
CA PRO C 162 21.81 -13.80 27.80
C PRO C 162 22.55 -14.67 28.81
N THR C 163 23.26 -14.04 29.72
CA THR C 163 24.07 -14.75 30.70
C THR C 163 23.28 -14.97 31.99
N ILE C 164 22.52 -13.96 32.40
CA ILE C 164 21.73 -14.08 33.62
C ILE C 164 20.34 -13.49 33.39
N GLY C 165 19.39 -13.92 34.21
CA GLY C 165 18.04 -13.39 34.19
C GLY C 165 17.56 -13.02 35.58
N ASP C 166 16.92 -11.86 35.70
CA ASP C 166 16.38 -11.41 36.97
C ASP C 166 14.87 -11.21 36.85
N VAL C 167 14.10 -11.94 37.64
CA VAL C 167 12.68 -11.65 37.76
C VAL C 167 12.51 -10.69 38.93
N HIS C 168 11.66 -9.67 38.75
CA HIS C 168 11.42 -8.66 39.78
C HIS C 168 9.99 -8.69 40.30
N LEU C 169 9.87 -8.59 41.63
CA LEU C 169 8.59 -8.68 42.32
C LEU C 169 8.32 -7.38 43.05
N ALA C 170 7.09 -6.89 43.00
CA ALA C 170 6.72 -5.70 43.77
C ALA C 170 5.23 -5.69 44.12
N PRO C 171 4.88 -5.20 45.32
CA PRO C 171 3.47 -5.05 45.65
C PRO C 171 2.86 -3.84 44.95
N PHE C 172 1.58 -3.90 44.60
CA PHE C 172 0.93 -2.79 43.93
C PHE C 172 -0.46 -2.54 44.49
N THR C 173 -1.02 -1.37 44.18
CA THR C 173 -2.40 -1.07 44.53
C THR C 173 -3.14 -0.61 43.28
N ASP C 174 -4.25 -1.25 42.97
CA ASP C 174 -5.08 -0.86 41.83
C ASP C 174 -6.50 -1.25 42.15
N GLU C 175 -7.19 -0.37 42.86
CA GLU C 175 -8.54 -0.64 43.34
C GLU C 175 -9.48 -0.97 42.19
N GLN C 176 -9.33 -0.27 41.07
CA GLN C 176 -10.21 -0.47 39.92
C GLN C 176 -10.00 -1.82 39.26
N LEU C 177 -8.76 -2.29 39.22
CA LEU C 177 -8.48 -3.61 38.67
C LEU C 177 -9.12 -4.68 39.54
N TYR C 178 -8.98 -4.54 40.85
CA TYR C 178 -9.54 -5.50 41.78
C TYR C 178 -11.06 -5.52 41.70
N MET C 179 -11.67 -4.34 41.68
CA MET C 179 -13.13 -4.23 41.65
C MET C 179 -13.69 -4.66 40.30
N GLU C 180 -12.90 -4.53 39.25
CA GLU C 180 -13.30 -4.94 37.90
C GLU C 180 -13.70 -6.40 37.87
N GLN C 181 -12.96 -7.23 38.59
CA GLN C 181 -13.18 -8.67 38.54
C GLN C 181 -14.56 -9.01 39.11
N PHE C 182 -15.01 -8.24 40.10
CA PHE C 182 -16.32 -8.48 40.71
C PHE C 182 -17.45 -7.91 39.85
N THR C 183 -17.18 -6.83 39.15
CA THR C 183 -18.16 -6.27 38.22
C THR C 183 -18.46 -7.29 37.15
N LYS C 184 -17.43 -8.01 36.70
CA LYS C 184 -17.59 -9.01 35.66
C LYS C 184 -18.34 -10.23 36.20
N ALA C 185 -17.94 -10.67 37.39
CA ALA C 185 -18.54 -11.87 38.00
C ALA C 185 -19.96 -11.63 38.48
N ASN C 186 -20.26 -10.38 38.83
CA ASN C 186 -21.58 -10.05 39.35
C ASN C 186 -22.65 -10.14 38.26
N PHE C 187 -22.21 -10.30 37.01
CA PHE C 187 -23.13 -10.64 35.95
C PHE C 187 -23.97 -11.83 36.35
N TRP C 188 -23.34 -12.78 37.04
CA TRP C 188 -23.99 -14.03 37.40
C TRP C 188 -24.85 -13.89 38.65
N TYR C 189 -24.82 -12.72 39.29
CA TYR C 189 -25.63 -12.52 40.49
C TYR C 189 -26.95 -11.81 40.19
N GLN C 190 -27.83 -12.51 39.47
CA GLN C 190 -29.12 -11.94 39.11
C GLN C 190 -30.16 -13.06 39.12
N PRO C 191 -31.33 -12.81 39.74
CA PRO C 191 -32.34 -13.84 39.94
C PRO C 191 -33.16 -14.17 38.70
N SER C 192 -33.04 -13.35 37.66
CA SER C 192 -33.81 -13.60 36.44
C SER C 192 -33.15 -13.06 35.19
N PHE C 193 -32.15 -13.78 34.69
CA PHE C 193 -31.59 -13.50 33.38
C PHE C 193 -32.44 -14.25 32.36
N HIS C 194 -33.29 -13.52 31.66
CA HIS C 194 -34.24 -14.13 30.75
C HIS C 194 -35.03 -15.23 31.46
N GLY C 195 -35.31 -15.00 32.73
CA GLY C 195 -36.11 -15.91 33.52
C GLY C 195 -35.33 -17.01 34.24
N VAL C 196 -34.00 -16.88 34.27
CA VAL C 196 -33.15 -17.89 34.87
C VAL C 196 -32.34 -17.28 36.02
N ASP C 197 -32.25 -18.01 37.12
CA ASP C 197 -31.49 -17.56 38.28
C ASP C 197 -30.04 -18.05 38.17
N LEU C 198 -29.12 -17.13 37.91
CA LEU C 198 -27.72 -17.47 37.69
C LEU C 198 -26.86 -17.40 38.96
N SER C 199 -27.44 -16.90 40.04
CA SER C 199 -26.68 -16.54 41.24
C SER C 199 -25.81 -17.67 41.79
N ALA C 200 -26.20 -18.92 41.54
CA ALA C 200 -25.46 -20.06 42.06
C ALA C 200 -24.05 -20.15 41.51
N LEU C 201 -23.77 -19.49 40.39
CA LEU C 201 -22.45 -19.59 39.75
C LEU C 201 -21.57 -18.38 39.99
N ARG C 202 -22.05 -17.42 40.76
CA ARG C 202 -21.29 -16.20 41.02
C ARG C 202 -19.93 -16.51 41.63
N GLY C 203 -19.91 -17.41 42.61
CA GLY C 203 -18.68 -17.79 43.27
C GLY C 203 -17.67 -18.40 42.31
N ALA C 204 -18.15 -19.30 41.45
CA ALA C 204 -17.29 -19.97 40.48
C ALA C 204 -16.69 -18.95 39.52
N ALA C 205 -17.49 -17.97 39.14
CA ALA C 205 -17.04 -16.93 38.21
C ALA C 205 -15.90 -16.15 38.86
N VAL C 206 -16.11 -15.74 40.11
CA VAL C 206 -15.10 -14.98 40.86
C VAL C 206 -13.79 -15.74 40.88
N ASP C 207 -13.86 -17.01 41.26
CA ASP C 207 -12.66 -17.84 41.37
C ASP C 207 -11.90 -17.85 40.06
N GLU C 208 -12.63 -18.06 38.97
CA GLU C 208 -12.04 -18.13 37.63
C GLU C 208 -11.26 -16.87 37.28
N TYR C 209 -11.83 -15.72 37.57
CA TYR C 209 -11.19 -14.45 37.21
C TYR C 209 -9.90 -14.21 37.99
N PHE C 210 -9.88 -14.67 39.25
CA PHE C 210 -8.71 -14.43 40.09
C PHE C 210 -7.56 -15.38 39.82
N ARG C 211 -7.82 -16.46 39.09
CA ARG C 211 -6.75 -17.37 38.74
C ARG C 211 -6.00 -16.91 37.49
N GLN C 212 -6.52 -15.86 36.85
CA GLN C 212 -5.91 -15.33 35.64
C GLN C 212 -4.93 -14.21 35.98
N PRO C 213 -3.64 -14.38 35.68
CA PRO C 213 -2.74 -13.24 35.82
C PRO C 213 -3.01 -12.22 34.72
N VAL C 214 -2.94 -10.93 35.07
CA VAL C 214 -3.28 -9.87 34.13
C VAL C 214 -2.05 -9.37 33.38
N VAL C 215 -2.09 -9.47 32.05
CA VAL C 215 -1.01 -8.96 31.23
C VAL C 215 -1.38 -7.61 30.66
N ASP C 216 -0.60 -6.61 31.01
CA ASP C 216 -0.73 -5.25 30.49
C ASP C 216 0.37 -4.42 31.14
N THR C 217 0.31 -3.11 30.97
CA THR C 217 1.27 -2.22 31.62
C THR C 217 0.53 -1.33 32.59
N PHE C 218 1.28 -0.55 33.36
CA PHE C 218 0.68 0.26 34.40
C PHE C 218 1.60 1.41 34.81
N ASP C 219 1.02 2.40 35.46
CA ASP C 219 1.79 3.53 35.97
C ASP C 219 2.56 3.10 37.21
N ILE C 220 3.83 3.49 37.29
CA ILE C 220 4.72 3.05 38.36
C ILE C 220 4.32 3.62 39.73
N ARG C 221 3.40 4.58 39.74
CA ARG C 221 2.94 5.19 40.98
C ARG C 221 2.07 4.24 41.82
N ILE C 222 1.64 3.13 41.23
CA ILE C 222 0.85 2.15 41.97
C ILE C 222 1.73 1.19 42.76
N LEU C 223 3.03 1.22 42.51
CA LEU C 223 3.95 0.31 43.18
C LEU C 223 4.20 0.75 44.62
N MET C 224 4.15 -0.20 45.54
CA MET C 224 4.13 0.12 46.96
C MET C 224 5.46 -0.11 47.65
N ALA C 225 6.45 -0.60 46.92
CA ALA C 225 7.75 -0.91 47.52
C ALA C 225 8.80 -1.19 46.48
N LYS C 226 10.05 -1.06 46.88
CA LYS C 226 11.16 -1.43 46.01
C LYS C 226 11.01 -2.91 45.71
N SER C 227 11.31 -3.30 44.47
CA SER C 227 11.03 -4.66 44.06
C SER C 227 12.05 -5.62 44.67
N VAL C 228 11.66 -6.89 44.74
CA VAL C 228 12.57 -7.94 45.17
C VAL C 228 12.92 -8.74 43.93
N LYS C 229 14.18 -9.15 43.81
CA LYS C 229 14.63 -9.81 42.61
C LYS C 229 15.16 -11.21 42.90
N TYR C 230 14.88 -12.13 41.98
CA TYR C 230 15.39 -13.49 42.04
C TYR C 230 16.21 -13.71 40.79
N THR C 231 17.47 -14.09 40.98
CA THR C 231 18.41 -14.18 39.86
C THR C 231 18.65 -15.61 39.42
N VAL C 232 18.60 -15.81 38.12
CA VAL C 232 18.98 -17.07 37.51
C VAL C 232 20.24 -16.83 36.70
N ASN C 233 21.33 -17.46 37.10
CA ASN C 233 22.57 -17.40 36.35
C ASN C 233 22.64 -18.63 35.46
N PHE C 234 22.45 -18.42 34.16
CA PHE C 234 22.31 -19.51 33.20
C PHE C 234 23.60 -20.30 33.00
N LEU C 235 24.73 -19.76 33.45
CA LEU C 235 26.00 -20.44 33.27
C LEU C 235 26.22 -21.57 34.27
N GLU C 236 25.67 -21.45 35.49
CA GLU C 236 25.82 -22.53 36.47
C GLU C 236 24.49 -23.25 36.67
N ALA C 237 23.39 -22.64 36.26
CA ALA C 237 22.09 -23.22 36.51
C ALA C 237 21.89 -24.52 35.75
N LYS C 238 21.02 -25.37 36.31
CA LYS C 238 20.70 -26.66 35.72
C LYS C 238 19.24 -26.62 35.31
N GLU C 239 18.83 -27.51 34.43
CA GLU C 239 17.41 -27.57 34.05
C GLU C 239 16.55 -27.74 35.28
N GLY C 240 17.03 -28.58 36.20
CA GLY C 240 16.28 -28.92 37.40
C GLY C 240 15.97 -27.74 38.30
N ASP C 241 16.75 -26.67 38.16
CA ASP C 241 16.56 -25.50 39.00
C ASP C 241 15.27 -24.76 38.64
N LEU C 242 14.74 -25.03 37.45
CA LEU C 242 13.59 -24.28 36.94
C LEU C 242 12.25 -25.00 37.07
N HIS C 243 12.25 -26.21 37.63
CA HIS C 243 11.00 -26.95 37.84
C HIS C 243 10.24 -26.41 39.05
N ARG C 244 10.99 -25.94 40.03
CA ARG C 244 10.43 -25.37 41.24
C ARG C 244 11.22 -24.13 41.60
N ILE C 245 10.58 -22.97 41.48
CA ILE C 245 11.23 -21.71 41.79
C ILE C 245 10.54 -21.13 43.00
N GLU C 246 11.28 -21.02 44.10
CA GLU C 246 10.73 -20.48 45.34
C GLU C 246 11.34 -19.11 45.58
N ILE C 247 10.50 -18.09 45.45
CA ILE C 247 10.95 -16.73 45.61
C ILE C 247 10.37 -16.17 46.91
N PRO C 248 11.13 -16.27 48.00
CA PRO C 248 10.62 -15.63 49.22
C PRO C 248 10.81 -14.13 49.09
N PHE C 249 9.94 -13.34 49.71
CA PHE C 249 10.07 -11.90 49.62
C PHE C 249 9.74 -11.24 50.94
N LYS C 250 10.37 -10.10 51.16
CA LYS C 250 10.06 -9.27 52.30
C LYS C 250 10.17 -7.83 51.82
N PHE C 251 9.01 -7.18 51.67
CA PHE C 251 8.98 -5.82 51.17
C PHE C 251 8.93 -4.84 52.33
N HIS C 252 9.67 -3.75 52.20
CA HIS C 252 9.57 -2.65 53.14
C HIS C 252 8.78 -1.54 52.46
N MET C 253 7.56 -1.34 52.96
CA MET C 253 6.58 -0.51 52.29
C MET C 253 6.99 0.95 52.26
N LEU C 254 6.92 1.55 51.08
CA LEU C 254 7.25 2.96 50.90
C LEU C 254 6.00 3.82 51.09
N HIS C 255 4.84 3.24 50.82
CA HIS C 255 3.58 3.96 50.97
C HIS C 255 2.59 3.17 51.82
N SER C 256 1.74 3.88 52.54
CA SER C 256 0.67 3.25 53.29
C SER C 256 -0.52 3.07 52.36
N GLY C 257 -1.21 1.94 52.47
CA GLY C 257 -2.38 1.69 51.65
C GLY C 257 -2.71 0.21 51.51
N LEU C 258 -3.70 -0.08 50.67
CA LEU C 258 -4.11 -1.44 50.42
C LEU C 258 -3.30 -2.05 49.29
N VAL C 259 -2.72 -3.22 49.55
CA VAL C 259 -1.98 -3.97 48.54
C VAL C 259 -2.91 -5.02 47.92
N HIS C 260 -3.12 -4.90 46.61
CA HIS C 260 -4.05 -5.80 45.91
C HIS C 260 -3.36 -6.98 45.24
N GLY C 261 -2.04 -6.92 45.13
CA GLY C 261 -1.30 -8.03 44.53
C GLY C 261 0.18 -7.77 44.29
N LEU C 262 0.77 -8.63 43.47
CA LEU C 262 2.18 -8.50 43.10
C LEU C 262 2.33 -8.26 41.61
N ALA C 263 3.26 -7.38 41.25
CA ALA C 263 3.59 -7.12 39.86
C ALA C 263 4.91 -7.79 39.50
N PHE C 264 4.98 -8.36 38.31
CA PHE C 264 6.18 -9.06 37.85
C PHE C 264 6.75 -8.42 36.59
N TRP C 265 8.08 -8.32 36.54
CA TRP C 265 8.79 -8.02 35.30
C TRP C 265 10.16 -8.64 35.40
N PHE C 266 10.97 -8.55 34.34
CA PHE C 266 12.28 -9.19 34.35
C PHE C 266 13.36 -8.43 33.60
N ASP C 267 14.60 -8.64 34.02
CA ASP C 267 15.79 -8.14 33.32
C ASP C 267 16.65 -9.32 32.89
N VAL C 268 17.30 -9.21 31.74
CA VAL C 268 18.34 -10.16 31.37
C VAL C 268 19.59 -9.37 31.03
N ALA C 269 20.75 -9.96 31.28
CA ALA C 269 22.02 -9.28 31.01
C ALA C 269 22.90 -10.14 30.11
N PHE C 270 23.50 -9.50 29.11
CA PHE C 270 24.50 -10.12 28.25
C PHE C 270 25.88 -9.70 28.72
N ILE C 271 26.58 -10.62 29.36
CA ILE C 271 27.89 -10.32 29.94
C ILE C 271 28.99 -10.80 29.01
N GLY C 272 29.48 -9.88 28.18
CA GLY C 272 30.56 -10.18 27.26
C GLY C 272 31.90 -9.67 27.74
N SER C 273 32.93 -9.91 26.94
CA SER C 273 34.29 -9.52 27.29
C SER C 273 34.45 -8.01 27.32
N ILE C 274 33.80 -7.34 26.37
CA ILE C 274 33.95 -5.90 26.21
C ILE C 274 33.02 -5.14 27.15
N MET C 275 31.77 -5.59 27.25
CA MET C 275 30.81 -4.90 28.11
C MET C 275 29.54 -5.71 28.39
N THR C 276 28.74 -5.20 29.33
CA THR C 276 27.47 -5.82 29.69
C THR C 276 26.31 -4.99 29.16
N VAL C 277 25.37 -5.65 28.51
CA VAL C 277 24.19 -4.99 27.96
C VAL C 277 22.95 -5.53 28.65
N TRP C 278 22.08 -4.64 29.10
CA TRP C 278 20.86 -5.03 29.81
C TRP C 278 19.62 -4.88 28.93
N LEU C 279 18.71 -5.85 29.07
CA LEU C 279 17.40 -5.77 28.44
C LEU C 279 16.36 -5.84 29.55
N SER C 280 15.58 -4.78 29.72
CA SER C 280 14.66 -4.69 30.85
C SER C 280 13.21 -4.52 30.39
N THR C 281 12.30 -5.16 31.11
CA THR C 281 10.87 -5.01 30.87
C THR C 281 10.21 -4.28 32.03
N ALA C 282 11.00 -3.52 32.78
CA ALA C 282 10.48 -2.76 33.91
C ALA C 282 9.50 -1.71 33.41
N PRO C 283 8.50 -1.36 34.25
CA PRO C 283 7.50 -0.37 33.86
C PRO C 283 8.08 1.04 33.76
N THR C 284 9.29 1.22 34.27
CA THR C 284 10.01 2.49 34.14
C THR C 284 10.66 2.61 32.77
N GLU C 285 10.72 1.51 32.04
CA GLU C 285 11.41 1.46 30.76
C GLU C 285 10.39 1.46 29.62
N PRO C 286 10.85 1.74 28.38
CA PRO C 286 9.95 1.66 27.23
C PRO C 286 9.27 0.31 27.12
N LEU C 287 8.03 0.30 26.64
CA LEU C 287 7.23 -0.91 26.61
C LEU C 287 7.77 -1.93 25.62
N THR C 288 7.58 -3.21 25.93
CA THR C 288 7.99 -4.30 25.05
C THR C 288 6.81 -5.23 24.86
N HIS C 289 6.96 -6.21 23.98
CA HIS C 289 5.88 -7.15 23.70
C HIS C 289 5.68 -8.14 24.86
N TRP C 290 6.52 -8.05 25.88
CA TRP C 290 6.35 -8.83 27.10
C TRP C 290 5.46 -8.12 28.12
N TYR C 291 5.42 -6.80 28.05
CA TYR C 291 4.65 -5.98 28.98
C TYR C 291 5.06 -6.30 30.42
N GLN C 292 4.12 -6.17 31.35
CA GLN C 292 4.31 -6.61 32.72
C GLN C 292 3.16 -7.53 33.12
N VAL C 293 3.31 -8.21 34.26
CA VAL C 293 2.29 -9.14 34.73
C VAL C 293 1.89 -8.83 36.17
N ARG C 294 0.59 -8.89 36.44
CA ARG C 294 0.09 -8.68 37.79
C ARG C 294 -0.79 -9.84 38.24
N CYS C 295 -0.56 -10.27 39.48
CA CYS C 295 -1.34 -11.32 40.12
C CYS C 295 -2.06 -10.78 41.35
N LEU C 296 -3.38 -10.87 41.36
CA LEU C 296 -4.18 -10.36 42.48
C LEU C 296 -4.19 -11.29 43.70
N PHE C 297 -4.23 -10.70 44.89
CA PHE C 297 -4.58 -11.44 46.09
C PHE C 297 -6.09 -11.57 46.13
N GLN C 298 -6.59 -12.62 46.78
CA GLN C 298 -8.03 -12.78 46.93
C GLN C 298 -8.61 -11.70 47.83
N SER C 299 -7.84 -11.28 48.83
CA SER C 299 -8.26 -10.21 49.73
C SER C 299 -7.14 -9.19 49.92
N PRO C 300 -7.44 -7.89 49.75
CA PRO C 300 -6.34 -6.93 49.94
C PRO C 300 -5.78 -6.94 51.35
N LEU C 301 -4.54 -6.48 51.47
CA LEU C 301 -3.88 -6.37 52.75
C LEU C 301 -3.53 -4.93 53.01
N PHE C 302 -3.84 -4.44 54.21
CA PHE C 302 -3.43 -3.08 54.58
C PHE C 302 -2.03 -3.10 55.18
N ALA C 303 -1.19 -2.21 54.68
CA ALA C 303 0.17 -2.08 55.17
C ALA C 303 0.52 -0.62 55.31
N LYS C 304 1.07 -0.27 56.46
CA LYS C 304 1.54 1.09 56.71
C LYS C 304 2.90 1.27 56.04
N ALA C 305 3.29 2.50 55.76
CA ALA C 305 4.63 2.76 55.25
C ALA C 305 5.67 2.45 56.32
N GLY C 306 6.67 1.64 55.97
CA GLY C 306 7.67 1.20 56.92
C GLY C 306 7.44 -0.23 57.37
N ASP C 307 6.18 -0.66 57.34
CA ASP C 307 5.83 -2.04 57.67
C ASP C 307 6.48 -2.99 56.69
N THR C 308 6.49 -4.26 57.04
CA THR C 308 7.08 -5.28 56.19
C THR C 308 6.03 -6.26 55.69
N LEU C 309 6.03 -6.49 54.38
CA LEU C 309 5.14 -7.46 53.76
C LEU C 309 5.97 -8.67 53.36
N SER C 310 5.79 -9.77 54.08
CA SER C 310 6.60 -10.96 53.87
C SER C 310 5.77 -12.10 53.34
N GLY C 311 6.41 -13.01 52.62
CA GLY C 311 5.74 -14.18 52.10
C GLY C 311 6.57 -14.89 51.05
N THR C 312 5.89 -15.72 50.26
CA THR C 312 6.58 -16.55 49.27
C THR C 312 5.80 -16.60 47.97
N CYS C 313 6.53 -16.53 46.86
CA CYS C 313 5.95 -16.81 45.56
C CYS C 313 6.54 -18.10 45.02
N LEU C 314 5.68 -19.10 44.82
CA LEU C 314 6.14 -20.41 44.39
C LEU C 314 5.64 -20.73 42.99
N LEU C 315 6.58 -21.03 42.09
CA LEU C 315 6.27 -21.40 40.72
C LEU C 315 6.57 -22.87 40.48
N ILE C 316 5.53 -23.60 40.07
CA ILE C 316 5.63 -25.04 39.85
C ILE C 316 5.30 -25.35 38.40
N ALA C 317 6.27 -25.92 37.70
CA ALA C 317 6.10 -26.22 36.28
C ALA C 317 5.03 -27.28 36.06
N ASN C 318 4.23 -27.10 35.03
CA ASN C 318 3.20 -28.06 34.65
C ASN C 318 3.47 -28.61 33.26
N LYS C 319 2.65 -29.57 32.83
CA LYS C 319 2.86 -30.26 31.56
C LYS C 319 2.32 -29.44 30.39
N ARG C 320 1.73 -28.28 30.67
CA ARG C 320 1.22 -27.41 29.62
C ARG C 320 2.23 -26.32 29.26
N GLN C 321 3.51 -26.59 29.50
CA GLN C 321 4.58 -25.65 29.13
C GLN C 321 4.42 -24.33 29.88
N SER C 322 3.88 -24.38 31.09
CA SER C 322 3.75 -23.16 31.88
C SER C 322 3.93 -23.43 33.36
N TYR C 323 3.49 -22.48 34.18
CA TYR C 323 3.64 -22.59 35.63
C TYR C 323 2.33 -22.33 36.37
N ASP C 324 2.21 -22.97 37.53
CA ASP C 324 1.18 -22.63 38.49
C ASP C 324 1.82 -21.75 39.55
N ILE C 325 1.21 -20.60 39.80
CA ILE C 325 1.80 -19.61 40.71
C ILE C 325 1.05 -19.64 42.02
N SER C 326 1.80 -19.85 43.11
CA SER C 326 1.23 -19.80 44.45
C SER C 326 1.84 -18.63 45.20
N ILE C 327 0.99 -17.69 45.60
CA ILE C 327 1.45 -16.49 46.31
C ILE C 327 0.85 -16.46 47.71
N VAL C 328 1.71 -16.35 48.71
CA VAL C 328 1.30 -16.19 50.09
C VAL C 328 1.97 -14.96 50.66
N ALA C 329 1.20 -14.09 51.29
CA ALA C 329 1.75 -12.86 51.86
C ALA C 329 1.15 -12.58 53.24
N GLN C 330 1.95 -11.96 54.09
CA GLN C 330 1.49 -11.62 55.43
C GLN C 330 2.10 -10.30 55.87
N VAL C 331 1.29 -9.44 56.46
CA VAL C 331 1.76 -8.23 57.11
C VAL C 331 2.23 -8.61 58.50
N ASP C 332 3.54 -8.51 58.73
CA ASP C 332 4.14 -9.02 59.96
C ASP C 332 3.66 -8.27 61.19
N GLN C 333 3.38 -6.98 61.02
CA GLN C 333 2.97 -6.13 62.14
C GLN C 333 1.51 -6.35 62.52
N THR C 334 0.69 -6.78 61.56
CA THR C 334 -0.75 -6.90 61.78
C THR C 334 -1.20 -8.35 61.84
N GLY C 335 -0.45 -9.23 61.19
CA GLY C 335 -0.82 -10.63 61.10
C GLY C 335 -1.84 -10.87 60.02
N SER C 336 -2.18 -9.81 59.28
CA SER C 336 -3.10 -9.89 58.16
C SER C 336 -2.51 -10.74 57.04
N LYS C 337 -3.24 -11.77 56.62
CA LYS C 337 -2.74 -12.76 55.67
C LYS C 337 -3.59 -12.85 54.41
N SER C 338 -2.96 -13.01 53.26
CA SER C 338 -3.68 -13.28 52.02
C SER C 338 -2.89 -14.18 51.07
N SER C 339 -3.60 -14.95 50.26
CA SER C 339 -2.98 -15.87 49.31
C SER C 339 -3.66 -15.83 47.94
N ASN C 340 -3.08 -16.54 46.98
CA ASN C 340 -3.73 -16.81 45.70
C ASN C 340 -2.97 -17.86 44.90
N LEU C 341 -3.72 -18.60 44.09
CA LEU C 341 -3.16 -19.61 43.20
C LEU C 341 -3.55 -19.30 41.76
N LEU C 342 -2.56 -19.21 40.86
CA LEU C 342 -2.83 -18.76 39.48
C LEU C 342 -2.30 -19.71 38.41
N ASP C 343 -2.94 -19.69 37.25
CA ASP C 343 -2.50 -20.47 36.09
C ASP C 343 -1.95 -19.55 35.01
N LEU C 344 -0.62 -19.45 34.95
CA LEU C 344 0.05 -18.53 34.03
C LEU C 344 -0.20 -18.86 32.56
N LYS C 345 -0.61 -20.09 32.28
CA LYS C 345 -0.79 -20.55 30.91
C LYS C 345 -1.85 -19.76 30.17
N ASN C 346 -2.85 -19.26 30.89
CA ASN C 346 -3.95 -18.56 30.27
C ASN C 346 -4.14 -17.19 30.90
N PRO C 347 -3.30 -16.22 30.50
CA PRO C 347 -3.40 -14.90 31.12
C PRO C 347 -4.56 -14.10 30.56
N PHE C 348 -4.85 -12.97 31.21
CA PHE C 348 -5.90 -12.07 30.74
C PHE C 348 -5.25 -10.82 30.17
N PHE C 349 -5.34 -10.64 28.86
CA PHE C 349 -4.74 -9.48 28.22
C PHE C 349 -5.66 -8.28 28.35
N ARG C 350 -5.24 -7.32 29.16
CA ARG C 350 -6.05 -6.17 29.54
C ARG C 350 -5.67 -4.93 28.77
N TYR C 351 -4.47 -4.95 28.19
CA TYR C 351 -3.88 -3.77 27.55
C TYR C 351 -4.87 -3.05 26.64
N THR C 352 -4.83 -1.72 26.68
CA THR C 352 -5.77 -0.86 25.94
C THR C 352 -7.18 -1.42 26.06
N SER D 10 -15.35 -43.09 17.79
CA SER D 10 -16.58 -42.32 17.54
C SER D 10 -16.42 -41.48 16.28
N VAL D 11 -17.52 -40.89 15.82
CA VAL D 11 -17.51 -40.13 14.58
C VAL D 11 -16.76 -38.82 14.80
N PHE D 12 -16.73 -38.33 16.04
CA PHE D 12 -16.08 -37.06 16.35
C PHE D 12 -14.56 -37.18 16.30
N SER D 13 -14.02 -38.24 16.89
CA SER D 13 -12.58 -38.42 16.96
C SER D 13 -12.01 -38.73 15.58
N GLU D 14 -12.85 -39.30 14.72
CA GLU D 14 -12.45 -39.63 13.36
C GLU D 14 -12.37 -38.40 12.48
N ARG D 15 -13.07 -37.32 12.87
CA ARG D 15 -13.08 -36.10 12.05
C ARG D 15 -12.36 -34.95 12.77
N THR D 16 -11.65 -35.26 13.85
CA THR D 16 -10.98 -34.22 14.65
C THR D 16 -9.62 -34.63 15.22
N GLU D 17 -8.66 -33.70 15.10
CA GLU D 17 -7.36 -33.80 15.75
C GLU D 17 -7.50 -33.60 17.26
N GLU D 18 -6.86 -34.45 18.06
CA GLU D 18 -6.98 -34.33 19.51
C GLU D 18 -6.48 -32.97 20.00
N SER D 19 -5.38 -32.50 19.43
CA SER D 19 -4.80 -31.22 19.80
C SER D 19 -5.83 -30.10 19.70
N SER D 20 -6.58 -30.09 18.61
CA SER D 20 -7.61 -29.07 18.38
C SER D 20 -8.80 -29.25 19.33
N ALA D 21 -9.22 -30.50 19.52
CA ALA D 21 -10.38 -30.80 20.35
C ALA D 21 -10.16 -30.39 21.79
N VAL D 22 -8.96 -30.67 22.30
CA VAL D 22 -8.60 -30.32 23.68
C VAL D 22 -8.73 -28.82 23.89
N GLN D 23 -8.10 -28.03 23.02
CA GLN D 23 -8.13 -26.58 23.12
C GLN D 23 -9.56 -26.05 22.97
N TYR D 24 -10.32 -26.67 22.08
CA TYR D 24 -11.69 -26.25 21.78
C TYR D 24 -12.61 -26.34 23.00
N PHE D 25 -12.59 -27.47 23.68
CA PHE D 25 -13.49 -27.71 24.80
C PHE D 25 -12.97 -27.02 26.07
N GLN D 26 -11.67 -26.73 26.07
CA GLN D 26 -11.06 -25.93 27.13
C GLN D 26 -11.61 -24.51 27.07
N PHE D 27 -11.68 -23.98 25.86
CA PHE D 27 -12.18 -22.64 25.59
C PHE D 27 -13.59 -22.45 26.13
N TYR D 28 -14.46 -23.42 25.87
CA TYR D 28 -15.86 -23.31 26.25
C TYR D 28 -16.09 -23.70 27.70
N GLY D 29 -15.01 -24.10 28.38
CA GLY D 29 -15.08 -24.43 29.80
C GLY D 29 -15.03 -23.21 30.69
N TYR D 30 -14.77 -22.05 30.11
CA TYR D 30 -14.69 -20.80 30.86
C TYR D 30 -16.05 -20.11 30.99
N LEU D 31 -16.40 -19.75 32.22
CA LEU D 31 -17.64 -19.01 32.48
C LEU D 31 -17.60 -17.65 31.79
N SER D 32 -16.39 -17.10 31.64
CA SER D 32 -16.22 -15.79 31.01
C SER D 32 -16.68 -15.81 29.55
N GLN D 33 -16.49 -16.95 28.89
CA GLN D 33 -16.93 -17.09 27.51
C GLN D 33 -18.43 -17.31 27.44
N GLN D 34 -18.97 -18.07 28.38
CA GLN D 34 -20.41 -18.25 28.48
C GLN D 34 -21.08 -16.89 28.65
N GLN D 35 -20.48 -16.04 29.48
CA GLN D 35 -20.99 -14.70 29.72
C GLN D 35 -21.02 -13.88 28.44
N ASN D 36 -19.93 -13.93 27.67
CA ASN D 36 -19.86 -13.18 26.41
C ASN D 36 -20.98 -13.59 25.46
N MET D 37 -21.20 -14.89 25.34
CA MET D 37 -22.27 -15.40 24.51
C MET D 37 -23.63 -14.95 25.05
N MET D 38 -23.80 -15.02 26.37
CA MET D 38 -25.09 -14.71 26.98
C MET D 38 -25.41 -13.22 26.92
N GLN D 39 -24.38 -12.38 26.93
CA GLN D 39 -24.60 -10.93 26.91
C GLN D 39 -24.83 -10.41 25.49
N ASP D 40 -24.91 -11.32 24.54
CA ASP D 40 -25.34 -10.96 23.19
C ASP D 40 -26.87 -10.95 23.19
N TYR D 41 -27.43 -9.78 23.44
CA TYR D 41 -28.88 -9.64 23.61
C TYR D 41 -29.65 -10.12 22.38
N VAL D 42 -29.11 -9.81 21.20
CA VAL D 42 -29.73 -10.24 19.95
C VAL D 42 -29.84 -11.76 19.91
N ARG D 43 -28.71 -12.44 20.13
CA ARG D 43 -28.66 -13.90 20.11
C ARG D 43 -29.62 -14.48 21.13
N THR D 44 -29.42 -14.13 22.40
CA THR D 44 -30.15 -14.74 23.50
C THR D 44 -31.63 -14.40 23.41
N GLY D 45 -31.93 -13.13 23.14
CA GLY D 45 -33.31 -12.69 23.01
C GLY D 45 -34.02 -13.34 21.85
N THR D 46 -33.32 -13.46 20.72
CA THR D 46 -33.90 -14.04 19.51
C THR D 46 -34.23 -15.51 19.73
N TYR D 47 -33.33 -16.22 20.41
CA TYR D 47 -33.56 -17.63 20.73
C TYR D 47 -34.78 -17.79 21.63
N GLN D 48 -34.91 -16.91 22.61
CA GLN D 48 -36.05 -16.97 23.53
C GLN D 48 -37.35 -16.69 22.78
N ARG D 49 -37.33 -15.71 21.88
CA ARG D 49 -38.52 -15.43 21.07
C ARG D 49 -38.93 -16.68 20.28
N ALA D 50 -37.95 -17.31 19.64
CA ALA D 50 -38.22 -18.47 18.79
C ALA D 50 -38.84 -19.62 19.58
N ILE D 51 -38.29 -19.89 20.76
CA ILE D 51 -38.74 -21.02 21.56
C ILE D 51 -40.09 -20.74 22.22
N LEU D 52 -40.22 -19.59 22.87
CA LEU D 52 -41.43 -19.29 23.65
C LEU D 52 -42.65 -19.02 22.77
N GLN D 53 -42.44 -18.32 21.66
CA GLN D 53 -43.55 -17.99 20.77
C GLN D 53 -43.97 -19.22 19.96
N ASN D 54 -43.14 -20.26 19.97
CA ASN D 54 -43.52 -21.55 19.40
C ASN D 54 -43.63 -22.58 20.53
N HIS D 55 -44.18 -22.16 21.67
CA HIS D 55 -44.23 -22.99 22.87
C HIS D 55 -44.97 -24.31 22.62
N THR D 56 -45.87 -24.31 21.65
CA THR D 56 -46.66 -25.50 21.35
C THR D 56 -45.80 -26.65 20.83
N ASP D 57 -44.67 -26.32 20.23
CA ASP D 57 -43.73 -27.33 19.73
C ASP D 57 -42.88 -27.94 20.84
N PHE D 58 -43.06 -27.44 22.06
CA PHE D 58 -42.25 -27.88 23.19
C PHE D 58 -43.14 -28.45 24.28
N LYS D 59 -44.38 -28.00 24.34
CA LYS D 59 -45.28 -28.39 25.42
C LYS D 59 -45.42 -29.91 25.52
N ASP D 60 -44.98 -30.44 26.65
CA ASP D 60 -45.11 -31.87 26.97
C ASP D 60 -44.38 -32.74 25.95
N LYS D 61 -43.26 -32.25 25.45
CA LYS D 61 -42.44 -32.98 24.49
C LYS D 61 -41.08 -33.33 25.09
N ILE D 62 -40.39 -34.29 24.49
CA ILE D 62 -39.03 -34.62 24.88
C ILE D 62 -38.08 -33.81 23.99
N VAL D 63 -37.12 -33.16 24.62
CA VAL D 63 -36.22 -32.27 23.90
C VAL D 63 -34.77 -32.71 24.05
N LEU D 64 -33.99 -32.53 22.99
CA LEU D 64 -32.55 -32.72 23.05
C LEU D 64 -31.85 -31.40 22.74
N ASP D 65 -31.03 -30.93 23.69
CA ASP D 65 -30.27 -29.70 23.51
C ASP D 65 -28.78 -30.01 23.32
N VAL D 66 -28.30 -29.79 22.09
CA VAL D 66 -26.93 -30.16 21.74
C VAL D 66 -25.99 -29.00 22.04
N GLY D 67 -25.04 -29.22 22.94
CA GLY D 67 -24.11 -28.19 23.34
C GLY D 67 -24.79 -27.10 24.14
N CYS D 68 -25.41 -27.49 25.25
CA CYS D 68 -26.20 -26.57 26.06
C CYS D 68 -25.34 -25.51 26.76
N GLY D 69 -24.05 -25.78 26.90
CA GLY D 69 -23.16 -24.87 27.61
C GLY D 69 -23.64 -24.59 29.01
N SER D 70 -23.99 -23.33 29.26
CA SER D 70 -24.54 -22.93 30.56
C SER D 70 -25.90 -23.58 30.80
N GLY D 71 -26.59 -23.94 29.72
CA GLY D 71 -27.88 -24.61 29.81
C GLY D 71 -29.04 -23.70 29.47
N ILE D 72 -28.71 -22.48 29.02
CA ILE D 72 -29.70 -21.43 28.81
C ILE D 72 -30.85 -21.87 27.89
N LEU D 73 -30.56 -22.53 26.77
CA LEU D 73 -31.61 -22.97 25.86
C LEU D 73 -32.52 -24.03 26.49
N SER D 74 -31.95 -24.89 27.33
CA SER D 74 -32.74 -25.89 28.04
C SER D 74 -33.77 -25.21 28.94
N PHE D 75 -33.34 -24.15 29.61
CA PHE D 75 -34.23 -23.41 30.50
C PHE D 75 -35.35 -22.76 29.70
N PHE D 76 -35.03 -22.26 28.51
CA PHE D 76 -36.05 -21.72 27.62
C PHE D 76 -37.07 -22.81 27.30
N ALA D 77 -36.57 -24.00 26.98
CA ALA D 77 -37.44 -25.13 26.67
C ALA D 77 -38.31 -25.53 27.86
N ALA D 78 -37.75 -25.43 29.06
CA ALA D 78 -38.48 -25.75 30.27
C ALA D 78 -39.59 -24.73 30.51
N GLN D 79 -39.28 -23.46 30.26
CA GLN D 79 -40.26 -22.39 30.37
C GLN D 79 -41.41 -22.61 29.38
N ALA D 80 -41.07 -23.13 28.20
CA ALA D 80 -42.06 -23.36 27.14
C ALA D 80 -42.93 -24.57 27.42
N GLY D 81 -42.54 -25.38 28.41
CA GLY D 81 -43.37 -26.48 28.87
C GLY D 81 -42.91 -27.89 28.51
N ALA D 82 -41.65 -28.05 28.13
CA ALA D 82 -41.12 -29.37 27.79
C ALA D 82 -41.30 -30.32 28.97
N ARG D 83 -41.62 -31.57 28.69
CA ARG D 83 -41.81 -32.58 29.74
C ARG D 83 -40.43 -32.98 30.26
N LYS D 84 -39.48 -33.12 29.34
CA LYS D 84 -38.12 -33.50 29.68
C LYS D 84 -37.13 -33.03 28.61
N ILE D 85 -36.02 -32.49 29.07
CA ILE D 85 -34.97 -32.00 28.19
C ILE D 85 -33.67 -32.73 28.48
N TYR D 86 -33.12 -33.41 27.48
CA TYR D 86 -31.80 -34.00 27.60
C TYR D 86 -30.77 -33.00 27.08
N ALA D 87 -29.93 -32.51 27.98
CA ALA D 87 -28.94 -31.51 27.64
C ALA D 87 -27.55 -32.13 27.58
N VAL D 88 -26.97 -32.16 26.39
CA VAL D 88 -25.67 -32.79 26.18
C VAL D 88 -24.60 -31.72 26.06
N GLU D 89 -23.53 -31.87 26.84
CA GLU D 89 -22.42 -30.91 26.86
C GLU D 89 -21.11 -31.62 27.13
N ALA D 90 -20.11 -31.37 26.29
CA ALA D 90 -18.85 -32.10 26.33
C ALA D 90 -17.77 -31.44 27.18
N SER D 91 -17.88 -30.13 27.41
CA SER D 91 -16.89 -29.44 28.25
C SER D 91 -17.23 -29.60 29.72
N THR D 92 -16.36 -29.08 30.58
CA THR D 92 -16.57 -29.13 32.02
C THR D 92 -17.69 -28.18 32.45
N MET D 93 -18.19 -27.38 31.50
CA MET D 93 -19.34 -26.52 31.73
C MET D 93 -20.55 -27.33 32.19
N ALA D 94 -20.59 -28.61 31.83
CA ALA D 94 -21.69 -29.50 32.20
C ALA D 94 -21.89 -29.51 33.72
N GLN D 95 -20.79 -29.44 34.46
CA GLN D 95 -20.83 -29.45 35.92
C GLN D 95 -21.49 -28.19 36.48
N HIS D 96 -21.30 -27.07 35.79
CA HIS D 96 -21.90 -25.81 36.18
C HIS D 96 -23.37 -25.77 35.82
N ALA D 97 -23.70 -26.35 34.67
CA ALA D 97 -25.08 -26.41 34.21
C ALA D 97 -25.96 -27.12 35.24
N GLU D 98 -25.49 -28.23 35.79
CA GLU D 98 -26.27 -28.98 36.76
C GLU D 98 -26.50 -28.16 38.02
N VAL D 99 -25.58 -27.25 38.33
CA VAL D 99 -25.72 -26.39 39.49
C VAL D 99 -26.91 -25.45 39.28
N LEU D 100 -27.03 -24.90 38.08
CA LEU D 100 -28.14 -24.00 37.76
C LEU D 100 -29.46 -24.74 37.72
N VAL D 101 -29.43 -25.97 37.19
CA VAL D 101 -30.63 -26.77 37.08
C VAL D 101 -31.19 -27.00 38.49
N LYS D 102 -30.30 -27.21 39.45
CA LYS D 102 -30.71 -27.44 40.83
C LYS D 102 -31.17 -26.18 41.55
N SER D 103 -30.44 -25.08 41.40
CA SER D 103 -30.81 -23.85 42.08
C SER D 103 -32.09 -23.25 41.50
N ASN D 104 -32.48 -23.71 40.32
CA ASN D 104 -33.74 -23.28 39.70
C ASN D 104 -34.86 -24.32 39.85
N ASN D 105 -34.61 -25.38 40.61
CA ASN D 105 -35.61 -26.42 40.87
C ASN D 105 -36.22 -27.02 39.59
N LEU D 106 -35.36 -27.47 38.69
CA LEU D 106 -35.81 -28.00 37.41
C LEU D 106 -35.26 -29.40 37.13
N THR D 107 -34.85 -30.09 38.18
CA THR D 107 -34.26 -31.43 38.04
C THR D 107 -35.28 -32.42 37.48
N ASP D 108 -36.55 -32.12 37.66
CA ASP D 108 -37.62 -32.94 37.14
C ASP D 108 -37.76 -32.83 35.62
N ARG D 109 -37.18 -31.78 35.03
CA ARG D 109 -37.38 -31.51 33.62
C ARG D 109 -36.09 -31.46 32.79
N ILE D 110 -35.01 -30.93 33.37
CA ILE D 110 -33.74 -30.86 32.64
C ILE D 110 -32.77 -31.91 33.15
N VAL D 111 -32.29 -32.74 32.23
CA VAL D 111 -31.30 -33.76 32.56
C VAL D 111 -30.00 -33.50 31.79
N VAL D 112 -28.93 -33.22 32.52
CA VAL D 112 -27.64 -32.96 31.89
C VAL D 112 -26.93 -34.29 31.62
N ILE D 113 -26.48 -34.46 30.38
CA ILE D 113 -25.75 -35.65 29.96
C ILE D 113 -24.34 -35.23 29.57
N PRO D 114 -23.35 -35.50 30.43
CA PRO D 114 -21.98 -35.13 30.05
C PRO D 114 -21.40 -36.03 28.97
N GLY D 115 -20.73 -35.42 27.98
CA GLY D 115 -20.13 -36.18 26.90
C GLY D 115 -20.39 -35.55 25.55
N LYS D 116 -19.79 -36.12 24.52
CA LYS D 116 -19.99 -35.64 23.15
C LYS D 116 -21.24 -36.30 22.58
N VAL D 117 -22.02 -35.54 21.84
CA VAL D 117 -23.31 -36.01 21.34
C VAL D 117 -23.14 -37.24 20.45
N GLU D 118 -21.93 -37.42 19.92
CA GLU D 118 -21.62 -38.58 19.10
C GLU D 118 -21.31 -39.82 19.94
N GLU D 119 -21.23 -39.64 21.26
CA GLU D 119 -20.76 -40.70 22.15
C GLU D 119 -21.75 -41.10 23.25
N VAL D 120 -22.67 -40.20 23.59
CA VAL D 120 -23.57 -40.47 24.71
C VAL D 120 -24.71 -41.39 24.29
N SER D 121 -25.31 -42.04 25.28
CA SER D 121 -26.50 -42.87 25.08
C SER D 121 -27.71 -42.19 25.72
N LEU D 122 -28.78 -42.04 24.95
CA LEU D 122 -30.02 -41.45 25.47
C LEU D 122 -31.10 -42.51 25.71
N PRO D 123 -31.94 -42.30 26.73
CA PRO D 123 -32.97 -43.30 27.04
C PRO D 123 -34.04 -43.46 25.96
N GLU D 124 -34.34 -42.39 25.23
CA GLU D 124 -35.46 -42.41 24.28
C GLU D 124 -35.26 -41.45 23.11
N GLN D 125 -36.09 -41.61 22.08
CA GLN D 125 -36.12 -40.70 20.93
C GLN D 125 -36.71 -39.36 21.36
N VAL D 126 -36.41 -38.29 20.62
CA VAL D 126 -36.87 -36.95 21.00
C VAL D 126 -37.74 -36.32 19.91
N ASP D 127 -38.55 -35.32 20.31
CA ASP D 127 -39.46 -34.64 19.40
C ASP D 127 -38.81 -33.51 18.64
N ILE D 128 -37.88 -32.84 19.31
CA ILE D 128 -37.24 -31.66 18.72
C ILE D 128 -35.82 -31.53 19.23
N ILE D 129 -34.93 -31.07 18.35
CA ILE D 129 -33.56 -30.79 18.71
C ILE D 129 -33.36 -29.28 18.67
N ILE D 130 -32.74 -28.72 19.71
CA ILE D 130 -32.39 -27.32 19.74
C ILE D 130 -30.88 -27.20 19.89
N SER D 131 -30.31 -26.10 19.42
CA SER D 131 -28.87 -25.91 19.49
C SER D 131 -28.45 -24.54 18.96
N GLU D 132 -27.23 -24.15 19.28
CA GLU D 132 -26.60 -22.97 18.68
C GLU D 132 -25.28 -23.39 18.06
N PRO D 133 -25.34 -24.04 16.89
CA PRO D 133 -24.14 -24.62 16.26
C PRO D 133 -23.40 -23.66 15.32
N MET D 134 -23.85 -22.43 15.20
CA MET D 134 -23.27 -21.50 14.24
C MET D 134 -21.99 -20.86 14.77
N GLY D 135 -20.95 -20.86 13.93
CA GLY D 135 -19.73 -20.14 14.21
C GLY D 135 -19.56 -18.99 13.22
N TYR D 136 -18.39 -18.38 13.21
CA TYR D 136 -18.09 -17.36 12.20
C TYR D 136 -18.37 -17.93 10.83
N MET D 137 -19.01 -17.13 9.98
CA MET D 137 -19.31 -17.58 8.63
C MET D 137 -20.24 -18.80 8.64
N LEU D 138 -20.90 -19.00 9.78
CA LEU D 138 -21.83 -20.11 10.01
C LEU D 138 -21.12 -21.44 10.26
N PHE D 139 -20.18 -21.80 9.39
CA PHE D 139 -19.65 -23.16 9.38
C PHE D 139 -18.44 -23.40 10.30
N ASN D 140 -17.75 -22.34 10.70
CA ASN D 140 -16.58 -22.49 11.56
C ASN D 140 -16.94 -23.28 12.82
N GLU D 141 -15.95 -24.02 13.34
CA GLU D 141 -16.09 -24.88 14.51
C GLU D 141 -16.75 -26.21 14.17
N ARG D 142 -17.32 -26.32 12.98
CA ARG D 142 -17.83 -27.60 12.48
C ARG D 142 -18.83 -28.24 13.44
N MET D 143 -19.55 -27.44 14.21
CA MET D 143 -20.52 -28.01 15.13
C MET D 143 -21.80 -28.40 14.42
N LEU D 144 -22.01 -27.89 13.22
CA LEU D 144 -23.20 -28.23 12.45
C LEU D 144 -23.26 -29.73 12.20
N GLU D 145 -22.10 -30.38 12.17
CA GLU D 145 -22.03 -31.81 11.92
C GLU D 145 -22.43 -32.60 13.16
N SER D 146 -22.23 -32.01 14.33
CA SER D 146 -22.66 -32.63 15.57
C SER D 146 -24.17 -32.48 15.70
N TYR D 147 -24.66 -31.32 15.27
CA TYR D 147 -26.09 -31.01 15.25
C TYR D 147 -26.84 -32.01 14.36
N LEU D 148 -26.29 -32.28 13.17
CA LEU D 148 -26.91 -33.21 12.24
C LEU D 148 -26.75 -34.66 12.69
N HIS D 149 -25.64 -34.96 13.34
CA HIS D 149 -25.42 -36.30 13.89
C HIS D 149 -26.54 -36.65 14.85
N ALA D 150 -26.93 -35.68 15.67
CA ALA D 150 -27.94 -35.86 16.70
C ALA D 150 -29.29 -36.29 16.13
N LYS D 151 -29.48 -36.18 14.82
CA LYS D 151 -30.76 -36.59 14.23
C LYS D 151 -31.01 -38.09 14.39
N LYS D 152 -29.98 -38.84 14.78
CA LYS D 152 -30.17 -40.26 15.04
C LYS D 152 -31.12 -40.46 16.22
N TYR D 153 -31.23 -39.46 17.09
CA TYR D 153 -32.16 -39.52 18.22
C TYR D 153 -33.49 -38.85 17.92
N LEU D 154 -33.65 -38.34 16.72
CA LEU D 154 -34.86 -37.60 16.36
C LEU D 154 -35.90 -38.52 15.73
N LYS D 155 -37.13 -38.35 16.18
CA LYS D 155 -38.28 -39.08 15.65
C LYS D 155 -38.44 -38.69 14.18
N PRO D 156 -39.10 -39.54 13.38
CA PRO D 156 -39.27 -39.23 11.96
C PRO D 156 -39.92 -37.88 11.67
N SER D 157 -40.92 -37.50 12.45
CA SER D 157 -41.66 -36.26 12.22
C SER D 157 -41.21 -35.15 13.17
N GLY D 158 -40.01 -35.28 13.71
CA GLY D 158 -39.49 -34.29 14.64
C GLY D 158 -39.02 -33.01 13.98
N ASN D 159 -38.68 -32.02 14.80
CA ASN D 159 -38.29 -30.71 14.30
C ASN D 159 -36.90 -30.31 14.79
N MET D 160 -36.33 -29.28 14.16
CA MET D 160 -35.02 -28.78 14.52
C MET D 160 -35.01 -27.26 14.64
N PHE D 161 -34.42 -26.78 15.73
CA PHE D 161 -34.30 -25.36 16.01
C PHE D 161 -32.84 -24.98 16.18
N PRO D 162 -32.23 -24.30 15.20
CA PRO D 162 -32.77 -23.75 13.95
C PRO D 162 -33.11 -24.81 12.90
N THR D 163 -33.98 -24.45 11.96
CA THR D 163 -34.45 -25.40 10.95
C THR D 163 -33.63 -25.30 9.67
N ILE D 164 -33.31 -24.06 9.27
CA ILE D 164 -32.56 -23.82 8.05
C ILE D 164 -31.51 -22.74 8.27
N GLY D 165 -30.49 -22.73 7.41
CA GLY D 165 -29.46 -21.71 7.44
C GLY D 165 -29.21 -21.12 6.06
N ASP D 166 -29.06 -19.80 6.00
CA ASP D 166 -28.77 -19.09 4.76
C ASP D 166 -27.43 -18.39 4.85
N VAL D 167 -26.51 -18.74 3.96
CA VAL D 167 -25.27 -17.98 3.82
C VAL D 167 -25.47 -16.92 2.74
N HIS D 168 -25.02 -15.70 3.02
CA HIS D 168 -25.10 -14.62 2.05
C HIS D 168 -23.70 -14.14 1.72
N LEU D 169 -23.38 -14.06 0.42
CA LEU D 169 -22.10 -13.51 0.00
C LEU D 169 -22.33 -12.38 -1.00
N ALA D 170 -21.53 -11.32 -0.88
CA ALA D 170 -21.61 -10.20 -1.81
C ALA D 170 -20.24 -9.54 -1.97
N PRO D 171 -19.93 -9.04 -3.17
CA PRO D 171 -18.67 -8.32 -3.38
C PRO D 171 -18.68 -6.92 -2.78
N PHE D 172 -17.52 -6.47 -2.32
CA PHE D 172 -17.40 -5.17 -1.67
C PHE D 172 -16.18 -4.41 -2.15
N THR D 173 -16.14 -3.12 -1.83
CA THR D 173 -14.96 -2.30 -2.10
C THR D 173 -14.53 -1.60 -0.80
N ASP D 174 -13.27 -1.80 -0.45
CA ASP D 174 -12.69 -1.17 0.73
C ASP D 174 -11.18 -0.98 0.54
N GLU D 175 -10.80 0.10 -0.11
CA GLU D 175 -9.39 0.37 -0.40
C GLU D 175 -8.54 0.36 0.85
N GLN D 176 -9.09 0.89 1.94
CA GLN D 176 -8.34 1.03 3.18
C GLN D 176 -8.05 -0.32 3.84
N LEU D 177 -9.00 -1.25 3.78
CA LEU D 177 -8.78 -2.58 4.33
C LEU D 177 -7.70 -3.31 3.54
N TYR D 178 -7.76 -3.20 2.21
CA TYR D 178 -6.78 -3.86 1.35
C TYR D 178 -5.36 -3.34 1.56
N MET D 179 -5.20 -2.02 1.64
CA MET D 179 -3.88 -1.45 1.79
C MET D 179 -3.34 -1.72 3.20
N GLU D 180 -4.24 -1.86 4.17
CA GLU D 180 -3.84 -2.19 5.53
C GLU D 180 -3.07 -3.51 5.55
N GLN D 181 -3.61 -4.51 4.85
CA GLN D 181 -2.99 -5.84 4.80
C GLN D 181 -1.72 -5.83 3.95
N PHE D 182 -1.71 -4.99 2.92
CA PHE D 182 -0.57 -4.91 2.02
C PHE D 182 0.53 -4.11 2.73
N THR D 183 0.13 -3.16 3.56
CA THR D 183 1.07 -2.42 4.40
C THR D 183 1.77 -3.33 5.39
N LYS D 184 1.03 -4.29 5.94
CA LYS D 184 1.59 -5.20 6.94
C LYS D 184 2.57 -6.15 6.28
N ALA D 185 2.20 -6.65 5.10
CA ALA D 185 3.03 -7.61 4.38
C ALA D 185 4.31 -6.95 3.83
N ASN D 186 4.26 -5.64 3.61
CA ASN D 186 5.41 -4.94 3.03
C ASN D 186 6.62 -4.86 3.96
N PHE D 187 6.42 -5.17 5.23
CA PHE D 187 7.53 -5.30 6.17
C PHE D 187 8.59 -6.25 5.61
N TRP D 188 8.13 -7.31 4.96
CA TRP D 188 9.00 -8.37 4.48
C TRP D 188 9.64 -8.05 3.14
N TYR D 189 9.41 -6.83 2.64
CA TYR D 189 10.04 -6.37 1.41
C TYR D 189 11.36 -5.68 1.72
N GLN D 190 11.63 -5.45 3.02
CA GLN D 190 12.82 -4.72 3.42
C GLN D 190 14.12 -5.37 2.95
N PRO D 191 14.99 -4.59 2.27
CA PRO D 191 16.24 -5.16 1.75
C PRO D 191 17.35 -5.18 2.78
N SER D 192 17.18 -4.42 3.87
CA SER D 192 18.18 -4.35 4.92
C SER D 192 17.55 -3.98 6.25
N PHE D 193 16.90 -4.96 6.86
CA PHE D 193 16.38 -4.84 8.22
C PHE D 193 17.49 -5.21 9.20
N HIS D 194 18.07 -4.22 9.85
CA HIS D 194 19.23 -4.42 10.71
C HIS D 194 20.34 -5.16 9.96
N GLY D 195 20.45 -4.87 8.66
CA GLY D 195 21.51 -5.44 7.83
C GLY D 195 21.17 -6.78 7.20
N VAL D 196 19.89 -7.17 7.26
CA VAL D 196 19.45 -8.46 6.75
C VAL D 196 18.41 -8.26 5.64
N ASP D 197 18.55 -9.03 4.58
CA ASP D 197 17.64 -8.95 3.44
C ASP D 197 16.44 -9.90 3.62
N LEU D 198 15.26 -9.32 3.86
CA LEU D 198 14.07 -10.10 4.11
C LEU D 198 13.23 -10.34 2.86
N SER D 199 13.59 -9.66 1.77
CA SER D 199 12.73 -9.60 0.58
C SER D 199 12.37 -10.98 0.04
N ALA D 200 13.21 -11.97 0.29
CA ALA D 200 12.97 -13.32 -0.24
C ALA D 200 11.66 -13.92 0.29
N LEU D 201 11.16 -13.37 1.40
CA LEU D 201 9.96 -13.88 2.04
C LEU D 201 8.73 -13.03 1.78
N ARG D 202 8.88 -12.01 0.93
CA ARG D 202 7.79 -11.09 0.66
C ARG D 202 6.56 -11.86 0.19
N GLY D 203 6.78 -12.84 -0.68
CA GLY D 203 5.72 -13.68 -1.21
C GLY D 203 4.98 -14.48 -0.15
N ALA D 204 5.74 -15.11 0.74
CA ALA D 204 5.17 -15.91 1.81
C ALA D 204 4.36 -15.03 2.77
N ALA D 205 4.86 -13.82 3.02
CA ALA D 205 4.19 -12.91 3.93
C ALA D 205 2.82 -12.51 3.40
N VAL D 206 2.77 -12.12 2.13
CA VAL D 206 1.51 -11.74 1.51
C VAL D 206 0.50 -12.87 1.63
N ASP D 207 0.92 -14.07 1.28
CA ASP D 207 0.02 -15.23 1.32
C ASP D 207 -0.57 -15.42 2.72
N GLU D 208 0.29 -15.39 3.72
CA GLU D 208 -0.15 -15.61 5.10
C GLU D 208 -1.18 -14.57 5.55
N TYR D 209 -0.90 -13.29 5.26
CA TYR D 209 -1.77 -12.20 5.71
C TYR D 209 -3.12 -12.19 4.99
N PHE D 210 -3.13 -12.53 3.72
CA PHE D 210 -4.36 -12.53 2.93
C PHE D 210 -5.13 -13.83 3.13
N ARG D 211 -4.51 -14.78 3.82
CA ARG D 211 -5.16 -16.04 4.16
C ARG D 211 -6.12 -15.86 5.32
N GLN D 212 -6.09 -14.68 5.93
CA GLN D 212 -6.90 -14.39 7.11
C GLN D 212 -8.24 -13.77 6.76
N PRO D 213 -9.35 -14.43 7.14
CA PRO D 213 -10.63 -13.73 7.00
C PRO D 213 -10.72 -12.58 7.98
N VAL D 214 -11.28 -11.47 7.55
CA VAL D 214 -11.38 -10.28 8.39
C VAL D 214 -12.73 -10.26 9.08
N VAL D 215 -12.73 -10.29 10.42
CA VAL D 215 -13.97 -10.22 11.19
C VAL D 215 -14.13 -8.80 11.73
N ASP D 216 -15.24 -8.18 11.33
CA ASP D 216 -15.60 -6.84 11.79
C ASP D 216 -16.95 -6.48 11.19
N THR D 217 -17.35 -5.23 11.32
CA THR D 217 -18.60 -4.78 10.69
C THR D 217 -18.26 -3.73 9.65
N PHE D 218 -19.25 -3.33 8.87
CA PHE D 218 -19.02 -2.39 7.79
C PHE D 218 -20.29 -1.72 7.30
N ASP D 219 -20.13 -0.62 6.59
CA ASP D 219 -21.24 0.11 5.99
C ASP D 219 -21.73 -0.66 4.77
N ILE D 220 -23.05 -0.80 4.65
CA ILE D 220 -23.63 -1.60 3.58
C ILE D 220 -23.39 -0.96 2.21
N ARG D 221 -23.00 0.31 2.20
CA ARG D 221 -22.81 1.01 0.93
C ARG D 221 -21.52 0.57 0.23
N ILE D 222 -20.69 -0.22 0.90
CA ILE D 222 -19.45 -0.69 0.28
C ILE D 222 -19.76 -1.93 -0.58
N LEU D 223 -20.98 -2.45 -0.48
CA LEU D 223 -21.37 -3.62 -1.26
C LEU D 223 -21.66 -3.23 -2.70
N MET D 224 -21.19 -4.05 -3.62
CA MET D 224 -21.14 -3.72 -5.03
C MET D 224 -22.29 -4.35 -5.82
N ALA D 225 -23.09 -5.17 -5.15
CA ALA D 225 -24.19 -5.88 -5.80
C ALA D 225 -25.08 -6.56 -4.77
N LYS D 226 -26.31 -6.87 -5.16
CA LYS D 226 -27.21 -7.64 -4.30
C LYS D 226 -26.60 -9.01 -4.04
N SER D 227 -26.79 -9.50 -2.81
CA SER D 227 -26.13 -10.72 -2.36
C SER D 227 -26.72 -11.96 -2.99
N VAL D 228 -25.94 -13.04 -2.95
CA VAL D 228 -26.37 -14.36 -3.40
C VAL D 228 -26.55 -15.23 -2.16
N LYS D 229 -27.51 -16.15 -2.22
CA LYS D 229 -27.89 -16.93 -1.07
C LYS D 229 -27.59 -18.42 -1.27
N TYR D 230 -27.06 -19.06 -0.24
CA TYR D 230 -26.87 -20.51 -0.23
C TYR D 230 -27.56 -21.06 1.00
N THR D 231 -28.50 -21.98 0.81
CA THR D 231 -29.33 -22.47 1.91
C THR D 231 -28.95 -23.89 2.32
N VAL D 232 -28.85 -24.10 3.63
CA VAL D 232 -28.68 -25.42 4.19
C VAL D 232 -29.94 -25.75 4.98
N ASN D 233 -30.66 -26.77 4.56
CA ASN D 233 -31.83 -27.20 5.31
C ASN D 233 -31.44 -28.36 6.23
N PHE D 234 -31.37 -28.07 7.53
CA PHE D 234 -30.85 -29.01 8.51
C PHE D 234 -31.75 -30.23 8.71
N LEU D 235 -32.99 -30.16 8.26
CA LEU D 235 -33.91 -31.27 8.42
C LEU D 235 -33.62 -32.40 7.42
N GLU D 236 -33.12 -32.05 6.24
CA GLU D 236 -32.84 -33.06 5.22
C GLU D 236 -31.34 -33.34 5.03
N ALA D 237 -30.50 -32.41 5.47
CA ALA D 237 -29.06 -32.53 5.27
C ALA D 237 -28.44 -33.66 6.08
N LYS D 238 -27.35 -34.21 5.56
CA LYS D 238 -26.58 -35.26 6.24
C LYS D 238 -25.17 -34.72 6.53
N GLU D 239 -24.45 -35.33 7.45
CA GLU D 239 -23.08 -34.86 7.76
C GLU D 239 -22.18 -34.82 6.54
N GLY D 240 -22.28 -35.82 5.68
CA GLY D 240 -21.40 -35.91 4.53
C GLY D 240 -21.51 -34.69 3.63
N ASP D 241 -22.64 -34.00 3.73
CA ASP D 241 -22.92 -32.82 2.91
C ASP D 241 -22.05 -31.63 3.33
N LEU D 242 -21.51 -31.67 4.54
CA LEU D 242 -20.78 -30.53 5.09
C LEU D 242 -19.26 -30.70 5.02
N HIS D 243 -18.79 -31.79 4.43
CA HIS D 243 -17.35 -32.00 4.30
C HIS D 243 -16.80 -31.15 3.16
N ARG D 244 -17.62 -30.97 2.13
CA ARG D 244 -17.22 -30.17 0.98
C ARG D 244 -18.43 -29.35 0.52
N ILE D 245 -18.36 -28.04 0.72
CA ILE D 245 -19.47 -27.16 0.35
C ILE D 245 -19.05 -26.28 -0.81
N GLU D 246 -19.73 -26.44 -1.94
CA GLU D 246 -19.41 -25.67 -3.13
C GLU D 246 -20.52 -24.66 -3.40
N ILE D 247 -20.20 -23.38 -3.25
CA ILE D 247 -21.17 -22.30 -3.42
C ILE D 247 -20.90 -21.50 -4.70
N PRO D 248 -21.60 -21.82 -5.79
CA PRO D 248 -21.45 -21.01 -7.00
C PRO D 248 -22.19 -19.68 -6.86
N PHE D 249 -21.69 -18.64 -7.51
CA PHE D 249 -22.32 -17.32 -7.45
C PHE D 249 -22.22 -16.59 -8.78
N LYS D 250 -23.22 -15.76 -9.05
CA LYS D 250 -23.20 -14.89 -10.22
C LYS D 250 -23.80 -13.54 -9.83
N PHE D 251 -22.93 -12.53 -9.73
CA PHE D 251 -23.37 -11.19 -9.33
C PHE D 251 -23.58 -10.29 -10.53
N HIS D 252 -24.63 -9.48 -10.45
CA HIS D 252 -24.85 -8.43 -11.43
C HIS D 252 -24.47 -7.10 -10.79
N MET D 253 -23.36 -6.52 -11.24
CA MET D 253 -22.78 -5.36 -10.59
C MET D 253 -23.68 -4.15 -10.69
N LEU D 254 -23.94 -3.51 -9.55
CA LEU D 254 -24.77 -2.32 -9.50
C LEU D 254 -23.92 -1.05 -9.64
N HIS D 255 -22.67 -1.15 -9.21
CA HIS D 255 -21.76 -0.01 -9.26
C HIS D 255 -20.45 -0.36 -9.95
N SER D 256 -19.86 0.62 -10.62
CA SER D 256 -18.53 0.45 -11.22
C SER D 256 -17.47 0.71 -10.16
N GLY D 257 -16.41 -0.08 -10.18
CA GLY D 257 -15.32 0.11 -9.24
C GLY D 257 -14.48 -1.12 -9.01
N LEU D 258 -13.55 -1.02 -8.07
CA LEU D 258 -12.69 -2.13 -7.70
C LEU D 258 -13.35 -3.03 -6.66
N VAL D 259 -13.39 -4.33 -6.96
CA VAL D 259 -13.87 -5.30 -6.00
C VAL D 259 -12.68 -5.87 -5.26
N HIS D 260 -12.63 -5.67 -3.95
CA HIS D 260 -11.50 -6.08 -3.14
C HIS D 260 -11.73 -7.45 -2.48
N GLY D 261 -12.97 -7.93 -2.52
CA GLY D 261 -13.26 -9.24 -1.96
C GLY D 261 -14.74 -9.58 -1.87
N LEU D 262 -15.04 -10.61 -1.08
CA LEU D 262 -16.40 -11.02 -0.82
C LEU D 262 -16.71 -10.89 0.66
N ALA D 263 -17.91 -10.40 0.97
CA ALA D 263 -18.36 -10.31 2.36
C ALA D 263 -19.34 -11.43 2.65
N PHE D 264 -19.24 -12.01 3.84
CA PHE D 264 -20.12 -13.10 4.23
C PHE D 264 -20.90 -12.77 5.49
N TRP D 265 -22.16 -13.18 5.51
CA TRP D 265 -22.96 -13.22 6.73
C TRP D 265 -23.96 -14.34 6.57
N PHE D 266 -24.75 -14.62 7.60
CA PHE D 266 -25.69 -15.72 7.52
C PHE D 266 -27.00 -15.44 8.27
N ASP D 267 -28.06 -16.08 7.82
CA ASP D 267 -29.33 -16.08 8.51
C ASP D 267 -29.68 -17.51 8.91
N VAL D 268 -30.29 -17.68 10.07
CA VAL D 268 -30.88 -18.96 10.43
C VAL D 268 -32.34 -18.71 10.80
N ALA D 269 -33.18 -19.69 10.54
CA ALA D 269 -34.60 -19.54 10.81
C ALA D 269 -35.10 -20.66 11.72
N PHE D 270 -35.89 -20.25 12.71
CA PHE D 270 -36.57 -21.19 13.57
C PHE D 270 -38.01 -21.28 13.09
N ILE D 271 -38.33 -22.37 12.42
CA ILE D 271 -39.65 -22.52 11.80
C ILE D 271 -40.52 -23.41 12.70
N GLY D 272 -41.31 -22.76 13.55
CA GLY D 272 -42.21 -23.47 14.44
C GLY D 272 -43.64 -23.46 13.94
N SER D 273 -44.53 -24.09 14.70
CA SER D 273 -45.93 -24.20 14.30
C SER D 273 -46.63 -22.85 14.31
N ILE D 274 -46.32 -22.00 15.29
CA ILE D 274 -47.00 -20.73 15.46
C ILE D 274 -46.42 -19.64 14.56
N MET D 275 -45.09 -19.58 14.44
CA MET D 275 -44.49 -18.58 13.57
C MET D 275 -43.02 -18.87 13.26
N THR D 276 -42.48 -18.11 12.32
CA THR D 276 -41.09 -18.25 11.93
C THR D 276 -40.31 -17.07 12.48
N VAL D 277 -39.20 -17.38 13.15
CA VAL D 277 -38.34 -16.34 13.73
C VAL D 277 -36.98 -16.44 13.08
N TRP D 278 -36.47 -15.30 12.63
CA TRP D 278 -35.18 -15.23 11.96
C TRP D 278 -34.12 -14.64 12.87
N LEU D 279 -32.90 -15.17 12.76
CA LEU D 279 -31.74 -14.61 13.45
C LEU D 279 -30.70 -14.23 12.40
N SER D 280 -30.43 -12.94 12.27
CA SER D 280 -29.59 -12.44 11.20
C SER D 280 -28.34 -11.71 11.68
N THR D 281 -27.24 -11.93 10.98
CA THR D 281 -25.99 -11.21 11.22
C THR D 281 -25.67 -10.32 10.02
N ALA D 282 -26.69 -9.99 9.25
CA ALA D 282 -26.53 -9.11 8.09
C ALA D 282 -26.10 -7.73 8.57
N PRO D 283 -25.32 -7.01 7.74
CA PRO D 283 -24.85 -5.68 8.13
C PRO D 283 -25.96 -4.63 8.18
N THR D 284 -27.12 -4.96 7.63
CA THR D 284 -28.28 -4.08 7.72
C THR D 284 -28.97 -4.22 9.07
N GLU D 285 -28.63 -5.28 9.80
CA GLU D 285 -29.28 -5.60 11.06
C GLU D 285 -28.39 -5.27 12.26
N PRO D 286 -28.98 -5.23 13.48
CA PRO D 286 -28.16 -5.01 14.68
C PRO D 286 -27.03 -6.01 14.83
N LEU D 287 -25.92 -5.54 15.37
CA LEU D 287 -24.69 -6.33 15.44
C LEU D 287 -24.79 -7.47 16.45
N THR D 288 -24.07 -8.55 16.17
CA THR D 288 -24.00 -9.71 17.07
C THR D 288 -22.53 -10.04 17.31
N HIS D 289 -22.26 -11.00 18.18
CA HIS D 289 -20.89 -11.39 18.48
C HIS D 289 -20.28 -12.16 17.31
N TRP D 290 -21.09 -12.39 16.26
CA TRP D 290 -20.60 -13.00 15.04
C TRP D 290 -20.06 -11.97 14.05
N TYR D 291 -20.54 -10.74 14.15
CA TYR D 291 -20.13 -9.68 13.23
C TYR D 291 -20.37 -10.14 11.78
N GLN D 292 -19.53 -9.67 10.87
CA GLN D 292 -19.54 -10.18 9.50
C GLN D 292 -18.13 -10.63 9.16
N VAL D 293 -18.00 -11.33 8.03
CA VAL D 293 -16.69 -11.82 7.61
C VAL D 293 -16.41 -11.39 6.19
N ARG D 294 -15.19 -10.96 5.94
CA ARG D 294 -14.77 -10.54 4.61
C ARG D 294 -13.49 -11.27 4.19
N CYS D 295 -13.48 -11.73 2.95
CA CYS D 295 -12.30 -12.39 2.38
C CYS D 295 -11.75 -11.53 1.26
N LEU D 296 -10.52 -11.06 1.43
CA LEU D 296 -9.89 -10.21 0.43
C LEU D 296 -9.32 -11.04 -0.71
N PHE D 297 -9.39 -10.48 -1.92
CA PHE D 297 -8.60 -11.00 -3.02
C PHE D 297 -7.18 -10.48 -2.85
N GLN D 298 -6.19 -11.22 -3.33
CA GLN D 298 -4.81 -10.76 -3.27
C GLN D 298 -4.65 -9.56 -4.19
N SER D 299 -5.40 -9.58 -5.28
CA SER D 299 -5.41 -8.46 -6.24
C SER D 299 -6.85 -8.09 -6.60
N PRO D 300 -7.20 -6.80 -6.49
CA PRO D 300 -8.58 -6.39 -6.80
C PRO D 300 -8.98 -6.60 -8.26
N LEU D 301 -10.29 -6.69 -8.50
CA LEU D 301 -10.84 -6.83 -9.84
C LEU D 301 -11.67 -5.60 -10.20
N PHE D 302 -11.44 -5.05 -11.39
CA PHE D 302 -12.25 -3.93 -11.85
C PHE D 302 -13.48 -4.41 -12.61
N ALA D 303 -14.64 -3.87 -12.27
CA ALA D 303 -15.87 -4.21 -12.97
C ALA D 303 -16.77 -2.99 -13.16
N LYS D 304 -17.28 -2.81 -14.37
CA LYS D 304 -18.29 -1.78 -14.64
C LYS D 304 -19.66 -2.24 -14.15
N ALA D 305 -20.56 -1.28 -13.96
CA ALA D 305 -21.94 -1.59 -13.64
C ALA D 305 -22.59 -2.26 -14.85
N GLY D 306 -23.25 -3.39 -14.60
CA GLY D 306 -23.84 -4.19 -15.65
C GLY D 306 -23.06 -5.45 -15.94
N ASP D 307 -21.76 -5.41 -15.69
CA ASP D 307 -20.91 -6.59 -15.85
C ASP D 307 -21.37 -7.67 -14.86
N THR D 308 -20.95 -8.90 -15.11
CA THR D 308 -21.28 -10.01 -14.23
C THR D 308 -20.02 -10.60 -13.62
N LEU D 309 -20.05 -10.81 -12.30
CA LEU D 309 -18.94 -11.43 -11.59
C LEU D 309 -19.32 -12.85 -11.19
N SER D 310 -18.68 -13.81 -11.85
CA SER D 310 -18.98 -15.23 -11.65
C SER D 310 -17.82 -15.95 -11.00
N GLY D 311 -18.12 -17.03 -10.30
CA GLY D 311 -17.08 -17.83 -9.68
C GLY D 311 -17.60 -18.83 -8.68
N THR D 312 -16.70 -19.29 -7.82
CA THR D 312 -17.05 -20.33 -6.86
C THR D 312 -16.40 -20.06 -5.51
N CYS D 313 -17.16 -20.34 -4.45
CA CYS D 313 -16.61 -20.39 -3.11
C CYS D 313 -16.64 -21.86 -2.69
N LEU D 314 -15.46 -22.42 -2.45
CA LEU D 314 -15.37 -23.84 -2.13
C LEU D 314 -14.90 -24.02 -0.69
N LEU D 315 -15.71 -24.72 0.09
CA LEU D 315 -15.40 -24.93 1.49
C LEU D 315 -15.06 -26.39 1.75
N ILE D 316 -13.86 -26.66 2.25
CA ILE D 316 -13.46 -28.02 2.56
C ILE D 316 -13.10 -28.13 4.04
N ALA D 317 -13.83 -28.98 4.75
CA ALA D 317 -13.65 -29.17 6.18
C ALA D 317 -12.28 -29.79 6.45
N ASN D 318 -11.60 -29.33 7.50
CA ASN D 318 -10.32 -29.88 7.89
C ASN D 318 -10.40 -30.49 9.29
N LYS D 319 -9.30 -31.09 9.72
CA LYS D 319 -9.24 -31.84 10.98
C LYS D 319 -9.03 -30.94 12.20
N ARG D 320 -8.92 -29.63 11.96
CA ARG D 320 -8.81 -28.66 13.05
C ARG D 320 -10.16 -28.00 13.35
N GLN D 321 -11.25 -28.71 13.06
CA GLN D 321 -12.60 -28.24 13.37
C GLN D 321 -12.96 -26.94 12.64
N SER D 322 -12.43 -26.75 11.44
CA SER D 322 -12.75 -25.58 10.65
C SER D 322 -12.77 -25.90 9.16
N TYR D 323 -12.68 -24.86 8.33
CA TYR D 323 -12.70 -25.02 6.89
C TYR D 323 -11.56 -24.30 6.20
N ASP D 324 -11.16 -24.86 5.07
CA ASP D 324 -10.26 -24.18 4.16
C ASP D 324 -11.12 -23.60 3.05
N ILE D 325 -11.00 -22.30 2.83
CA ILE D 325 -11.87 -21.61 1.89
C ILE D 325 -11.12 -21.28 0.62
N SER D 326 -11.65 -21.73 -0.50
CA SER D 326 -11.08 -21.39 -1.80
C SER D 326 -12.09 -20.57 -2.60
N ILE D 327 -11.71 -19.35 -2.92
CA ILE D 327 -12.57 -18.46 -3.68
C ILE D 327 -11.91 -18.15 -5.01
N VAL D 328 -12.66 -18.38 -6.08
CA VAL D 328 -12.24 -18.02 -7.42
C VAL D 328 -13.33 -17.15 -8.02
N ALA D 329 -12.94 -16.02 -8.58
CA ALA D 329 -13.89 -15.08 -9.15
C ALA D 329 -13.41 -14.56 -10.49
N GLN D 330 -14.35 -14.28 -11.37
CA GLN D 330 -14.02 -13.82 -12.71
C GLN D 330 -15.04 -12.82 -13.23
N VAL D 331 -14.56 -11.75 -13.85
CA VAL D 331 -15.43 -10.84 -14.56
C VAL D 331 -15.65 -11.47 -15.94
N ASP D 332 -16.89 -11.87 -16.23
CA ASP D 332 -17.16 -12.67 -17.42
C ASP D 332 -16.86 -11.95 -18.73
N GLN D 333 -17.04 -10.63 -18.74
CA GLN D 333 -16.89 -9.85 -19.96
C GLN D 333 -15.42 -9.60 -20.34
N THR D 334 -14.55 -9.52 -19.35
CA THR D 334 -13.15 -9.17 -19.58
C THR D 334 -12.20 -10.34 -19.35
N GLY D 335 -12.65 -11.31 -18.57
CA GLY D 335 -11.81 -12.45 -18.23
C GLY D 335 -10.89 -12.19 -17.06
N SER D 336 -11.01 -11.03 -16.44
CA SER D 336 -10.21 -10.72 -15.26
C SER D 336 -10.58 -11.68 -14.13
N LYS D 337 -9.58 -12.39 -13.64
CA LYS D 337 -9.76 -13.47 -12.68
C LYS D 337 -8.94 -13.20 -11.43
N SER D 338 -9.47 -13.60 -10.27
CA SER D 338 -8.70 -13.50 -9.04
C SER D 338 -9.02 -14.68 -8.14
N SER D 339 -8.05 -15.07 -7.32
CA SER D 339 -8.22 -16.20 -6.43
C SER D 339 -7.77 -15.86 -5.03
N ASN D 340 -8.09 -16.73 -4.09
CA ASN D 340 -7.52 -16.66 -2.76
C ASN D 340 -7.88 -17.91 -1.98
N LEU D 341 -6.98 -18.27 -1.07
CA LEU D 341 -7.16 -19.39 -0.15
C LEU D 341 -7.12 -18.84 1.25
N LEU D 342 -8.14 -19.17 2.04
CA LEU D 342 -8.23 -18.60 3.37
C LEU D 342 -8.36 -19.71 4.40
N ASP D 343 -7.82 -19.44 5.59
CA ASP D 343 -7.92 -20.38 6.71
C ASP D 343 -8.84 -19.80 7.76
N LEU D 344 -10.07 -20.28 7.77
CA LEU D 344 -11.12 -19.73 8.60
C LEU D 344 -10.85 -19.85 10.09
N LYS D 345 -10.01 -20.81 10.47
CA LYS D 345 -9.76 -21.08 11.89
C LYS D 345 -9.04 -19.92 12.58
N ASN D 346 -8.26 -19.15 11.82
CA ASN D 346 -7.42 -18.10 12.38
C ASN D 346 -7.72 -16.74 11.74
N PRO D 347 -8.82 -16.09 12.20
CA PRO D 347 -9.25 -14.81 11.61
C PRO D 347 -8.46 -13.60 12.10
N PHE D 348 -8.70 -12.46 11.46
CA PHE D 348 -8.12 -11.19 11.87
C PHE D 348 -9.24 -10.32 12.45
N PHE D 349 -9.21 -10.15 13.77
CA PHE D 349 -10.24 -9.36 14.46
C PHE D 349 -9.89 -7.88 14.37
N ARG D 350 -10.68 -7.14 13.61
CA ARG D 350 -10.39 -5.74 13.33
C ARG D 350 -11.27 -4.81 14.18
N TYR D 351 -12.32 -5.38 14.74
CA TYR D 351 -13.30 -4.63 15.54
C TYR D 351 -12.70 -3.64 16.54
N THR D 352 -13.37 -2.50 16.67
CA THR D 352 -12.94 -1.43 17.55
C THR D 352 -12.85 -1.91 18.99
O2' 5N5 E . 6.23 3.17 -29.26
C2' 5N5 E . 4.87 3.41 -29.57
C3' 5N5 E . 4.00 3.08 -28.41
O3' 5N5 E . 4.58 2.12 -27.63
C4' 5N5 E . 2.72 2.52 -28.96
C5' 5N5 E . 1.55 3.45 -28.68
N5' 5N5 E . 0.36 2.74 -28.54
O4' 5N5 E . 2.92 2.43 -30.40
C1' 5N5 E . 4.36 2.49 -30.63
N9 5N5 E . 4.81 2.98 -31.92
C8 5N5 E . 4.52 4.19 -32.49
N7 5N5 E . 5.12 4.25 -33.72
C5 5N5 E . 5.82 3.04 -33.93
C4 5N5 E . 5.62 2.26 -32.81
N3 5N5 E . 6.19 1.01 -32.74
C2 5N5 E . 6.95 0.56 -33.77
N1 5N5 E . 7.17 1.29 -34.87
C6 5N5 E . 6.62 2.53 -34.98
N6 5N5 E . 6.86 3.31 -36.14
H1 5N5 E . 6.33 2.34 -28.95
H2 5N5 E . 4.74 4.35 -29.87
H3 5N5 E . 3.82 3.86 -27.87
H4 5N5 E . 4.54 1.35 -28.03
H5 5N5 E . 2.57 1.68 -28.60
H6 5N5 E . 1.46 4.10 -29.41
H7 5N5 E . 1.71 3.92 -27.85
H8 5N5 E . -0.07 3.00 -27.80
H9 5N5 E . 0.55 1.83 -28.47
H11 5N5 E . 4.75 1.58 -30.49
H12 5N5 E . 3.96 4.91 -32.08
H13 5N5 E . 7.34 -0.32 -33.71
H14 5N5 E . 6.46 4.13 -36.24
H15 5N5 E . 7.40 2.99 -36.79
C1 EDO F . -22.08 4.21 -34.59
O1 EDO F . -22.77 4.19 -35.81
C2 EDO F . -21.11 5.39 -34.61
O2 EDO F . -20.86 5.77 -33.28
H11 EDO F . -22.70 4.31 -33.86
H12 EDO F . -21.58 3.38 -34.49
HO1 EDO F . -23.49 3.76 -35.71
H21 EDO F . -21.49 6.13 -35.09
H22 EDO F . -20.27 5.12 -35.03
HO2 EDO F . -21.59 5.77 -32.84
C4 DXE G . 1.79 11.56 -26.62
O2 DXE G . 2.73 12.56 -26.85
C3 DXE G . 4.06 12.12 -26.88
C2 DXE G . 4.98 13.26 -26.43
O1 DXE G . 4.29 14.10 -25.54
C1 DXE G . 5.12 14.94 -24.78
H41 DXE G . 0.91 11.96 -26.52
H42 DXE G . 1.77 10.94 -27.37
H43 DXE G . 2.02 11.08 -25.81
H31 DXE G . 4.30 11.86 -27.78
H32 DXE G . 4.17 11.37 -26.28
H21 DXE G . 5.27 13.77 -27.20
H22 DXE G . 5.76 12.89 -25.98
H11 DXE G . 5.67 15.46 -25.37
H12 DXE G . 5.67 14.40 -24.19
H13 DXE G . 4.56 15.53 -24.25
O2' 5N5 H . 16.71 29.61 -22.93
C2' 5N5 H . 16.91 29.49 -21.54
C3' 5N5 H . 15.83 30.17 -20.80
O3' 5N5 H . 15.39 31.24 -21.49
C4' 5N5 H . 16.44 30.63 -19.52
C5' 5N5 H . 16.12 29.67 -18.39
N5' 5N5 H . 16.22 30.31 -17.16
O4' 5N5 H . 17.88 30.64 -19.73
C1' 5N5 H . 18.14 30.24 -21.11
N9 5N5 H . 19.29 29.37 -21.34
C8 5N5 H . 19.46 28.09 -20.88
N7 5N5 H . 20.66 27.63 -21.29
C5 5N5 H . 21.31 28.65 -22.03
C4 5N5 H . 20.44 29.73 -22.04
N3 5N5 H . 20.81 30.88 -22.70
C2 5N5 H . 22.02 30.95 -23.32
N1 5N5 H . 22.88 29.92 -23.32
C6 5N5 H . 22.55 28.77 -22.69
N6 5N5 H . 23.46 27.68 -22.70
H1 5N5 H . 16.44 30.43 -23.13
H2 5N5 H . 17.00 28.53 -21.28
H3 5N5 H . 15.09 29.57 -20.63
H4 5N5 H . 16.00 31.85 -21.52
H5 5N5 H . 16.13 31.50 -19.32
H6 5N5 H . 16.76 28.91 -18.42
H7 5N5 H . 15.22 29.34 -18.49
H8 5N5 H . 15.51 30.12 -16.67
H9 5N5 H . 16.28 31.22 -17.29
H11 5N5 H . 18.25 31.06 -21.67
H12 5N5 H . 18.79 27.57 -20.34
H13 5N5 H . 22.26 31.77 -23.77
H14 5N5 H . 23.21 26.87 -22.32
H15 5N5 H . 24.29 27.78 -23.07
C1 EDO I . 19.73 32.26 5.50
O1 EDO I . 19.49 33.53 6.02
C2 EDO I . 18.69 31.98 4.41
O2 EDO I . 17.46 32.50 4.83
H11 EDO I . 19.64 31.59 6.20
H12 EDO I . 20.62 32.22 5.12
HO1 EDO I . 20.10 33.73 6.57
H21 EDO I . 18.61 31.02 4.26
H22 EDO I . 18.96 32.41 3.58
HO2 EDO I . 16.90 31.86 4.92
C1 EDO J . 11.63 21.55 -18.42
O1 EDO J . 12.17 22.40 -17.44
C2 EDO J . 12.42 21.74 -19.71
O2 EDO J . 12.12 20.68 -20.58
O2' 5N5 K . 9.84 -22.38 18.01
C2' 5N5 K . 10.25 -21.44 18.99
C3' 5N5 K . 10.31 -20.06 18.43
O3' 5N5 K . 10.62 -20.09 17.11
C4' 5N5 K . 11.41 -19.36 19.15
C5' 5N5 K . 10.86 -18.25 20.02
N5' 5N5 K . 11.87 -17.35 20.36
O4' 5N5 K . 12.06 -20.37 19.96
C1' 5N5 K . 11.66 -21.65 19.42
N9 5N5 K . 11.69 -22.80 20.32
C8 5N5 K . 11.03 -22.94 21.51
N7 5N5 K . 11.34 -24.14 22.05
C5 5N5 K . 12.24 -24.81 21.18
C4 5N5 K . 12.45 -23.96 20.11
N3 5N5 K . 13.29 -24.34 19.09
C2 5N5 K . 13.91 -25.55 19.15
N1 5N5 K . 13.72 -26.40 20.17
C6 5N5 K . 12.90 -26.06 21.19
N6 5N5 K . 12.70 -26.96 22.27
H1 5N5 K . 10.48 -22.46 17.40
H2 5N5 K . 9.64 -21.47 19.78
H3 5N5 K . 9.47 -19.59 18.54
H4 5N5 K . 11.43 -20.40 17.01
H5 5N5 K . 12.03 -19.01 18.52
H6 5N5 K . 10.49 -18.64 20.84
H7 5N5 K . 10.17 -17.77 19.54
H8 5N5 K . 12.08 -17.45 21.22
H9 5N5 K . 11.58 -16.49 20.23
H11 5N5 K . 12.22 -21.87 18.63
H12 5N5 K . 10.40 -22.26 21.92
H13 5N5 K . 14.51 -25.81 18.43
H14 5N5 K . 12.15 -26.71 22.98
H15 5N5 K . 13.11 -27.77 22.27
C1 EDO L . 20.59 -1.93 35.90
O1 EDO L . 20.68 -3.32 35.93
C2 EDO L . 19.65 -1.54 34.75
O2 EDO L . 18.72 -2.57 34.57
H11 EDO L . 20.23 -1.60 36.74
H12 EDO L . 21.47 -1.55 35.74
HO1 EDO L . 20.91 -3.57 36.71
H21 EDO L . 19.19 -0.71 34.98
H22 EDO L . 20.17 -1.41 33.94
HO2 EDO L . 18.10 -2.29 34.07
C4 DXE M . 0.11 -19.95 22.59
O2 DXE M . 1.43 -20.17 23.01
C3 DXE M . 2.34 -19.16 22.66
C2 DXE M . 2.57 -18.23 23.86
O1 DXE M . 3.20 -17.06 23.43
C1 DXE M . 2.92 -15.94 24.23
H41 DXE M . -0.26 -19.18 23.07
H42 DXE M . 0.10 -19.75 21.64
H43 DXE M . -0.42 -20.72 22.77
H31 DXE M . 3.18 -19.56 22.39
H32 DXE M . 1.98 -18.64 21.92
H21 DXE M . 3.13 -18.68 24.51
H22 DXE M . 1.71 -18.01 24.26
H11 DXE M . 3.14 -16.13 25.14
H12 DXE M . 3.45 -15.18 23.92
H13 DXE M . 1.98 -15.72 24.15
O2' 5N5 N . -18.59 -27.21 24.43
C2' 5N5 N . -19.31 -26.70 23.32
C3' 5N5 N . -19.89 -25.37 23.64
O3' 5N5 N . -20.17 -25.29 24.96
C4' 5N5 N . -21.16 -25.30 22.88
C5' 5N5 N . -20.97 -24.60 21.54
N5' 5N5 N . -22.19 -24.25 20.99
O4' 5N5 N . -21.57 -26.66 22.62
C1' 5N5 N . -20.50 -27.56 23.02
N9 5N5 N . -20.11 -28.55 22.02
C8 5N5 N . -19.37 -28.36 20.87
N7 5N5 N . -19.26 -29.55 20.22
C5 5N5 N . -19.94 -30.54 20.96
C4 5N5 N . -20.46 -29.91 22.08
N3 5N5 N . -21.18 -30.65 22.98
C2 5N5 N . -21.38 -31.98 22.78
N1 5N5 N . -20.87 -32.61 21.71
C6 5N5 N . -20.16 -31.93 20.79
N6 5N5 N . -19.63 -32.60 19.66
H1 5N5 N . -19.02 -27.02 25.18
H2 5N5 N . -18.71 -26.66 22.52
H3 5N5 N . -19.30 -24.65 23.38
H4 5N5 N . -20.69 -25.93 25.20
H5 5N5 N . -21.83 -24.86 23.39
H6 5N5 N . -20.49 -25.21 20.93
H7 5N5 N . -20.44 -23.80 21.67
H8 5N5 N . -22.37 -24.78 20.28
H9 5N5 N . -22.16 -23.38 20.70
H11 5N5 N . -20.78 -28.05 23.84
H12 5N5 N . -18.99 -27.49 20.58
H13 5N5 N . -21.89 -32.49 23.43
H14 5N5 N . -19.40 -32.12 18.90
H15 5N5 N . -19.50 -33.50 19.67
C1 EDO O . -12.18 -21.46 18.97
O1 EDO O . -13.53 -21.84 19.00
C2 EDO O . -11.42 -22.32 19.98
O2 EDO O . -10.20 -21.71 20.25
H11 EDO O . -12.09 -20.53 19.23
H12 EDO O . -11.81 -21.60 18.09
HO1 EDO O . -14.01 -21.17 18.78
H21 EDO O . -11.27 -23.21 19.61
H22 EDO O . -11.94 -22.41 20.80
HO2 EDO O . -9.69 -22.26 20.65
C1 EDO P . -34.54 -12.79 6.45
O1 EDO P . -35.87 -13.18 6.21
C2 EDO P . -34.56 -11.46 7.20
O2 EDO P . -33.24 -11.01 7.32
#